data_2KVZ
#
_entry.id   2KVZ
#
_entity_poly.entity_id   1
_entity_poly.type   'polypeptide(L)'
_entity_poly.pdbx_seq_one_letter_code
;MDFGKPNQVTVNYLDENNTSIAPSLYLSGLFNEAYNVPMKKIKGYTLLKYDSEILGVFTESPQTINIIYQKKAPEQALEH
HHHHH
;
_entity_poly.pdbx_strand_id   A
#
# COMPACT_ATOMS: atom_id res chain seq x y z
N MET A 1 1.96 -17.55 24.97
CA MET A 1 1.95 -17.56 23.49
C MET A 1 2.45 -16.24 22.94
N ASP A 2 3.74 -16.18 22.65
CA ASP A 2 4.35 -14.97 22.08
C ASP A 2 5.33 -15.34 20.98
N PHE A 3 5.28 -16.59 20.54
CA PHE A 3 6.15 -17.08 19.49
C PHE A 3 5.40 -17.11 18.16
N GLY A 4 6.09 -16.76 17.08
CA GLY A 4 5.47 -16.77 15.77
C GLY A 4 4.54 -15.60 15.56
N LYS A 5 4.74 -14.55 16.33
CA LYS A 5 3.90 -13.36 16.24
C LYS A 5 4.74 -12.12 15.92
N PRO A 6 4.77 -11.75 14.64
CA PRO A 6 5.50 -10.56 14.18
C PRO A 6 4.72 -9.28 14.39
N ASN A 7 5.43 -8.19 14.65
CA ASN A 7 4.81 -6.89 14.84
C ASN A 7 4.88 -6.08 13.56
N GLN A 8 5.11 -6.77 12.45
CA GLN A 8 5.31 -6.10 11.17
C GLN A 8 3.98 -5.75 10.52
N VAL A 9 3.98 -4.65 9.77
CA VAL A 9 2.81 -4.23 9.04
C VAL A 9 2.93 -4.63 7.58
N THR A 10 1.91 -5.29 7.06
CA THR A 10 1.92 -5.74 5.69
C THR A 10 1.33 -4.66 4.78
N VAL A 11 2.21 -3.97 4.07
CA VAL A 11 1.80 -2.92 3.15
C VAL A 11 1.65 -3.49 1.75
N ASN A 12 0.46 -3.39 1.19
CA ASN A 12 0.19 -3.92 -0.13
C ASN A 12 -0.03 -2.78 -1.12
N TYR A 13 0.74 -2.80 -2.20
CA TYR A 13 0.61 -1.80 -3.25
C TYR A 13 -0.36 -2.29 -4.32
N LEU A 14 -1.63 -1.95 -4.16
CA LEU A 14 -2.67 -2.46 -5.03
C LEU A 14 -2.82 -1.62 -6.28
N ASP A 15 -3.11 -2.29 -7.38
CA ASP A 15 -3.33 -1.62 -8.67
C ASP A 15 -4.75 -1.11 -8.79
N GLU A 16 -5.69 -2.02 -9.01
CA GLU A 16 -7.07 -1.65 -9.26
C GLU A 16 -7.96 -2.88 -9.10
N ASN A 17 -7.50 -3.99 -9.65
CA ASN A 17 -8.23 -5.25 -9.56
C ASN A 17 -7.91 -5.95 -8.24
N ASN A 18 -7.56 -5.16 -7.22
CA ASN A 18 -7.20 -5.66 -5.89
C ASN A 18 -5.95 -6.54 -5.96
N THR A 19 -5.15 -6.34 -7.00
CA THR A 19 -3.92 -7.07 -7.17
C THR A 19 -2.73 -6.18 -6.84
N SER A 20 -1.81 -6.70 -6.04
CA SER A 20 -0.63 -5.95 -5.66
C SER A 20 0.43 -6.05 -6.76
N ILE A 21 0.78 -4.91 -7.33
CA ILE A 21 1.74 -4.87 -8.43
C ILE A 21 3.17 -4.86 -7.90
N ALA A 22 3.30 -4.83 -6.59
CA ALA A 22 4.58 -4.91 -5.93
C ALA A 22 4.51 -5.88 -4.77
N PRO A 23 5.56 -6.69 -4.56
CA PRO A 23 5.62 -7.63 -3.43
C PRO A 23 5.26 -6.95 -2.11
N SER A 24 4.36 -7.58 -1.36
CA SER A 24 3.88 -7.03 -0.09
C SER A 24 5.03 -6.60 0.81
N LEU A 25 5.01 -5.35 1.22
CA LEU A 25 6.10 -4.79 1.99
C LEU A 25 5.87 -5.00 3.48
N TYR A 26 6.78 -5.71 4.12
CA TYR A 26 6.70 -5.93 5.54
C TYR A 26 7.40 -4.80 6.28
N LEU A 27 6.61 -3.83 6.70
CA LEU A 27 7.12 -2.68 7.43
C LEU A 27 7.49 -3.10 8.84
N SER A 28 8.78 -3.14 9.12
CA SER A 28 9.27 -3.59 10.41
C SER A 28 9.99 -2.46 11.11
N GLY A 29 9.36 -1.92 12.13
CA GLY A 29 9.98 -0.86 12.92
C GLY A 29 10.09 -1.27 14.38
N LEU A 30 9.90 -0.32 15.27
CA LEU A 30 9.97 -0.60 16.69
C LEU A 30 8.60 -1.01 17.20
N PHE A 31 8.56 -1.70 18.32
CA PHE A 31 7.30 -2.14 18.88
C PHE A 31 6.58 -0.96 19.55
N ASN A 32 5.29 -0.83 19.27
CA ASN A 32 4.47 0.26 19.83
C ASN A 32 4.92 1.61 19.28
N GLU A 33 5.57 1.58 18.13
CA GLU A 33 6.05 2.79 17.48
C GLU A 33 5.01 3.34 16.51
N ALA A 34 4.82 4.66 16.56
CA ALA A 34 4.02 5.35 15.57
C ALA A 34 4.82 5.54 14.29
N TYR A 35 4.43 4.84 13.24
CA TYR A 35 5.23 4.80 12.02
C TYR A 35 4.66 5.69 10.92
N ASN A 36 5.39 5.76 9.82
CA ASN A 36 4.95 6.44 8.61
C ASN A 36 4.72 5.42 7.52
N VAL A 37 3.83 5.72 6.58
CA VAL A 37 3.53 4.79 5.50
C VAL A 37 4.43 5.02 4.29
N PRO A 38 5.23 4.01 3.91
CA PRO A 38 6.12 4.09 2.76
C PRO A 38 5.34 4.04 1.44
N MET A 39 5.47 5.10 0.66
CA MET A 39 4.74 5.21 -0.59
C MET A 39 5.67 5.39 -1.77
N LYS A 40 5.34 4.75 -2.88
CA LYS A 40 6.15 4.83 -4.10
C LYS A 40 5.24 5.03 -5.30
N LYS A 41 5.62 5.95 -6.17
CA LYS A 41 4.82 6.23 -7.35
C LYS A 41 5.19 5.28 -8.48
N ILE A 42 4.46 4.18 -8.54
CA ILE A 42 4.75 3.12 -9.49
C ILE A 42 4.16 3.43 -10.86
N LYS A 43 5.02 3.51 -11.87
CA LYS A 43 4.61 3.70 -13.27
C LYS A 43 3.75 4.95 -13.45
N GLY A 44 3.93 5.92 -12.57
CA GLY A 44 3.16 7.14 -12.63
C GLY A 44 1.69 6.91 -12.36
N TYR A 45 1.38 6.25 -11.26
CA TYR A 45 0.00 6.09 -10.84
C TYR A 45 -0.36 7.12 -9.79
N THR A 46 -1.64 7.44 -9.70
CA THR A 46 -2.15 8.35 -8.68
C THR A 46 -2.67 7.53 -7.50
N LEU A 47 -2.34 7.94 -6.28
CA LEU A 47 -2.85 7.25 -5.10
C LEU A 47 -4.36 7.31 -5.08
N LEU A 48 -4.99 6.17 -5.36
CA LEU A 48 -6.43 6.09 -5.40
C LEU A 48 -6.99 6.35 -4.01
N LYS A 49 -6.46 5.61 -3.05
CA LYS A 49 -6.94 5.68 -1.67
C LYS A 49 -6.25 4.62 -0.82
N TYR A 50 -6.13 4.90 0.46
CA TYR A 50 -5.74 3.92 1.45
C TYR A 50 -6.77 3.90 2.56
N ASP A 51 -6.73 2.91 3.42
CA ASP A 51 -7.69 2.83 4.52
C ASP A 51 -7.28 3.79 5.64
N SER A 52 -8.26 4.25 6.40
CA SER A 52 -8.02 5.23 7.46
C SER A 52 -7.11 4.67 8.56
N GLU A 53 -7.11 3.35 8.74
CA GLU A 53 -6.30 2.75 9.79
C GLU A 53 -4.85 2.61 9.35
N ILE A 54 -4.07 3.67 9.58
CA ILE A 54 -2.64 3.65 9.32
C ILE A 54 -1.88 4.28 10.49
N LEU A 55 -2.44 5.35 11.04
CA LEU A 55 -1.81 6.06 12.14
C LEU A 55 -2.13 5.37 13.46
N GLY A 56 -1.09 4.83 14.07
CA GLY A 56 -1.23 4.15 15.33
C GLY A 56 0.10 3.67 15.83
N VAL A 57 0.17 2.42 16.25
CA VAL A 57 1.43 1.82 16.69
C VAL A 57 1.58 0.42 16.10
N PHE A 58 2.82 -0.03 15.96
CA PHE A 58 3.07 -1.41 15.57
C PHE A 58 2.44 -2.36 16.57
N THR A 59 1.41 -3.07 16.14
CA THR A 59 0.63 -3.91 17.02
C THR A 59 1.28 -5.27 17.27
N GLU A 60 0.63 -6.08 18.10
CA GLU A 60 1.14 -7.39 18.47
C GLU A 60 0.70 -8.44 17.47
N SER A 61 0.05 -7.98 16.41
CA SER A 61 -0.41 -8.83 15.34
C SER A 61 -0.17 -8.11 14.02
N PRO A 62 0.22 -8.85 12.96
CA PRO A 62 0.49 -8.28 11.64
C PRO A 62 -0.69 -7.46 11.10
N GLN A 63 -0.47 -6.16 10.99
CA GLN A 63 -1.50 -5.25 10.48
C GLN A 63 -1.42 -5.20 8.97
N THR A 64 -2.53 -5.02 8.30
CA THR A 64 -2.56 -5.02 6.85
C THR A 64 -3.05 -3.69 6.30
N ILE A 65 -2.18 -2.99 5.57
CA ILE A 65 -2.55 -1.72 4.97
C ILE A 65 -2.71 -1.86 3.47
N ASN A 66 -3.86 -1.42 2.96
CA ASN A 66 -4.13 -1.47 1.54
C ASN A 66 -3.90 -0.11 0.91
N ILE A 67 -2.80 0.03 0.20
CA ILE A 67 -2.48 1.27 -0.49
C ILE A 67 -2.69 1.08 -1.98
N ILE A 68 -3.70 1.74 -2.54
CA ILE A 68 -4.09 1.50 -3.92
C ILE A 68 -3.66 2.65 -4.82
N TYR A 69 -3.00 2.31 -5.92
CA TYR A 69 -2.57 3.30 -6.89
C TYR A 69 -3.34 3.12 -8.20
N GLN A 70 -4.13 4.12 -8.55
CA GLN A 70 -4.97 4.04 -9.72
C GLN A 70 -4.25 4.59 -10.94
N LYS A 71 -4.46 3.95 -12.07
CA LYS A 71 -3.90 4.39 -13.33
C LYS A 71 -4.46 5.77 -13.68
N LYS A 72 -3.58 6.76 -13.79
CA LYS A 72 -4.00 8.12 -14.09
C LYS A 72 -4.21 8.29 -15.60
N ALA A 73 -4.13 7.19 -16.32
CA ALA A 73 -4.39 7.18 -17.75
C ALA A 73 -5.87 6.93 -18.00
N PRO A 74 -6.52 7.80 -18.78
CA PRO A 74 -7.95 7.70 -19.08
C PRO A 74 -8.34 6.35 -19.69
N GLU A 75 -9.64 6.08 -19.70
CA GLU A 75 -10.16 4.81 -20.20
C GLU A 75 -10.25 4.83 -21.73
N GLN A 76 -9.20 5.32 -22.35
CA GLN A 76 -9.09 5.31 -23.80
C GLN A 76 -8.15 4.18 -24.23
N ALA A 77 -6.98 4.15 -23.62
CA ALA A 77 -6.02 3.08 -23.88
C ALA A 77 -6.20 1.96 -22.85
N LEU A 78 -6.99 2.23 -21.82
CA LEU A 78 -7.27 1.26 -20.78
C LEU A 78 -8.65 0.65 -20.99
N GLU A 79 -8.71 -0.68 -21.08
CA GLU A 79 -9.97 -1.37 -21.29
C GLU A 79 -10.36 -2.20 -20.08
N HIS A 80 -11.57 -1.98 -19.59
CA HIS A 80 -12.12 -2.79 -18.52
C HIS A 80 -13.14 -3.77 -19.10
N HIS A 81 -12.76 -5.04 -19.18
CA HIS A 81 -13.62 -6.04 -19.79
C HIS A 81 -14.51 -6.68 -18.73
N HIS A 82 -15.79 -6.37 -18.80
CA HIS A 82 -16.76 -6.86 -17.83
C HIS A 82 -17.37 -8.17 -18.28
N HIS A 83 -17.23 -9.20 -17.45
CA HIS A 83 -17.84 -10.49 -17.71
C HIS A 83 -18.30 -11.12 -16.40
N HIS A 84 -19.15 -12.14 -16.48
CA HIS A 84 -19.77 -12.71 -15.29
C HIS A 84 -18.82 -13.64 -14.52
N HIS A 85 -17.54 -13.32 -14.57
CA HIS A 85 -16.48 -14.13 -13.95
C HIS A 85 -16.31 -15.43 -14.75
N MET A 1 11.35 -19.79 21.24
CA MET A 1 10.06 -19.10 21.45
C MET A 1 9.07 -19.53 20.36
N ASP A 2 8.24 -20.51 20.67
CA ASP A 2 7.29 -21.03 19.69
C ASP A 2 6.03 -20.18 19.63
N PHE A 3 5.71 -19.55 20.75
CA PHE A 3 4.54 -18.69 20.81
C PHE A 3 4.98 -17.24 20.99
N GLY A 4 4.66 -16.40 20.01
CA GLY A 4 5.07 -15.02 20.08
C GLY A 4 4.19 -14.13 19.23
N LYS A 5 4.24 -12.84 19.52
CA LYS A 5 3.47 -11.86 18.76
C LYS A 5 4.37 -11.21 17.71
N PRO A 6 4.06 -11.43 16.42
CA PRO A 6 4.86 -10.92 15.33
C PRO A 6 4.41 -9.53 14.86
N ASN A 7 5.22 -8.52 15.17
CA ASN A 7 4.94 -7.17 14.72
C ASN A 7 5.39 -7.02 13.27
N GLN A 8 4.51 -7.38 12.36
CA GLN A 8 4.82 -7.38 10.94
C GLN A 8 3.71 -6.70 10.16
N VAL A 9 3.94 -5.45 9.78
CA VAL A 9 2.97 -4.70 9.01
C VAL A 9 3.17 -4.95 7.52
N THR A 10 2.14 -5.50 6.88
CA THR A 10 2.21 -5.85 5.48
C THR A 10 1.70 -4.71 4.61
N VAL A 11 2.60 -3.97 4.01
CA VAL A 11 2.24 -2.86 3.13
C VAL A 11 2.05 -3.36 1.71
N ASN A 12 0.80 -3.40 1.26
CA ASN A 12 0.47 -3.92 -0.05
C ASN A 12 0.24 -2.79 -1.04
N TYR A 13 0.96 -2.82 -2.14
CA TYR A 13 0.76 -1.85 -3.21
C TYR A 13 -0.21 -2.45 -4.24
N LEU A 14 -1.48 -2.16 -4.06
CA LEU A 14 -2.54 -2.85 -4.78
C LEU A 14 -3.07 -2.05 -5.96
N ASP A 15 -3.60 -2.77 -6.93
CA ASP A 15 -4.37 -2.19 -8.02
C ASP A 15 -5.84 -2.09 -7.57
N GLU A 16 -6.74 -1.85 -8.49
CA GLU A 16 -8.14 -1.65 -8.16
C GLU A 16 -8.84 -3.00 -8.00
N ASN A 17 -8.31 -4.00 -8.70
CA ASN A 17 -8.77 -5.37 -8.53
C ASN A 17 -8.09 -5.98 -7.31
N ASN A 18 -7.34 -5.11 -6.63
CA ASN A 18 -6.68 -5.42 -5.37
C ASN A 18 -5.56 -6.42 -5.53
N THR A 19 -4.94 -6.46 -6.70
CA THR A 19 -3.76 -7.28 -6.90
C THR A 19 -2.51 -6.42 -6.75
N SER A 20 -1.57 -6.89 -5.95
CA SER A 20 -0.35 -6.15 -5.68
C SER A 20 0.49 -6.03 -6.96
N ILE A 21 0.61 -4.81 -7.46
CA ILE A 21 1.37 -4.55 -8.68
C ILE A 21 2.84 -4.42 -8.38
N ALA A 22 3.15 -4.15 -7.12
CA ALA A 22 4.52 -4.04 -6.66
C ALA A 22 4.73 -5.00 -5.49
N PRO A 23 5.98 -5.40 -5.20
CA PRO A 23 6.27 -6.30 -4.08
C PRO A 23 5.79 -5.75 -2.75
N SER A 24 5.23 -6.60 -1.93
CA SER A 24 4.72 -6.20 -0.63
C SER A 24 5.86 -5.78 0.29
N LEU A 25 5.68 -4.65 0.94
CA LEU A 25 6.69 -4.11 1.83
C LEU A 25 6.38 -4.50 3.26
N TYR A 26 7.26 -5.27 3.88
CA TYR A 26 7.04 -5.77 5.22
C TYR A 26 7.65 -4.80 6.23
N LEU A 27 6.78 -4.00 6.82
CA LEU A 27 7.19 -2.97 7.77
C LEU A 27 7.22 -3.52 9.19
N SER A 28 8.42 -3.64 9.75
CA SER A 28 8.58 -4.15 11.08
C SER A 28 9.37 -3.15 11.94
N GLY A 29 8.85 -2.87 13.12
CA GLY A 29 9.50 -1.91 14.00
C GLY A 29 9.24 -2.21 15.46
N LEU A 30 9.13 -1.16 16.26
CA LEU A 30 8.91 -1.31 17.69
C LEU A 30 7.42 -1.30 18.01
N PHE A 31 7.03 -1.96 19.09
CA PHE A 31 5.64 -2.01 19.51
C PHE A 31 5.18 -0.63 19.97
N ASN A 32 4.01 -0.22 19.51
CA ASN A 32 3.42 1.08 19.88
C ASN A 32 4.27 2.23 19.34
N GLU A 33 5.04 1.95 18.29
CA GLU A 33 5.83 2.98 17.64
C GLU A 33 5.06 3.57 16.47
N ALA A 34 4.99 4.90 16.41
CA ALA A 34 4.42 5.58 15.27
C ALA A 34 5.27 5.34 14.04
N TYR A 35 4.71 4.66 13.06
CA TYR A 35 5.47 4.26 11.88
C TYR A 35 5.29 5.26 10.75
N ASN A 36 6.18 5.18 9.76
CA ASN A 36 6.11 6.02 8.58
C ASN A 36 6.02 5.16 7.35
N VAL A 37 5.31 5.64 6.33
CA VAL A 37 5.09 4.86 5.13
C VAL A 37 5.74 5.53 3.93
N PRO A 38 6.73 4.86 3.32
CA PRO A 38 7.37 5.33 2.10
C PRO A 38 6.39 5.33 0.93
N MET A 39 6.01 6.51 0.49
CA MET A 39 5.04 6.64 -0.59
C MET A 39 5.70 6.45 -1.94
N LYS A 40 5.70 5.22 -2.42
CA LYS A 40 6.21 4.93 -3.75
C LYS A 40 5.15 5.30 -4.78
N LYS A 41 5.59 5.81 -5.92
CA LYS A 41 4.68 6.13 -7.00
C LYS A 41 4.93 5.22 -8.18
N ILE A 42 3.97 4.35 -8.46
CA ILE A 42 4.08 3.45 -9.59
C ILE A 42 3.91 4.25 -10.87
N LYS A 43 4.70 3.89 -11.87
CA LYS A 43 4.75 4.62 -13.14
C LYS A 43 3.37 4.78 -13.77
N GLY A 44 2.83 5.99 -13.67
CA GLY A 44 1.56 6.29 -14.29
C GLY A 44 0.38 6.03 -13.39
N TYR A 45 0.66 5.75 -12.12
CA TYR A 45 -0.38 5.46 -11.16
C TYR A 45 -0.39 6.49 -10.04
N THR A 46 -1.58 6.87 -9.64
CA THR A 46 -1.77 7.80 -8.55
C THR A 46 -2.43 7.06 -7.38
N LEU A 47 -2.34 7.60 -6.17
CA LEU A 47 -2.98 6.97 -5.03
C LEU A 47 -4.49 7.11 -5.15
N LEU A 48 -5.19 5.99 -5.22
CA LEU A 48 -6.64 6.00 -5.28
C LEU A 48 -7.20 6.43 -3.95
N LYS A 49 -6.78 5.74 -2.90
CA LYS A 49 -7.25 5.99 -1.54
C LYS A 49 -6.57 5.02 -0.59
N TYR A 50 -6.65 5.30 0.69
CA TYR A 50 -6.13 4.39 1.71
C TYR A 50 -7.23 3.50 2.25
N ASP A 51 -7.04 2.20 2.11
CA ASP A 51 -7.97 1.24 2.67
C ASP A 51 -7.62 0.99 4.12
N SER A 52 -6.36 1.27 4.45
CA SER A 52 -5.87 1.15 5.81
C SER A 52 -5.37 2.50 6.30
N GLU A 53 -5.48 2.76 7.59
CA GLU A 53 -5.07 4.03 8.15
C GLU A 53 -3.58 4.03 8.44
N ILE A 54 -2.87 5.00 7.87
CA ILE A 54 -1.42 5.09 8.05
C ILE A 54 -1.10 5.82 9.35
N LEU A 55 -2.06 6.55 9.87
CA LEU A 55 -1.89 7.25 11.13
C LEU A 55 -2.12 6.29 12.29
N GLY A 56 -1.04 5.88 12.93
CA GLY A 56 -1.15 4.97 14.05
C GLY A 56 0.19 4.42 14.46
N VAL A 57 0.16 3.30 15.18
CA VAL A 57 1.38 2.68 15.68
C VAL A 57 1.41 1.20 15.33
N PHE A 58 2.58 0.59 15.49
CA PHE A 58 2.74 -0.85 15.29
C PHE A 58 1.89 -1.62 16.30
N THR A 59 1.08 -2.53 15.79
CA THR A 59 0.17 -3.30 16.62
C THR A 59 0.81 -4.62 17.09
N GLU A 60 0.05 -5.38 17.87
CA GLU A 60 0.51 -6.67 18.37
C GLU A 60 0.34 -7.74 17.30
N SER A 61 -0.71 -7.59 16.52
CA SER A 61 -1.00 -8.51 15.43
C SER A 61 -0.53 -7.91 14.11
N PRO A 62 -0.11 -8.77 13.16
CA PRO A 62 0.32 -8.34 11.83
C PRO A 62 -0.70 -7.44 11.15
N GLN A 63 -0.35 -6.16 11.05
CA GLN A 63 -1.24 -5.18 10.45
C GLN A 63 -1.05 -5.16 8.95
N THR A 64 -2.10 -4.87 8.20
CA THR A 64 -2.02 -4.79 6.76
C THR A 64 -2.36 -3.39 6.28
N ILE A 65 -1.48 -2.81 5.48
CA ILE A 65 -1.73 -1.50 4.89
C ILE A 65 -2.02 -1.66 3.40
N ASN A 66 -3.28 -1.49 3.04
CA ASN A 66 -3.70 -1.61 1.66
C ASN A 66 -3.59 -0.27 0.94
N ILE A 67 -2.53 -0.12 0.17
CA ILE A 67 -2.31 1.07 -0.62
C ILE A 67 -2.75 0.83 -2.04
N ILE A 68 -3.89 1.39 -2.42
CA ILE A 68 -4.48 1.11 -3.71
C ILE A 68 -4.20 2.25 -4.70
N TYR A 69 -3.75 1.88 -5.90
CA TYR A 69 -3.43 2.84 -6.93
C TYR A 69 -4.53 2.97 -7.96
N GLN A 70 -4.55 4.11 -8.65
CA GLN A 70 -5.44 4.33 -9.76
C GLN A 70 -4.63 4.84 -10.95
N LYS A 71 -4.92 4.31 -12.13
CA LYS A 71 -4.19 4.70 -13.32
C LYS A 71 -4.66 6.08 -13.78
N LYS A 72 -3.70 6.94 -14.15
CA LYS A 72 -4.02 8.29 -14.60
C LYS A 72 -4.73 8.26 -15.95
N ALA A 73 -4.38 7.26 -16.76
CA ALA A 73 -4.94 7.11 -18.10
C ALA A 73 -6.42 6.73 -18.02
N PRO A 74 -7.16 6.83 -19.15
CA PRO A 74 -8.59 6.48 -19.21
C PRO A 74 -8.88 5.06 -18.76
N GLU A 75 -10.17 4.76 -18.60
CA GLU A 75 -10.63 3.44 -18.17
C GLU A 75 -10.10 2.35 -19.10
N GLN A 76 -10.27 2.58 -20.39
CA GLN A 76 -9.78 1.67 -21.41
C GLN A 76 -8.46 2.18 -21.94
N ALA A 77 -7.92 1.52 -22.96
CA ALA A 77 -6.71 2.01 -23.62
C ALA A 77 -7.07 3.19 -24.51
N LEU A 78 -8.36 3.36 -24.74
CA LEU A 78 -8.87 4.45 -25.55
C LEU A 78 -9.76 5.36 -24.71
N GLU A 79 -9.65 6.66 -24.93
CA GLU A 79 -10.52 7.62 -24.28
C GLU A 79 -11.92 7.47 -24.88
N HIS A 80 -12.95 7.61 -24.06
CA HIS A 80 -14.32 7.35 -24.49
C HIS A 80 -14.70 8.25 -25.66
N HIS A 81 -14.18 9.47 -25.68
CA HIS A 81 -14.37 10.37 -26.80
C HIS A 81 -13.38 10.02 -27.89
N HIS A 82 -13.84 9.32 -28.91
CA HIS A 82 -12.98 8.95 -30.01
C HIS A 82 -12.82 10.14 -30.95
N HIS A 83 -11.69 10.82 -30.79
CA HIS A 83 -11.42 12.07 -31.51
C HIS A 83 -11.36 11.86 -33.02
N HIS A 84 -12.47 12.21 -33.66
CA HIS A 84 -12.64 12.12 -35.11
C HIS A 84 -14.10 12.44 -35.43
N HIS A 85 -14.94 12.24 -34.45
CA HIS A 85 -16.35 12.59 -34.56
C HIS A 85 -16.60 13.94 -33.91
N MET A 1 2.55 -20.56 8.41
CA MET A 1 1.33 -20.21 7.65
C MET A 1 0.28 -19.62 8.58
N ASP A 2 0.49 -18.37 8.97
CA ASP A 2 -0.43 -17.65 9.86
C ASP A 2 -0.61 -18.36 11.19
N PHE A 3 0.24 -18.02 12.15
CA PHE A 3 0.15 -18.59 13.49
C PHE A 3 0.86 -17.69 14.49
N GLY A 4 2.16 -17.50 14.28
CA GLY A 4 2.93 -16.62 15.15
C GLY A 4 2.57 -15.17 14.93
N LYS A 5 2.84 -14.34 15.94
CA LYS A 5 2.48 -12.93 15.88
C LYS A 5 3.72 -12.05 15.76
N PRO A 6 4.10 -11.69 14.53
CA PRO A 6 5.26 -10.85 14.27
C PRO A 6 4.91 -9.36 14.27
N ASN A 7 5.78 -8.55 14.84
CA ASN A 7 5.59 -7.11 14.85
C ASN A 7 5.96 -6.52 13.49
N GLN A 8 5.07 -6.71 12.52
CA GLN A 8 5.31 -6.28 11.15
C GLN A 8 4.06 -5.65 10.55
N VAL A 9 4.26 -4.53 9.87
CA VAL A 9 3.18 -3.90 9.12
C VAL A 9 3.23 -4.38 7.67
N THR A 10 2.10 -4.82 7.15
CA THR A 10 2.04 -5.36 5.81
C THR A 10 1.57 -4.31 4.82
N VAL A 11 2.50 -3.71 4.09
CA VAL A 11 2.16 -2.69 3.11
C VAL A 11 1.87 -3.34 1.76
N ASN A 12 0.67 -3.11 1.26
CA ASN A 12 0.24 -3.68 -0.01
C ASN A 12 -0.03 -2.58 -1.03
N TYR A 13 0.62 -2.69 -2.18
CA TYR A 13 0.43 -1.73 -3.26
C TYR A 13 -0.57 -2.29 -4.26
N LEU A 14 -1.82 -1.87 -4.17
CA LEU A 14 -2.89 -2.48 -4.94
C LEU A 14 -3.36 -1.57 -6.07
N ASP A 15 -3.97 -2.20 -7.08
CA ASP A 15 -4.60 -1.48 -8.19
C ASP A 15 -6.12 -1.58 -8.05
N GLU A 16 -6.56 -1.90 -6.82
CA GLU A 16 -7.98 -2.09 -6.47
C GLU A 16 -8.49 -3.43 -6.99
N ASN A 17 -7.99 -3.86 -8.14
CA ASN A 17 -8.39 -5.13 -8.75
C ASN A 17 -7.84 -6.33 -7.98
N ASN A 18 -7.46 -6.09 -6.73
CA ASN A 18 -6.89 -7.11 -5.84
C ASN A 18 -5.49 -7.50 -6.27
N THR A 19 -5.02 -6.95 -7.38
CA THR A 19 -3.69 -7.24 -7.87
C THR A 19 -2.68 -6.35 -7.16
N SER A 20 -1.57 -6.95 -6.74
CA SER A 20 -0.53 -6.23 -6.05
C SER A 20 0.60 -5.92 -7.04
N ILE A 21 0.74 -4.65 -7.39
CA ILE A 21 1.72 -4.23 -8.38
C ILE A 21 3.15 -4.37 -7.83
N ALA A 22 3.25 -4.42 -6.51
CA ALA A 22 4.51 -4.62 -5.83
C ALA A 22 4.35 -5.65 -4.74
N PRO A 23 5.42 -6.38 -4.40
CA PRO A 23 5.38 -7.39 -3.33
C PRO A 23 5.00 -6.79 -1.98
N SER A 24 4.44 -7.61 -1.11
CA SER A 24 4.04 -7.18 0.22
C SER A 24 5.26 -6.73 1.01
N LEU A 25 5.29 -5.46 1.37
CA LEU A 25 6.42 -4.90 2.09
C LEU A 25 6.19 -5.04 3.59
N TYR A 26 7.04 -5.83 4.24
CA TYR A 26 6.94 -6.01 5.67
C TYR A 26 7.71 -4.91 6.39
N LEU A 27 6.98 -3.95 6.92
CA LEU A 27 7.60 -2.85 7.63
C LEU A 27 7.84 -3.26 9.08
N SER A 28 9.11 -3.43 9.43
CA SER A 28 9.49 -3.84 10.76
C SER A 28 9.84 -2.64 11.63
N GLY A 29 9.45 -2.70 12.90
CA GLY A 29 9.74 -1.62 13.82
C GLY A 29 9.56 -2.05 15.26
N LEU A 30 9.37 -1.09 16.14
CA LEU A 30 9.16 -1.40 17.55
C LEU A 30 7.68 -1.27 17.90
N PHE A 31 7.26 -1.98 18.94
CA PHE A 31 5.85 -2.00 19.33
C PHE A 31 5.40 -0.59 19.72
N ASN A 32 4.25 -0.18 19.19
CA ASN A 32 3.68 1.15 19.46
C ASN A 32 4.55 2.27 18.92
N GLU A 33 5.46 1.95 18.01
CA GLU A 33 6.33 2.96 17.44
C GLU A 33 5.65 3.68 16.28
N ALA A 34 5.75 5.00 16.26
CA ALA A 34 5.15 5.81 15.22
C ALA A 34 6.02 5.77 13.97
N TYR A 35 5.42 5.39 12.86
CA TYR A 35 6.15 5.25 11.61
C TYR A 35 5.42 5.96 10.47
N ASN A 36 6.15 6.26 9.41
CA ASN A 36 5.57 6.75 8.19
C ASN A 36 5.54 5.64 7.15
N VAL A 37 4.43 5.51 6.45
CA VAL A 37 4.28 4.45 5.47
C VAL A 37 4.89 4.90 4.12
N PRO A 38 5.74 4.06 3.51
CA PRO A 38 6.34 4.36 2.22
C PRO A 38 5.33 4.29 1.10
N MET A 39 4.85 5.45 0.67
CA MET A 39 3.93 5.51 -0.46
C MET A 39 4.72 5.58 -1.75
N LYS A 40 5.23 4.43 -2.17
CA LYS A 40 6.04 4.35 -3.37
C LYS A 40 5.15 4.44 -4.60
N LYS A 41 5.35 5.49 -5.38
CA LYS A 41 4.52 5.74 -6.54
C LYS A 41 5.12 5.06 -7.77
N ILE A 42 4.69 3.83 -8.01
CA ILE A 42 5.19 3.05 -9.13
C ILE A 42 4.46 3.42 -10.42
N LYS A 43 5.23 3.70 -11.46
CA LYS A 43 4.69 4.06 -12.78
C LYS A 43 3.82 5.31 -12.72
N GLY A 44 3.99 6.07 -11.66
CA GLY A 44 3.20 7.27 -11.48
C GLY A 44 1.77 6.99 -11.07
N TYR A 45 1.46 5.75 -10.71
CA TYR A 45 0.13 5.37 -10.23
C TYR A 45 -0.32 6.33 -9.13
N THR A 46 -1.47 6.95 -9.34
CA THR A 46 -1.99 7.93 -8.41
C THR A 46 -2.83 7.26 -7.34
N LEU A 47 -2.52 7.56 -6.08
CA LEU A 47 -3.26 6.99 -4.96
C LEU A 47 -4.73 7.35 -5.05
N LEU A 48 -5.56 6.33 -5.18
CA LEU A 48 -6.99 6.52 -5.20
C LEU A 48 -7.47 6.74 -3.78
N LYS A 49 -7.05 5.85 -2.90
CA LYS A 49 -7.41 5.87 -1.48
C LYS A 49 -7.04 4.55 -0.83
N TYR A 50 -6.60 4.62 0.41
CA TYR A 50 -6.43 3.43 1.22
C TYR A 50 -7.69 3.21 2.05
N ASP A 51 -8.40 2.12 1.77
CA ASP A 51 -9.68 1.84 2.42
C ASP A 51 -9.46 1.59 3.91
N SER A 52 -8.45 0.79 4.23
CA SER A 52 -8.04 0.59 5.60
C SER A 52 -7.05 1.69 5.98
N GLU A 53 -7.50 2.62 6.84
CA GLU A 53 -6.68 3.75 7.23
C GLU A 53 -5.49 3.30 8.06
N ILE A 54 -4.43 4.08 7.98
CA ILE A 54 -3.13 3.67 8.50
C ILE A 54 -2.94 4.17 9.94
N LEU A 55 -2.67 3.26 10.84
CA LEU A 55 -2.35 3.60 12.22
C LEU A 55 -0.85 3.56 12.42
N GLY A 56 -0.28 4.67 12.88
CA GLY A 56 1.16 4.76 13.03
C GLY A 56 1.64 4.12 14.32
N VAL A 57 1.29 2.84 14.52
CA VAL A 57 1.72 2.09 15.67
C VAL A 57 1.89 0.61 15.31
N PHE A 58 3.10 0.09 15.51
CA PHE A 58 3.36 -1.33 15.26
C PHE A 58 2.70 -2.19 16.32
N THR A 59 2.08 -3.29 15.90
CA THR A 59 1.38 -4.17 16.81
C THR A 59 1.72 -5.63 16.53
N GLU A 60 1.22 -6.53 17.37
CA GLU A 60 1.51 -7.96 17.23
C GLU A 60 0.80 -8.54 16.02
N SER A 61 -0.26 -7.88 15.60
CA SER A 61 -1.04 -8.34 14.46
C SER A 61 -0.58 -7.63 13.19
N PRO A 62 -0.23 -8.39 12.15
CA PRO A 62 0.17 -7.83 10.86
C PRO A 62 -0.89 -6.89 10.31
N GLN A 63 -0.57 -5.61 10.25
CA GLN A 63 -1.51 -4.60 9.81
C GLN A 63 -1.47 -4.49 8.29
N THR A 64 -2.56 -4.91 7.66
CA THR A 64 -2.64 -4.88 6.21
C THR A 64 -2.98 -3.48 5.71
N ILE A 65 -1.98 -2.80 5.20
CA ILE A 65 -2.16 -1.47 4.67
C ILE A 65 -2.42 -1.55 3.17
N ASN A 66 -3.68 -1.54 2.81
CA ASN A 66 -4.08 -1.63 1.41
C ASN A 66 -4.00 -0.27 0.73
N ILE A 67 -2.83 0.04 0.20
CA ILE A 67 -2.62 1.28 -0.52
C ILE A 67 -3.05 1.09 -1.97
N ILE A 68 -4.24 1.59 -2.29
CA ILE A 68 -4.81 1.39 -3.60
C ILE A 68 -4.50 2.55 -4.53
N TYR A 69 -3.76 2.26 -5.59
CA TYR A 69 -3.43 3.24 -6.60
C TYR A 69 -4.35 3.10 -7.79
N GLN A 70 -4.36 4.11 -8.63
CA GLN A 70 -5.13 4.10 -9.87
C GLN A 70 -4.20 4.51 -11.01
N LYS A 71 -4.39 3.89 -12.18
CA LYS A 71 -3.55 4.18 -13.33
C LYS A 71 -3.81 5.60 -13.82
N LYS A 72 -2.77 6.26 -14.32
CA LYS A 72 -2.93 7.59 -14.90
C LYS A 72 -3.52 7.48 -16.30
N ALA A 73 -3.63 6.25 -16.77
CA ALA A 73 -4.30 5.96 -18.03
C ALA A 73 -5.80 5.82 -17.79
N PRO A 74 -6.62 6.36 -18.70
CA PRO A 74 -8.08 6.30 -18.57
C PRO A 74 -8.61 4.87 -18.40
N GLU A 75 -9.20 4.61 -17.23
CA GLU A 75 -9.84 3.32 -16.98
C GLU A 75 -11.08 3.19 -17.88
N GLN A 76 -11.42 1.98 -18.24
CA GLN A 76 -12.54 1.73 -19.13
C GLN A 76 -13.86 1.76 -18.35
N ALA A 77 -14.96 1.62 -19.06
CA ALA A 77 -16.26 1.47 -18.42
C ALA A 77 -16.51 0.01 -18.08
N LEU A 78 -16.09 -0.39 -16.89
CA LEU A 78 -16.20 -1.78 -16.47
C LEU A 78 -17.65 -2.18 -16.24
N GLU A 79 -17.97 -3.39 -16.65
CA GLU A 79 -19.28 -3.96 -16.40
C GLU A 79 -19.42 -4.27 -14.91
N HIS A 80 -18.31 -4.67 -14.30
CA HIS A 80 -18.26 -4.83 -12.87
C HIS A 80 -17.83 -3.52 -12.22
N HIS A 81 -18.80 -2.66 -11.92
CA HIS A 81 -18.53 -1.34 -11.37
C HIS A 81 -17.87 -1.47 -10.00
N HIS A 82 -18.45 -2.29 -9.15
CA HIS A 82 -17.82 -2.67 -7.90
C HIS A 82 -17.23 -4.06 -8.05
N HIS A 83 -15.91 -4.14 -7.98
CA HIS A 83 -15.20 -5.39 -8.25
C HIS A 83 -15.60 -6.48 -7.27
N HIS A 84 -16.07 -7.58 -7.81
CA HIS A 84 -16.41 -8.75 -7.02
C HIS A 84 -15.28 -9.77 -7.09
N HIS A 85 -14.89 -10.27 -5.94
CA HIS A 85 -13.85 -11.27 -5.86
C HIS A 85 -14.34 -12.46 -5.06
N MET A 1 10.02 -1.63 29.21
CA MET A 1 10.37 -1.97 27.81
C MET A 1 10.43 -3.48 27.65
N ASP A 2 10.76 -3.93 26.45
CA ASP A 2 10.84 -5.35 26.12
C ASP A 2 9.49 -6.04 26.29
N PHE A 3 8.63 -5.86 25.30
CA PHE A 3 7.29 -6.44 25.34
C PHE A 3 6.81 -6.74 23.93
N GLY A 4 6.21 -7.90 23.74
CA GLY A 4 5.69 -8.26 22.45
C GLY A 4 6.73 -8.92 21.57
N LYS A 5 7.06 -8.27 20.47
CA LYS A 5 8.00 -8.81 19.49
C LYS A 5 8.29 -7.74 18.44
N PRO A 6 9.21 -8.00 17.51
CA PRO A 6 9.35 -7.16 16.32
C PRO A 6 8.10 -7.30 15.44
N ASN A 7 7.22 -6.33 15.55
CA ASN A 7 5.91 -6.42 14.89
C ASN A 7 6.00 -6.06 13.43
N GLN A 8 5.15 -6.67 12.62
CA GLN A 8 5.23 -6.51 11.19
C GLN A 8 3.95 -5.87 10.62
N VAL A 9 4.12 -4.70 10.03
CA VAL A 9 3.05 -4.05 9.31
C VAL A 9 3.26 -4.26 7.81
N THR A 10 2.41 -5.07 7.20
CA THR A 10 2.57 -5.40 5.80
C THR A 10 1.83 -4.40 4.92
N VAL A 11 2.61 -3.63 4.17
CA VAL A 11 2.05 -2.64 3.28
C VAL A 11 1.84 -3.23 1.89
N ASN A 12 0.59 -3.37 1.49
CA ASN A 12 0.26 -3.96 0.21
C ASN A 12 -0.14 -2.88 -0.79
N TYR A 13 0.69 -2.71 -1.80
CA TYR A 13 0.40 -1.77 -2.87
C TYR A 13 -0.55 -2.42 -3.88
N LEU A 14 -1.82 -2.08 -3.78
CA LEU A 14 -2.85 -2.76 -4.55
C LEU A 14 -3.25 -1.97 -5.78
N ASP A 15 -4.21 -2.51 -6.50
CA ASP A 15 -4.68 -1.96 -7.76
C ASP A 15 -6.19 -1.82 -7.70
N GLU A 16 -6.81 -1.30 -8.74
CA GLU A 16 -8.25 -1.26 -8.86
C GLU A 16 -8.79 -2.70 -8.91
N ASN A 17 -8.01 -3.56 -9.53
CA ASN A 17 -8.31 -4.99 -9.59
C ASN A 17 -7.78 -5.66 -8.34
N ASN A 18 -7.25 -4.82 -7.44
CA ASN A 18 -6.72 -5.23 -6.15
C ASN A 18 -5.52 -6.16 -6.29
N THR A 19 -4.92 -6.17 -7.47
CA THR A 19 -3.73 -6.95 -7.71
C THR A 19 -2.51 -6.17 -7.24
N SER A 20 -1.63 -6.83 -6.50
CA SER A 20 -0.43 -6.18 -6.01
C SER A 20 0.48 -5.79 -7.17
N ILE A 21 0.52 -4.49 -7.47
CA ILE A 21 1.34 -3.97 -8.54
C ILE A 21 2.77 -3.80 -8.07
N ALA A 22 2.94 -3.78 -6.76
CA ALA A 22 4.25 -3.74 -6.15
C ALA A 22 4.32 -4.73 -5.01
N PRO A 23 5.46 -5.40 -4.81
CA PRO A 23 5.65 -6.39 -3.75
C PRO A 23 5.33 -5.80 -2.38
N SER A 24 4.65 -6.58 -1.55
CA SER A 24 4.25 -6.13 -0.23
C SER A 24 5.45 -5.73 0.61
N LEU A 25 5.38 -4.53 1.16
CA LEU A 25 6.47 -3.98 1.96
C LEU A 25 6.27 -4.38 3.42
N TYR A 26 7.25 -5.09 3.97
CA TYR A 26 7.15 -5.58 5.32
C TYR A 26 7.75 -4.58 6.30
N LEU A 27 6.90 -3.72 6.82
CA LEU A 27 7.33 -2.71 7.78
C LEU A 27 7.35 -3.32 9.18
N SER A 28 8.36 -4.13 9.45
CA SER A 28 8.52 -4.75 10.73
C SER A 28 9.52 -3.99 11.58
N GLY A 29 9.20 -3.82 12.86
CA GLY A 29 10.07 -3.08 13.74
C GLY A 29 9.67 -3.16 15.19
N LEU A 30 9.60 -2.00 15.84
CA LEU A 30 9.42 -1.91 17.28
C LEU A 30 7.98 -2.21 17.69
N PHE A 31 7.66 -1.85 18.93
CA PHE A 31 6.32 -1.99 19.48
C PHE A 31 5.91 -0.70 20.16
N ASN A 32 4.64 -0.32 20.00
CA ASN A 32 4.09 0.90 20.64
C ASN A 32 4.74 2.15 20.05
N GLU A 33 5.43 2.00 18.93
CA GLU A 33 6.11 3.11 18.28
C GLU A 33 5.30 3.57 17.08
N ALA A 34 5.32 4.88 16.84
CA ALA A 34 4.61 5.47 15.72
C ALA A 34 5.44 5.34 14.45
N TYR A 35 4.93 4.62 13.48
CA TYR A 35 5.67 4.35 12.26
C TYR A 35 5.32 5.35 11.16
N ASN A 36 6.04 5.25 10.05
CA ASN A 36 5.74 6.02 8.87
C ASN A 36 5.95 5.14 7.65
N VAL A 37 5.05 5.25 6.68
CA VAL A 37 5.09 4.36 5.53
C VAL A 37 5.38 5.13 4.23
N PRO A 38 6.32 4.63 3.43
CA PRO A 38 6.57 5.16 2.10
C PRO A 38 5.42 4.85 1.16
N MET A 39 5.01 5.83 0.38
CA MET A 39 3.86 5.67 -0.50
C MET A 39 4.26 5.04 -1.83
N LYS A 40 5.40 5.49 -2.35
CA LYS A 40 5.92 5.02 -3.64
C LYS A 40 4.99 5.40 -4.80
N LYS A 41 5.55 6.02 -5.82
CA LYS A 41 4.78 6.35 -7.00
C LYS A 41 5.33 5.62 -8.20
N ILE A 42 4.53 4.70 -8.72
CA ILE A 42 4.93 3.90 -9.86
C ILE A 42 4.52 4.62 -11.15
N LYS A 43 5.05 4.15 -12.29
CA LYS A 43 4.85 4.79 -13.59
C LYS A 43 3.38 5.09 -13.89
N GLY A 44 2.99 6.35 -13.73
CA GLY A 44 1.67 6.80 -14.14
C GLY A 44 0.56 6.21 -13.30
N TYR A 45 0.79 6.09 -12.01
CA TYR A 45 -0.23 5.59 -11.10
C TYR A 45 -0.72 6.70 -10.17
N THR A 46 -2.02 6.71 -9.94
CA THR A 46 -2.67 7.66 -9.05
C THR A 46 -3.21 6.92 -7.82
N LEU A 47 -3.15 7.57 -6.67
CA LEU A 47 -3.67 6.96 -5.45
C LEU A 47 -5.19 7.01 -5.44
N LEU A 48 -5.81 5.85 -5.47
CA LEU A 48 -7.26 5.77 -5.42
C LEU A 48 -7.71 5.96 -3.98
N LYS A 49 -7.05 5.27 -3.07
CA LYS A 49 -7.39 5.30 -1.65
C LYS A 49 -6.51 4.34 -0.85
N TYR A 50 -5.99 4.80 0.26
CA TYR A 50 -5.35 3.92 1.22
C TYR A 50 -6.42 3.50 2.23
N ASP A 51 -6.90 2.26 2.06
CA ASP A 51 -8.06 1.79 2.81
C ASP A 51 -7.78 1.75 4.31
N SER A 52 -6.63 1.22 4.68
CA SER A 52 -6.20 1.26 6.07
C SER A 52 -5.37 2.51 6.31
N GLU A 53 -5.65 3.22 7.41
CA GLU A 53 -4.95 4.45 7.72
C GLU A 53 -3.47 4.18 7.94
N ILE A 54 -2.64 5.09 7.46
CA ILE A 54 -1.20 4.96 7.57
C ILE A 54 -0.68 5.61 8.84
N LEU A 55 -1.60 6.04 9.69
CA LEU A 55 -1.25 6.70 10.93
C LEU A 55 -1.63 5.82 12.12
N GLY A 56 -0.61 5.26 12.77
CA GLY A 56 -0.85 4.41 13.92
C GLY A 56 0.45 3.99 14.58
N VAL A 57 0.35 3.05 15.51
CA VAL A 57 1.52 2.55 16.21
C VAL A 57 1.66 1.05 16.01
N PHE A 58 2.88 0.55 16.15
CA PHE A 58 3.14 -0.89 16.02
C PHE A 58 2.37 -1.68 17.06
N THR A 59 1.38 -2.44 16.59
CA THR A 59 0.61 -3.31 17.46
C THR A 59 1.06 -4.76 17.24
N GLU A 60 0.77 -5.64 18.20
CA GLU A 60 1.18 -7.04 18.10
C GLU A 60 0.53 -7.69 16.89
N SER A 61 -0.72 -7.32 16.65
CA SER A 61 -1.48 -7.86 15.55
C SER A 61 -0.86 -7.46 14.21
N PRO A 62 -0.68 -8.41 13.28
CA PRO A 62 -0.17 -8.13 11.94
C PRO A 62 -1.07 -7.16 11.19
N GLN A 63 -0.55 -5.99 10.90
CA GLN A 63 -1.33 -4.95 10.25
C GLN A 63 -1.07 -4.97 8.75
N THR A 64 -2.07 -4.58 7.99
CA THR A 64 -1.95 -4.54 6.54
C THR A 64 -2.41 -3.19 6.02
N ILE A 65 -1.48 -2.38 5.55
CA ILE A 65 -1.82 -1.11 4.94
C ILE A 65 -2.03 -1.30 3.46
N ASN A 66 -3.28 -1.50 3.08
CA ASN A 66 -3.64 -1.72 1.69
C ASN A 66 -3.82 -0.39 0.96
N ILE A 67 -2.75 0.03 0.30
CA ILE A 67 -2.74 1.28 -0.45
C ILE A 67 -3.10 0.98 -1.90
N ILE A 68 -4.23 1.51 -2.36
CA ILE A 68 -4.75 1.17 -3.66
C ILE A 68 -4.39 2.23 -4.71
N TYR A 69 -3.68 1.79 -5.75
CA TYR A 69 -3.34 2.67 -6.85
C TYR A 69 -4.07 2.26 -8.12
N GLN A 70 -4.15 3.18 -9.07
CA GLN A 70 -4.73 2.88 -10.37
C GLN A 70 -4.01 3.70 -11.42
N LYS A 71 -4.10 3.28 -12.68
CA LYS A 71 -3.43 3.99 -13.76
C LYS A 71 -4.15 5.29 -14.09
N LYS A 72 -3.41 6.28 -14.55
CA LYS A 72 -3.99 7.57 -14.90
C LYS A 72 -4.69 7.52 -16.26
N ALA A 73 -4.77 6.31 -16.82
CA ALA A 73 -5.41 6.12 -18.12
C ALA A 73 -6.10 4.77 -18.15
N PRO A 74 -7.32 4.71 -18.73
CA PRO A 74 -8.08 3.46 -18.85
C PRO A 74 -7.44 2.47 -19.82
N GLU A 75 -6.42 2.93 -20.53
CA GLU A 75 -5.69 2.08 -21.44
C GLU A 75 -4.71 1.21 -20.64
N GLN A 76 -5.10 -0.03 -20.41
CA GLN A 76 -4.33 -0.93 -19.58
C GLN A 76 -3.31 -1.69 -20.42
N ALA A 77 -2.04 -1.49 -20.10
CA ALA A 77 -0.95 -2.16 -20.82
C ALA A 77 -1.01 -3.67 -20.65
N LEU A 78 -0.32 -4.38 -21.53
CA LEU A 78 -0.40 -5.84 -21.56
C LEU A 78 0.40 -6.46 -20.43
N GLU A 79 1.12 -5.62 -19.68
CA GLU A 79 1.82 -6.05 -18.49
C GLU A 79 0.81 -6.29 -17.36
N HIS A 80 -0.31 -5.58 -17.46
CA HIS A 80 -1.34 -5.61 -16.43
C HIS A 80 -2.58 -6.34 -16.93
N HIS A 81 -2.97 -6.05 -18.17
CA HIS A 81 -4.16 -6.65 -18.75
C HIS A 81 -3.78 -7.61 -19.86
N HIS A 82 -4.09 -8.88 -19.67
CA HIS A 82 -3.77 -9.90 -20.66
C HIS A 82 -4.97 -10.15 -21.58
N HIS A 83 -4.73 -10.88 -22.65
CA HIS A 83 -5.79 -11.30 -23.56
C HIS A 83 -5.86 -12.82 -23.59
N HIS A 84 -4.71 -13.45 -23.40
CA HIS A 84 -4.62 -14.89 -23.35
C HIS A 84 -3.96 -15.34 -22.06
N HIS A 85 -4.10 -16.61 -21.74
CA HIS A 85 -3.57 -17.15 -20.49
C HIS A 85 -2.23 -17.81 -20.75
N MET A 1 6.01 -13.62 2.07
CA MET A 1 6.46 -15.03 2.06
C MET A 1 6.78 -15.50 3.47
N ASP A 2 7.86 -14.95 4.01
CA ASP A 2 8.35 -15.32 5.33
C ASP A 2 7.62 -14.55 6.42
N PHE A 3 7.10 -15.26 7.40
CA PHE A 3 6.41 -14.64 8.52
C PHE A 3 7.40 -14.44 9.66
N GLY A 4 7.71 -13.19 9.96
CA GLY A 4 8.70 -12.90 10.96
C GLY A 4 8.12 -12.84 12.36
N LYS A 5 7.75 -11.63 12.78
CA LYS A 5 7.24 -11.42 14.12
C LYS A 5 5.93 -10.66 14.08
N PRO A 6 5.12 -10.75 15.14
CA PRO A 6 3.78 -10.12 15.18
C PRO A 6 3.82 -8.59 15.02
N ASN A 7 4.99 -8.00 15.15
CA ASN A 7 5.14 -6.54 15.04
C ASN A 7 5.30 -6.11 13.59
N GLN A 8 5.01 -7.03 12.67
CA GLN A 8 5.17 -6.74 11.25
C GLN A 8 3.88 -6.23 10.62
N VAL A 9 3.97 -5.05 10.02
CA VAL A 9 2.89 -4.52 9.22
C VAL A 9 3.18 -4.78 7.75
N THR A 10 2.26 -5.45 7.08
CA THR A 10 2.45 -5.80 5.68
C THR A 10 1.88 -4.69 4.80
N VAL A 11 2.76 -4.05 4.03
CA VAL A 11 2.33 -2.99 3.13
C VAL A 11 2.04 -3.56 1.75
N ASN A 12 0.78 -3.48 1.34
CA ASN A 12 0.36 -4.02 0.06
C ASN A 12 0.09 -2.90 -0.93
N TYR A 13 0.91 -2.82 -1.96
CA TYR A 13 0.67 -1.91 -3.07
C TYR A 13 -0.35 -2.55 -4.01
N LEU A 14 -1.58 -2.06 -3.95
CA LEU A 14 -2.68 -2.73 -4.64
C LEU A 14 -3.18 -1.94 -5.83
N ASP A 15 -3.59 -2.67 -6.84
CA ASP A 15 -4.33 -2.10 -7.96
C ASP A 15 -5.81 -1.97 -7.57
N GLU A 16 -6.59 -1.31 -8.41
CA GLU A 16 -8.01 -1.09 -8.16
C GLU A 16 -8.76 -2.41 -8.32
N ASN A 17 -8.26 -3.25 -9.23
CA ASN A 17 -8.81 -4.57 -9.45
C ASN A 17 -8.16 -5.55 -8.49
N ASN A 18 -7.48 -4.97 -7.51
CA ASN A 18 -6.71 -5.69 -6.51
C ASN A 18 -5.62 -6.55 -7.14
N THR A 19 -4.43 -6.01 -7.18
CA THR A 19 -3.27 -6.72 -7.69
C THR A 19 -2.01 -6.15 -7.04
N SER A 20 -1.08 -7.03 -6.68
CA SER A 20 0.17 -6.59 -6.07
C SER A 20 1.04 -5.94 -7.14
N ILE A 21 0.94 -4.62 -7.26
CA ILE A 21 1.68 -3.89 -8.28
C ILE A 21 3.15 -3.77 -7.90
N ALA A 22 3.42 -3.79 -6.60
CA ALA A 22 4.77 -3.78 -6.08
C ALA A 22 4.90 -4.80 -4.97
N PRO A 23 6.13 -5.30 -4.71
CA PRO A 23 6.39 -6.30 -3.67
C PRO A 23 5.88 -5.86 -2.29
N SER A 24 5.28 -6.80 -1.58
CA SER A 24 4.74 -6.54 -0.25
C SER A 24 5.87 -6.33 0.76
N LEU A 25 5.75 -5.28 1.56
CA LEU A 25 6.79 -4.94 2.52
C LEU A 25 6.52 -5.51 3.88
N TYR A 26 7.56 -5.57 4.69
CA TYR A 26 7.42 -5.91 6.09
C TYR A 26 7.89 -4.76 6.95
N LEU A 27 6.97 -4.04 7.58
CA LEU A 27 7.35 -3.03 8.55
C LEU A 27 7.44 -3.67 9.93
N SER A 28 8.66 -3.92 10.36
CA SER A 28 8.89 -4.54 11.64
C SER A 28 9.63 -3.59 12.58
N GLY A 29 9.03 -3.31 13.72
CA GLY A 29 9.63 -2.41 14.68
C GLY A 29 9.14 -2.64 16.08
N LEU A 30 9.10 -1.58 16.87
CA LEU A 30 8.61 -1.67 18.23
C LEU A 30 7.10 -1.62 18.26
N PHE A 31 6.49 -2.21 19.28
CA PHE A 31 5.04 -2.19 19.43
C PHE A 31 4.53 -0.76 19.47
N ASN A 32 5.17 0.06 20.27
CA ASN A 32 4.80 1.46 20.39
C ASN A 32 5.80 2.31 19.60
N GLU A 33 5.67 2.26 18.29
CA GLU A 33 6.53 3.04 17.42
C GLU A 33 5.71 3.68 16.30
N ALA A 34 5.75 5.00 16.23
CA ALA A 34 5.09 5.71 15.14
C ALA A 34 5.87 5.50 13.85
N TYR A 35 5.28 4.80 12.90
CA TYR A 35 5.97 4.44 11.68
C TYR A 35 5.49 5.28 10.50
N ASN A 36 6.25 5.24 9.42
CA ASN A 36 5.89 5.92 8.19
C ASN A 36 5.73 4.88 7.08
N VAL A 37 4.88 5.17 6.11
CA VAL A 37 4.63 4.23 5.03
C VAL A 37 5.16 4.76 3.70
N PRO A 38 6.08 4.01 3.08
CA PRO A 38 6.60 4.33 1.75
C PRO A 38 5.55 4.11 0.67
N MET A 39 5.20 5.19 -0.04
CA MET A 39 4.12 5.15 -1.01
C MET A 39 4.61 4.72 -2.39
N LYS A 40 5.80 5.21 -2.78
CA LYS A 40 6.36 4.98 -4.11
C LYS A 40 5.52 5.62 -5.20
N LYS A 41 6.06 5.69 -6.40
CA LYS A 41 5.32 6.16 -7.56
C LYS A 41 5.32 5.11 -8.65
N ILE A 42 4.14 4.57 -8.96
CA ILE A 42 4.02 3.59 -10.03
C ILE A 42 3.86 4.34 -11.34
N LYS A 43 4.14 3.67 -12.46
CA LYS A 43 4.11 4.31 -13.77
C LYS A 43 2.69 4.74 -14.16
N GLY A 44 2.34 5.97 -13.81
CA GLY A 44 1.04 6.51 -14.18
C GLY A 44 -0.09 5.93 -13.34
N TYR A 45 0.08 6.00 -12.03
CA TYR A 45 -0.94 5.50 -11.12
C TYR A 45 -1.29 6.57 -10.08
N THR A 46 -2.57 6.84 -9.97
CA THR A 46 -3.08 7.80 -8.99
C THR A 46 -3.46 7.08 -7.71
N LEU A 47 -3.11 7.64 -6.56
CA LEU A 47 -3.58 7.07 -5.31
C LEU A 47 -5.06 7.35 -5.16
N LEU A 48 -5.87 6.32 -5.31
CA LEU A 48 -7.32 6.45 -5.24
C LEU A 48 -7.72 7.08 -3.91
N LYS A 49 -7.21 6.48 -2.83
CA LYS A 49 -7.45 6.97 -1.48
C LYS A 49 -6.88 5.97 -0.49
N TYR A 50 -6.57 6.44 0.71
CA TYR A 50 -6.19 5.52 1.79
C TYR A 50 -7.44 5.03 2.49
N ASP A 51 -7.46 3.74 2.79
CA ASP A 51 -8.59 3.14 3.47
C ASP A 51 -8.66 3.62 4.93
N SER A 52 -7.50 3.98 5.45
CA SER A 52 -7.39 4.50 6.80
C SER A 52 -6.08 5.26 6.96
N GLU A 53 -5.90 5.91 8.10
CA GLU A 53 -4.69 6.68 8.36
C GLU A 53 -3.50 5.76 8.62
N ILE A 54 -2.34 6.15 8.11
CA ILE A 54 -1.14 5.34 8.20
C ILE A 54 -0.21 5.86 9.28
N LEU A 55 -0.42 7.11 9.69
CA LEU A 55 0.41 7.71 10.73
C LEU A 55 -0.04 7.24 12.11
N GLY A 56 0.61 6.21 12.61
CA GLY A 56 0.28 5.68 13.91
C GLY A 56 1.36 4.75 14.43
N VAL A 57 1.07 4.03 15.50
CA VAL A 57 2.03 3.09 16.08
C VAL A 57 1.73 1.67 15.64
N PHE A 58 2.71 0.79 15.80
CA PHE A 58 2.56 -0.61 15.45
C PHE A 58 1.61 -1.33 16.40
N THR A 59 1.46 -2.62 16.20
CA THR A 59 0.67 -3.47 17.06
C THR A 59 1.23 -4.88 17.00
N GLU A 60 0.94 -5.70 18.01
CA GLU A 60 1.47 -7.05 18.06
C GLU A 60 0.56 -7.99 17.27
N SER A 61 0.12 -7.51 16.12
CA SER A 61 -0.71 -8.27 15.21
C SER A 61 -0.48 -7.75 13.80
N PRO A 62 -0.07 -8.63 12.87
CA PRO A 62 0.25 -8.25 11.49
C PRO A 62 -0.83 -7.39 10.84
N GLN A 63 -0.54 -6.12 10.66
CA GLN A 63 -1.46 -5.20 10.02
C GLN A 63 -1.28 -5.23 8.51
N THR A 64 -2.24 -4.69 7.80
CA THR A 64 -2.17 -4.64 6.35
C THR A 64 -2.46 -3.24 5.83
N ILE A 65 -1.45 -2.60 5.28
CA ILE A 65 -1.61 -1.27 4.70
C ILE A 65 -1.92 -1.40 3.21
N ASN A 66 -3.18 -1.17 2.87
CA ASN A 66 -3.61 -1.30 1.48
C ASN A 66 -3.49 0.03 0.75
N ILE A 67 -2.41 0.17 0.00
CA ILE A 67 -2.20 1.35 -0.82
C ILE A 67 -2.71 1.09 -2.23
N ILE A 68 -3.91 1.55 -2.52
CA ILE A 68 -4.55 1.23 -3.78
C ILE A 68 -4.28 2.33 -4.82
N TYR A 69 -3.53 1.97 -5.85
CA TYR A 69 -3.24 2.87 -6.94
C TYR A 69 -4.15 2.60 -8.11
N GLN A 70 -4.71 3.67 -8.65
CA GLN A 70 -5.62 3.59 -9.78
C GLN A 70 -4.90 4.02 -11.04
N LYS A 71 -4.99 3.20 -12.08
CA LYS A 71 -4.37 3.51 -13.35
C LYS A 71 -4.98 4.79 -13.94
N LYS A 72 -4.15 5.57 -14.64
CA LYS A 72 -4.60 6.82 -15.24
C LYS A 72 -5.66 6.59 -16.31
N ALA A 73 -5.46 5.54 -17.11
CA ALA A 73 -6.27 5.31 -18.31
C ALA A 73 -6.18 6.52 -19.24
N PRO A 74 -5.06 6.63 -19.97
CA PRO A 74 -4.74 7.84 -20.75
C PRO A 74 -5.43 7.88 -22.12
N GLU A 75 -6.51 7.13 -22.27
CA GLU A 75 -7.25 7.12 -23.52
C GLU A 75 -8.65 6.56 -23.29
N GLN A 76 -9.65 7.34 -23.65
CA GLN A 76 -11.03 6.93 -23.49
C GLN A 76 -11.42 5.93 -24.59
N ALA A 77 -12.54 5.25 -24.40
CA ALA A 77 -12.97 4.22 -25.33
C ALA A 77 -13.68 4.83 -26.54
N LEU A 78 -13.73 6.16 -26.58
CA LEU A 78 -14.34 6.88 -27.69
C LEU A 78 -13.38 6.92 -28.89
N GLU A 79 -12.10 6.73 -28.61
CA GLU A 79 -11.07 6.82 -29.64
C GLU A 79 -10.98 5.53 -30.43
N HIS A 80 -10.97 5.68 -31.76
CA HIS A 80 -10.84 4.55 -32.70
C HIS A 80 -12.13 3.74 -32.77
N HIS A 81 -12.67 3.65 -33.98
CA HIS A 81 -13.95 3.00 -34.20
C HIS A 81 -13.82 1.51 -34.36
N HIS A 82 -14.51 0.77 -33.51
CA HIS A 82 -14.61 -0.67 -33.62
C HIS A 82 -16.07 -1.04 -33.80
N HIS A 83 -16.33 -2.22 -34.33
CA HIS A 83 -17.70 -2.65 -34.59
C HIS A 83 -18.39 -3.05 -33.30
N HIS A 84 -17.59 -3.42 -32.31
CA HIS A 84 -18.11 -3.86 -31.03
C HIS A 84 -17.77 -2.87 -29.93
N HIS A 85 -18.75 -2.54 -29.12
CA HIS A 85 -18.52 -1.70 -27.95
C HIS A 85 -18.66 -2.54 -26.69
N MET A 1 9.97 -17.65 21.75
CA MET A 1 8.85 -16.98 22.46
C MET A 1 7.77 -16.57 21.48
N ASP A 2 6.53 -16.58 21.93
CA ASP A 2 5.41 -16.17 21.11
C ASP A 2 5.13 -14.70 21.31
N PHE A 3 5.10 -14.29 22.57
CA PHE A 3 4.90 -12.90 22.92
C PHE A 3 6.22 -12.14 22.82
N GLY A 4 6.14 -10.81 22.84
CA GLY A 4 7.34 -10.01 22.63
C GLY A 4 7.83 -10.16 21.20
N LYS A 5 6.89 -10.30 20.29
CA LYS A 5 7.20 -10.55 18.90
C LYS A 5 7.12 -9.24 18.10
N PRO A 6 8.12 -8.98 17.25
CA PRO A 6 8.11 -7.82 16.36
C PRO A 6 6.95 -7.89 15.37
N ASN A 7 5.99 -7.01 15.52
CA ASN A 7 4.82 -7.00 14.64
C ASN A 7 5.17 -6.39 13.29
N GLN A 8 4.73 -7.07 12.24
CA GLN A 8 5.11 -6.68 10.88
C GLN A 8 3.99 -5.91 10.20
N VAL A 9 4.24 -4.65 9.90
CA VAL A 9 3.30 -3.83 9.15
C VAL A 9 3.60 -3.96 7.66
N THR A 10 2.74 -4.65 6.95
CA THR A 10 2.97 -4.94 5.54
C THR A 10 2.38 -3.86 4.64
N VAL A 11 3.26 -3.13 3.98
CA VAL A 11 2.84 -2.11 3.03
C VAL A 11 2.66 -2.74 1.66
N ASN A 12 1.41 -2.87 1.23
CA ASN A 12 1.10 -3.56 -0.01
C ASN A 12 0.53 -2.58 -1.02
N TYR A 13 1.09 -2.60 -2.23
CA TYR A 13 0.62 -1.74 -3.30
C TYR A 13 -0.35 -2.51 -4.19
N LEU A 14 -1.62 -2.19 -4.10
CA LEU A 14 -2.67 -3.00 -4.70
C LEU A 14 -3.34 -2.29 -5.87
N ASP A 15 -3.70 -3.09 -6.87
CA ASP A 15 -4.54 -2.63 -7.97
C ASP A 15 -6.00 -2.61 -7.51
N GLU A 16 -6.88 -2.07 -8.34
CA GLU A 16 -8.30 -2.00 -8.05
C GLU A 16 -8.93 -3.38 -8.24
N ASN A 17 -8.28 -4.19 -9.07
CA ASN A 17 -8.64 -5.59 -9.23
C ASN A 17 -8.13 -6.38 -8.03
N ASN A 18 -7.50 -5.61 -7.13
CA ASN A 18 -6.86 -6.12 -5.93
C ASN A 18 -5.75 -7.09 -6.28
N THR A 19 -4.60 -6.53 -6.64
CA THR A 19 -3.44 -7.32 -6.99
C THR A 19 -2.18 -6.51 -6.70
N SER A 20 -1.21 -7.11 -6.04
CA SER A 20 0.03 -6.42 -5.75
C SER A 20 0.81 -6.10 -7.03
N ILE A 21 0.66 -4.87 -7.50
CA ILE A 21 1.30 -4.43 -8.74
C ILE A 21 2.76 -4.10 -8.51
N ALA A 22 3.13 -3.92 -7.26
CA ALA A 22 4.50 -3.64 -6.90
C ALA A 22 4.90 -4.52 -5.72
N PRO A 23 6.19 -4.88 -5.62
CA PRO A 23 6.73 -5.65 -4.49
C PRO A 23 6.34 -5.03 -3.15
N SER A 24 5.58 -5.77 -2.38
CA SER A 24 5.13 -5.31 -1.07
C SER A 24 6.15 -5.64 0.00
N LEU A 25 6.29 -4.76 0.97
CA LEU A 25 7.30 -4.92 2.00
C LEU A 25 6.68 -4.75 3.39
N TYR A 26 7.15 -5.51 4.35
CA TYR A 26 6.62 -5.42 5.70
C TYR A 26 7.67 -4.85 6.66
N LEU A 27 7.23 -3.90 7.46
CA LEU A 27 8.09 -3.29 8.46
C LEU A 27 8.07 -4.11 9.74
N SER A 28 9.22 -4.60 10.12
CA SER A 28 9.34 -5.40 11.33
C SER A 28 9.80 -4.51 12.48
N GLY A 29 8.84 -3.99 13.24
CA GLY A 29 9.17 -3.07 14.31
C GLY A 29 8.75 -3.58 15.65
N LEU A 30 8.85 -2.73 16.66
CA LEU A 30 8.51 -3.11 18.02
C LEU A 30 7.09 -2.69 18.37
N PHE A 31 6.53 -3.27 19.40
CA PHE A 31 5.18 -2.94 19.83
C PHE A 31 5.09 -1.49 20.26
N ASN A 32 4.15 -0.76 19.66
CA ASN A 32 3.99 0.67 19.89
C ASN A 32 5.23 1.43 19.48
N GLU A 33 5.42 1.54 18.17
CA GLU A 33 6.53 2.27 17.60
C GLU A 33 6.04 3.17 16.48
N ALA A 34 6.53 4.41 16.46
CA ALA A 34 6.07 5.39 15.49
C ALA A 34 6.79 5.21 14.16
N TYR A 35 6.09 4.66 13.19
CA TYR A 35 6.67 4.42 11.87
C TYR A 35 6.02 5.33 10.83
N ASN A 36 6.67 5.46 9.69
CA ASN A 36 6.13 6.22 8.58
C ASN A 36 5.89 5.29 7.40
N VAL A 37 4.68 5.33 6.87
CA VAL A 37 4.30 4.45 5.78
C VAL A 37 4.82 5.00 4.44
N PRO A 38 5.73 4.26 3.78
CA PRO A 38 6.29 4.67 2.50
C PRO A 38 5.30 4.56 1.36
N MET A 39 4.70 5.68 0.99
CA MET A 39 3.82 5.71 -0.18
C MET A 39 4.61 6.11 -1.39
N LYS A 40 5.27 5.12 -2.00
CA LYS A 40 6.16 5.36 -3.11
C LYS A 40 5.36 5.45 -4.41
N LYS A 41 5.70 6.44 -5.23
CA LYS A 41 4.97 6.69 -6.46
C LYS A 41 5.36 5.68 -7.53
N ILE A 42 4.48 4.72 -7.76
CA ILE A 42 4.59 3.90 -8.94
C ILE A 42 4.18 4.77 -10.12
N LYS A 43 5.11 5.04 -11.01
CA LYS A 43 4.91 6.03 -12.05
C LYS A 43 3.67 5.75 -12.90
N GLY A 44 2.73 6.68 -12.84
CA GLY A 44 1.54 6.56 -13.66
C GLY A 44 0.37 5.92 -12.93
N TYR A 45 0.39 5.99 -11.61
CA TYR A 45 -0.70 5.47 -10.81
C TYR A 45 -1.23 6.52 -9.83
N THR A 46 -2.55 6.61 -9.75
CA THR A 46 -3.22 7.50 -8.81
C THR A 46 -3.49 6.74 -7.51
N LEU A 47 -3.50 7.41 -6.37
CA LEU A 47 -3.75 6.71 -5.11
C LEU A 47 -5.25 6.49 -4.90
N LEU A 48 -6.03 7.54 -5.13
CA LEU A 48 -7.48 7.50 -4.95
C LEU A 48 -7.84 7.41 -3.48
N LYS A 49 -7.59 6.26 -2.87
CA LYS A 49 -7.88 6.04 -1.46
C LYS A 49 -7.39 4.67 -1.01
N TYR A 50 -6.62 4.65 0.07
CA TYR A 50 -6.15 3.39 0.65
C TYR A 50 -7.21 2.83 1.59
N ASP A 51 -7.07 1.56 1.94
CA ASP A 51 -8.04 0.90 2.82
C ASP A 51 -7.79 1.29 4.27
N SER A 52 -8.85 1.73 4.95
CA SER A 52 -8.77 2.16 6.34
C SER A 52 -7.87 3.40 6.46
N GLU A 53 -7.58 3.81 7.69
CA GLU A 53 -6.66 4.91 7.91
C GLU A 53 -5.35 4.38 8.47
N ILE A 54 -4.24 4.95 8.00
CA ILE A 54 -2.93 4.44 8.35
C ILE A 54 -2.44 5.02 9.66
N LEU A 55 -2.55 4.25 10.74
CA LEU A 55 -2.03 4.64 12.03
C LEU A 55 -0.52 4.40 12.06
N GLY A 56 0.24 5.42 12.41
CA GLY A 56 1.68 5.33 12.37
C GLY A 56 2.29 4.67 13.59
N VAL A 57 1.58 3.68 14.14
CA VAL A 57 2.08 2.95 15.30
C VAL A 57 1.88 1.45 15.12
N PHE A 58 2.88 0.68 15.51
CA PHE A 58 2.78 -0.77 15.51
C PHE A 58 1.82 -1.23 16.62
N THR A 59 0.62 -1.60 16.23
CA THR A 59 -0.40 -2.05 17.17
C THR A 59 -0.19 -3.53 17.51
N GLU A 60 -1.19 -4.16 18.09
CA GLU A 60 -1.11 -5.57 18.46
C GLU A 60 -1.24 -6.45 17.23
N SER A 61 -1.90 -5.92 16.23
CA SER A 61 -2.15 -6.67 15.01
C SER A 61 -1.14 -6.30 13.92
N PRO A 62 -0.61 -7.30 13.20
CA PRO A 62 0.21 -7.05 12.02
C PRO A 62 -0.61 -6.35 10.94
N GLN A 63 -0.37 -5.06 10.78
CA GLN A 63 -1.23 -4.24 9.94
C GLN A 63 -0.84 -4.31 8.49
N THR A 64 -1.74 -4.84 7.67
CA THR A 64 -1.56 -4.82 6.24
C THR A 64 -2.11 -3.51 5.69
N ILE A 65 -1.22 -2.67 5.20
CA ILE A 65 -1.62 -1.38 4.67
C ILE A 65 -1.93 -1.52 3.20
N ASN A 66 -3.20 -1.61 2.89
CA ASN A 66 -3.66 -1.80 1.52
C ASN A 66 -3.65 -0.48 0.78
N ILE A 67 -2.50 -0.15 0.20
CA ILE A 67 -2.35 1.06 -0.59
C ILE A 67 -2.75 0.77 -2.02
N ILE A 68 -3.90 1.27 -2.42
CA ILE A 68 -4.46 0.95 -3.72
C ILE A 68 -4.08 2.03 -4.74
N TYR A 69 -3.76 1.60 -5.94
CA TYR A 69 -3.43 2.54 -7.01
C TYR A 69 -4.38 2.40 -8.18
N GLN A 70 -4.93 3.52 -8.59
CA GLN A 70 -5.84 3.59 -9.72
C GLN A 70 -5.04 3.85 -10.99
N LYS A 71 -5.40 3.15 -12.05
CA LYS A 71 -4.70 3.28 -13.32
C LYS A 71 -4.89 4.69 -13.91
N LYS A 72 -3.81 5.46 -13.97
CA LYS A 72 -3.84 6.75 -14.66
C LYS A 72 -3.93 6.53 -16.16
N ALA A 73 -3.51 5.34 -16.59
CA ALA A 73 -3.68 4.93 -17.96
C ALA A 73 -5.11 4.45 -18.16
N PRO A 74 -5.89 5.20 -18.96
CA PRO A 74 -7.31 4.93 -19.15
C PRO A 74 -7.56 3.64 -19.94
N GLU A 75 -8.71 3.03 -19.71
CA GLU A 75 -9.12 1.83 -20.43
C GLU A 75 -9.15 2.10 -21.94
N GLN A 76 -9.29 3.38 -22.30
CA GLN A 76 -9.26 3.82 -23.69
C GLN A 76 -7.97 3.35 -24.37
N ALA A 77 -6.87 3.38 -23.62
CA ALA A 77 -5.57 2.99 -24.14
C ALA A 77 -5.20 1.59 -23.66
N LEU A 78 -5.76 1.19 -22.54
CA LEU A 78 -5.53 -0.15 -21.99
C LEU A 78 -6.15 -1.21 -22.88
N GLU A 79 -7.32 -0.89 -23.45
CA GLU A 79 -7.99 -1.77 -24.38
C GLU A 79 -7.21 -1.77 -25.70
N HIS A 80 -6.54 -2.90 -25.97
CA HIS A 80 -5.66 -3.02 -27.11
C HIS A 80 -6.43 -2.86 -28.42
N HIS A 81 -7.56 -3.54 -28.53
CA HIS A 81 -8.46 -3.32 -29.65
C HIS A 81 -9.70 -2.63 -29.13
N HIS A 82 -9.74 -1.33 -29.29
CA HIS A 82 -10.82 -0.53 -28.74
C HIS A 82 -12.09 -0.75 -29.55
N HIS A 83 -13.14 -1.17 -28.86
CA HIS A 83 -14.42 -1.46 -29.50
C HIS A 83 -14.97 -0.22 -30.19
N HIS A 84 -14.96 0.89 -29.47
CA HIS A 84 -15.32 2.18 -30.05
C HIS A 84 -14.07 2.86 -30.58
N HIS A 85 -13.75 2.63 -31.83
CA HIS A 85 -12.55 3.19 -32.44
C HIS A 85 -12.62 3.08 -33.95
N MET A 1 3.04 -8.27 31.39
CA MET A 1 3.08 -7.39 30.20
C MET A 1 3.94 -8.02 29.11
N ASP A 2 3.78 -7.55 27.89
CA ASP A 2 4.54 -8.05 26.75
C ASP A 2 5.19 -6.87 26.03
N PHE A 3 6.51 -6.91 25.93
CA PHE A 3 7.26 -5.79 25.37
C PHE A 3 8.64 -6.23 24.88
N GLY A 4 9.28 -5.37 24.11
CA GLY A 4 10.60 -5.67 23.58
C GLY A 4 10.51 -6.53 22.35
N LYS A 5 9.47 -6.31 21.56
CA LYS A 5 9.20 -7.11 20.38
C LYS A 5 8.95 -6.22 19.17
N PRO A 6 9.65 -6.49 18.06
CA PRO A 6 9.44 -5.80 16.81
C PRO A 6 8.40 -6.49 15.93
N ASN A 7 7.22 -5.90 15.84
CA ASN A 7 6.14 -6.46 15.03
C ASN A 7 6.23 -5.95 13.61
N GLN A 8 5.37 -6.45 12.74
CA GLN A 8 5.47 -6.14 11.32
C GLN A 8 4.13 -5.71 10.74
N VAL A 9 4.17 -4.74 9.84
CA VAL A 9 3.00 -4.35 9.08
C VAL A 9 3.28 -4.54 7.59
N THR A 10 2.40 -5.25 6.91
CA THR A 10 2.61 -5.57 5.52
C THR A 10 2.06 -4.49 4.61
N VAL A 11 2.94 -3.83 3.89
CA VAL A 11 2.57 -2.76 2.98
C VAL A 11 2.33 -3.33 1.58
N ASN A 12 1.07 -3.32 1.17
CA ASN A 12 0.68 -3.87 -0.12
C ASN A 12 0.42 -2.74 -1.12
N TYR A 13 1.14 -2.76 -2.24
CA TYR A 13 0.89 -1.80 -3.32
C TYR A 13 -0.11 -2.40 -4.28
N LEU A 14 -1.35 -1.98 -4.19
CA LEU A 14 -2.43 -2.64 -4.91
C LEU A 14 -2.96 -1.79 -6.06
N ASP A 15 -3.46 -2.48 -7.07
CA ASP A 15 -4.20 -1.87 -8.16
C ASP A 15 -5.62 -1.55 -7.66
N GLU A 16 -6.46 -1.01 -8.51
CA GLU A 16 -7.84 -0.71 -8.17
C GLU A 16 -8.64 -2.01 -8.09
N ASN A 17 -8.17 -3.02 -8.81
CA ASN A 17 -8.70 -4.38 -8.68
C ASN A 17 -8.00 -5.05 -7.50
N ASN A 18 -7.21 -4.26 -6.79
CA ASN A 18 -6.54 -4.66 -5.56
C ASN A 18 -5.46 -5.71 -5.80
N THR A 19 -5.05 -5.86 -7.04
CA THR A 19 -3.97 -6.80 -7.38
C THR A 19 -2.62 -6.19 -6.99
N SER A 20 -1.73 -7.00 -6.43
CA SER A 20 -0.41 -6.53 -6.03
C SER A 20 0.42 -6.19 -7.27
N ILE A 21 0.63 -4.90 -7.49
CA ILE A 21 1.36 -4.45 -8.68
C ILE A 21 2.85 -4.38 -8.42
N ALA A 22 3.23 -4.37 -7.15
CA ALA A 22 4.62 -4.31 -6.76
C ALA A 22 4.91 -5.30 -5.64
N PRO A 23 6.17 -5.75 -5.51
CA PRO A 23 6.60 -6.62 -4.42
C PRO A 23 6.35 -5.96 -3.06
N SER A 24 5.37 -6.48 -2.33
CA SER A 24 4.99 -5.92 -1.06
C SER A 24 6.07 -6.12 -0.02
N LEU A 25 6.15 -5.20 0.94
CA LEU A 25 7.18 -5.25 1.96
C LEU A 25 6.55 -5.17 3.34
N TYR A 26 7.30 -5.55 4.36
CA TYR A 26 6.81 -5.54 5.71
C TYR A 26 7.65 -4.60 6.58
N LEU A 27 7.04 -3.52 7.03
CA LEU A 27 7.73 -2.56 7.89
C LEU A 27 7.89 -3.16 9.28
N SER A 28 9.07 -3.04 9.82
CA SER A 28 9.34 -3.56 11.14
C SER A 28 9.44 -2.44 12.15
N GLY A 29 8.62 -2.51 13.19
CA GLY A 29 8.62 -1.49 14.20
C GLY A 29 8.37 -2.07 15.57
N LEU A 30 8.62 -1.28 16.60
CA LEU A 30 8.44 -1.76 17.96
C LEU A 30 6.98 -1.67 18.35
N PHE A 31 6.58 -2.47 19.33
CA PHE A 31 5.21 -2.48 19.81
C PHE A 31 4.81 -1.09 20.31
N ASN A 32 3.69 -0.57 19.81
CA ASN A 32 3.15 0.73 20.21
C ASN A 32 4.05 1.87 19.68
N GLU A 33 4.75 1.59 18.59
CA GLU A 33 5.59 2.59 17.94
C GLU A 33 4.92 3.07 16.64
N ALA A 34 5.00 4.36 16.37
CA ALA A 34 4.39 4.93 15.17
C ALA A 34 5.24 4.60 13.95
N TYR A 35 4.61 4.54 12.77
CA TYR A 35 5.31 4.16 11.56
C TYR A 35 5.02 5.14 10.43
N ASN A 36 5.92 5.18 9.46
CA ASN A 36 5.75 6.02 8.28
C ASN A 36 5.86 5.14 7.03
N VAL A 37 4.77 5.04 6.28
CA VAL A 37 4.74 4.16 5.12
C VAL A 37 5.38 4.81 3.89
N PRO A 38 6.26 4.09 3.19
CA PRO A 38 6.85 4.56 1.94
C PRO A 38 5.89 4.38 0.77
N MET A 39 5.40 5.49 0.22
CA MET A 39 4.48 5.46 -0.90
C MET A 39 5.11 6.07 -2.15
N LYS A 40 5.40 5.22 -3.11
CA LYS A 40 5.84 5.67 -4.42
C LYS A 40 4.82 5.28 -5.47
N LYS A 41 4.45 6.22 -6.33
CA LYS A 41 3.49 5.91 -7.38
C LYS A 41 4.17 5.12 -8.48
N ILE A 42 3.60 3.98 -8.81
CA ILE A 42 4.28 3.00 -9.65
C ILE A 42 3.61 2.86 -11.01
N LYS A 43 4.43 2.91 -12.06
CA LYS A 43 4.01 2.58 -13.41
C LYS A 43 2.89 3.50 -13.92
N GLY A 44 2.89 4.73 -13.43
CA GLY A 44 1.91 5.69 -13.88
C GLY A 44 0.55 5.49 -13.24
N TYR A 45 0.56 5.24 -11.94
CA TYR A 45 -0.68 5.13 -11.19
C TYR A 45 -0.93 6.37 -10.36
N THR A 46 -2.08 6.43 -9.70
CA THR A 46 -2.41 7.53 -8.81
C THR A 46 -3.17 7.00 -7.60
N LEU A 47 -2.75 7.40 -6.40
CA LEU A 47 -3.33 6.86 -5.17
C LEU A 47 -4.83 7.13 -5.12
N LEU A 48 -5.59 6.08 -4.87
CA LEU A 48 -7.02 6.21 -4.71
C LEU A 48 -7.31 6.70 -3.29
N LYS A 49 -6.77 5.97 -2.32
CA LYS A 49 -6.94 6.29 -0.91
C LYS A 49 -6.17 5.27 -0.07
N TYR A 50 -5.86 5.64 1.17
CA TYR A 50 -5.29 4.69 2.10
C TYR A 50 -6.39 3.91 2.77
N ASP A 51 -6.17 2.63 2.95
CA ASP A 51 -7.17 1.80 3.60
C ASP A 51 -7.01 1.88 5.11
N SER A 52 -5.81 2.22 5.53
CA SER A 52 -5.49 2.38 6.94
C SER A 52 -4.75 3.68 7.16
N GLU A 53 -5.18 4.45 8.15
CA GLU A 53 -4.50 5.70 8.50
C GLU A 53 -3.11 5.39 9.05
N ILE A 54 -2.11 6.04 8.46
CA ILE A 54 -0.71 5.68 8.71
C ILE A 54 -0.14 6.41 9.91
N LEU A 55 -0.95 7.20 10.57
CA LEU A 55 -0.51 7.97 11.73
C LEU A 55 -0.73 7.15 13.02
N GLY A 56 -0.99 5.87 12.85
CA GLY A 56 -1.20 5.00 13.99
C GLY A 56 0.09 4.33 14.45
N VAL A 57 -0.03 3.47 15.45
CA VAL A 57 1.14 2.78 16.00
C VAL A 57 1.10 1.30 15.66
N PHE A 58 2.24 0.63 15.82
CA PHE A 58 2.35 -0.79 15.56
C PHE A 58 1.51 -1.61 16.52
N THR A 59 0.60 -2.39 15.95
CA THR A 59 -0.25 -3.29 16.70
C THR A 59 0.49 -4.59 17.01
N GLU A 60 -0.17 -5.50 17.73
CA GLU A 60 0.41 -6.81 18.00
C GLU A 60 0.23 -7.72 16.78
N SER A 61 -0.95 -7.67 16.21
CA SER A 61 -1.25 -8.44 15.02
C SER A 61 -0.71 -7.72 13.78
N PRO A 62 -0.23 -8.48 12.78
CA PRO A 62 0.29 -7.91 11.54
C PRO A 62 -0.78 -7.09 10.80
N GLN A 63 -0.64 -5.78 10.84
CA GLN A 63 -1.60 -4.89 10.20
C GLN A 63 -1.22 -4.69 8.74
N THR A 64 -2.21 -4.81 7.87
CA THR A 64 -1.97 -4.70 6.44
C THR A 64 -2.25 -3.29 5.95
N ILE A 65 -1.24 -2.70 5.31
CA ILE A 65 -1.37 -1.37 4.74
C ILE A 65 -1.64 -1.49 3.24
N ASN A 66 -2.86 -1.26 2.85
CA ASN A 66 -3.24 -1.40 1.45
C ASN A 66 -3.13 -0.06 0.74
N ILE A 67 -2.00 0.16 0.09
CA ILE A 67 -1.81 1.35 -0.72
C ILE A 67 -2.42 1.10 -2.09
N ILE A 68 -3.67 1.52 -2.24
CA ILE A 68 -4.42 1.23 -3.44
C ILE A 68 -4.29 2.35 -4.46
N TYR A 69 -3.69 2.03 -5.59
CA TYR A 69 -3.54 2.99 -6.67
C TYR A 69 -4.59 2.75 -7.73
N GLN A 70 -5.18 3.83 -8.20
CA GLN A 70 -6.10 3.78 -9.32
C GLN A 70 -5.32 4.04 -10.59
N LYS A 71 -5.55 3.23 -11.62
CA LYS A 71 -4.89 3.44 -12.89
C LYS A 71 -5.43 4.71 -13.53
N LYS A 72 -4.57 5.71 -13.64
CA LYS A 72 -4.98 6.99 -14.21
C LYS A 72 -5.27 6.84 -15.70
N ALA A 73 -6.27 7.56 -16.15
CA ALA A 73 -6.64 7.57 -17.54
C ALA A 73 -6.01 8.78 -18.23
N PRO A 74 -6.12 8.89 -19.56
CA PRO A 74 -5.68 10.09 -20.28
C PRO A 74 -6.27 11.35 -19.64
N GLU A 75 -7.54 11.25 -19.24
CA GLU A 75 -8.24 12.30 -18.50
C GLU A 75 -8.08 13.67 -19.19
N GLN A 76 -8.88 13.84 -20.23
CA GLN A 76 -8.82 15.03 -21.07
C GLN A 76 -9.67 16.15 -20.48
N ALA A 77 -10.31 15.87 -19.36
CA ALA A 77 -11.15 16.85 -18.70
C ALA A 77 -10.32 17.76 -17.80
N LEU A 78 -10.94 18.85 -17.35
CA LEU A 78 -10.23 19.85 -16.56
C LEU A 78 -10.53 19.70 -15.07
N GLU A 79 -11.24 18.64 -14.71
CA GLU A 79 -11.51 18.36 -13.31
C GLU A 79 -10.30 17.69 -12.67
N HIS A 80 -9.58 16.90 -13.47
CA HIS A 80 -8.27 16.42 -13.09
C HIS A 80 -7.22 17.38 -13.62
N HIS A 81 -6.12 17.53 -12.89
CA HIS A 81 -5.05 18.40 -13.36
C HIS A 81 -3.85 17.59 -13.79
N HIS A 82 -3.76 17.35 -15.09
CA HIS A 82 -2.59 16.70 -15.67
C HIS A 82 -1.60 17.76 -16.13
N HIS A 83 -0.42 17.74 -15.54
CA HIS A 83 0.56 18.78 -15.76
C HIS A 83 1.82 18.22 -16.40
N HIS A 84 2.37 18.95 -17.36
CA HIS A 84 3.62 18.56 -18.01
C HIS A 84 4.81 18.78 -17.10
N HIS A 85 5.97 18.31 -17.52
CA HIS A 85 7.19 18.56 -16.78
C HIS A 85 8.26 19.14 -17.71
N MET A 1 11.05 -18.61 24.66
CA MET A 1 11.17 -17.18 25.04
C MET A 1 10.80 -16.28 23.88
N ASP A 2 9.71 -16.61 23.21
CA ASP A 2 9.23 -15.83 22.06
C ASP A 2 7.89 -15.19 22.39
N PHE A 3 7.68 -13.98 21.91
CA PHE A 3 6.45 -13.23 22.19
C PHE A 3 5.25 -13.86 21.50
N GLY A 4 5.45 -14.26 20.24
CA GLY A 4 4.36 -14.79 19.45
C GLY A 4 3.76 -13.73 18.56
N LYS A 5 4.39 -12.56 18.55
CA LYS A 5 3.93 -11.43 17.75
C LYS A 5 5.08 -10.89 16.92
N PRO A 6 4.91 -10.84 15.59
CA PRO A 6 5.95 -10.35 14.69
C PRO A 6 6.00 -8.83 14.60
N ASN A 7 4.89 -8.16 14.95
CA ASN A 7 4.76 -6.71 14.77
C ASN A 7 4.97 -6.34 13.31
N GLN A 8 4.64 -7.28 12.43
CA GLN A 8 4.87 -7.13 11.01
C GLN A 8 3.78 -6.31 10.35
N VAL A 9 4.12 -5.08 9.98
CA VAL A 9 3.23 -4.26 9.18
C VAL A 9 3.46 -4.55 7.72
N THR A 10 2.41 -4.90 7.01
CA THR A 10 2.53 -5.25 5.60
C THR A 10 1.84 -4.21 4.73
N VAL A 11 2.64 -3.38 4.08
CA VAL A 11 2.11 -2.38 3.18
C VAL A 11 2.02 -2.95 1.78
N ASN A 12 0.80 -3.15 1.32
CA ASN A 12 0.56 -3.75 0.02
C ASN A 12 0.22 -2.68 -1.00
N TYR A 13 0.90 -2.70 -2.13
CA TYR A 13 0.62 -1.79 -3.22
C TYR A 13 -0.39 -2.43 -4.16
N LEU A 14 -1.65 -2.10 -3.96
CA LEU A 14 -2.74 -2.82 -4.61
C LEU A 14 -3.26 -2.10 -5.84
N ASP A 15 -3.55 -2.91 -6.84
CA ASP A 15 -4.25 -2.46 -8.05
C ASP A 15 -5.71 -2.16 -7.72
N GLU A 16 -6.42 -1.59 -8.67
CA GLU A 16 -7.84 -1.31 -8.52
C GLU A 16 -8.61 -2.61 -8.54
N ASN A 17 -8.10 -3.57 -9.32
CA ASN A 17 -8.66 -4.91 -9.37
C ASN A 17 -8.23 -5.69 -8.13
N ASN A 18 -7.41 -5.01 -7.33
CA ASN A 18 -6.83 -5.54 -6.10
C ASN A 18 -5.83 -6.65 -6.39
N THR A 19 -4.59 -6.24 -6.61
CA THR A 19 -3.47 -7.14 -6.83
C THR A 19 -2.19 -6.39 -6.50
N SER A 20 -1.25 -7.03 -5.85
CA SER A 20 -0.02 -6.36 -5.44
C SER A 20 0.87 -6.15 -6.66
N ILE A 21 0.80 -4.95 -7.23
CA ILE A 21 1.55 -4.61 -8.43
C ILE A 21 3.01 -4.32 -8.10
N ALA A 22 3.29 -4.18 -6.82
CA ALA A 22 4.64 -4.01 -6.33
C ALA A 22 4.87 -4.96 -5.17
N PRO A 23 6.14 -5.34 -4.91
CA PRO A 23 6.47 -6.24 -3.80
C PRO A 23 5.93 -5.74 -2.46
N SER A 24 5.30 -6.63 -1.70
CA SER A 24 4.75 -6.30 -0.40
C SER A 24 5.84 -5.74 0.50
N LEU A 25 5.57 -4.57 1.07
CA LEU A 25 6.54 -3.90 1.91
C LEU A 25 6.39 -4.34 3.36
N TYR A 26 7.37 -5.09 3.84
CA TYR A 26 7.34 -5.60 5.20
C TYR A 26 8.02 -4.62 6.14
N LEU A 27 7.23 -3.97 6.96
CA LEU A 27 7.72 -2.98 7.90
C LEU A 27 7.67 -3.53 9.32
N SER A 28 8.83 -3.84 9.88
CA SER A 28 8.90 -4.37 11.23
C SER A 28 9.49 -3.32 12.17
N GLY A 29 8.92 -3.19 13.36
CA GLY A 29 9.39 -2.21 14.30
C GLY A 29 9.03 -2.55 15.73
N LEU A 30 9.01 -1.54 16.59
CA LEU A 30 8.72 -1.74 18.00
C LEU A 30 7.23 -1.57 18.27
N PHE A 31 6.72 -2.27 19.26
CA PHE A 31 5.31 -2.16 19.60
C PHE A 31 5.01 -0.76 20.12
N ASN A 32 3.89 -0.20 19.65
CA ASN A 32 3.46 1.15 20.05
C ASN A 32 4.40 2.21 19.48
N GLU A 33 5.13 1.85 18.44
CA GLU A 33 5.99 2.80 17.74
C GLU A 33 5.24 3.38 16.54
N ALA A 34 5.18 4.70 16.47
CA ALA A 34 4.50 5.37 15.36
C ALA A 34 5.39 5.37 14.14
N TYR A 35 4.93 4.72 13.08
CA TYR A 35 5.74 4.56 11.89
C TYR A 35 5.18 5.37 10.71
N ASN A 36 5.83 5.23 9.57
CA ASN A 36 5.39 5.89 8.35
C ASN A 36 5.27 4.87 7.24
N VAL A 37 4.58 5.25 6.17
CA VAL A 37 4.35 4.35 5.05
C VAL A 37 4.92 4.94 3.77
N PRO A 38 6.11 4.47 3.35
CA PRO A 38 6.73 4.89 2.10
C PRO A 38 6.02 4.30 0.89
N MET A 39 5.19 5.11 0.26
CA MET A 39 4.45 4.68 -0.92
C MET A 39 5.31 4.81 -2.16
N LYS A 40 4.99 4.04 -3.20
CA LYS A 40 5.76 4.05 -4.44
C LYS A 40 4.86 4.48 -5.59
N LYS A 41 5.45 4.76 -6.73
CA LYS A 41 4.68 5.15 -7.90
C LYS A 41 4.98 4.23 -9.07
N ILE A 42 3.93 3.63 -9.62
CA ILE A 42 4.07 2.73 -10.77
C ILE A 42 3.82 3.50 -12.06
N LYS A 43 4.22 2.93 -13.20
CA LYS A 43 4.13 3.61 -14.50
C LYS A 43 2.70 4.08 -14.80
N GLY A 44 2.44 5.36 -14.60
CA GLY A 44 1.13 5.90 -14.93
C GLY A 44 0.08 5.55 -13.89
N TYR A 45 0.52 5.39 -12.65
CA TYR A 45 -0.40 5.09 -11.56
C TYR A 45 -0.47 6.23 -10.56
N THR A 46 -1.68 6.54 -10.16
CA THR A 46 -1.94 7.60 -9.19
C THR A 46 -2.60 7.00 -7.96
N LEU A 47 -2.35 7.55 -6.79
CA LEU A 47 -2.98 7.02 -5.59
C LEU A 47 -4.45 7.37 -5.56
N LEU A 48 -5.29 6.41 -5.21
CA LEU A 48 -6.70 6.66 -5.00
C LEU A 48 -6.88 7.30 -3.64
N LYS A 49 -6.50 6.54 -2.61
CA LYS A 49 -6.53 6.96 -1.21
C LYS A 49 -6.39 5.73 -0.32
N TYR A 50 -6.03 5.95 0.93
CA TYR A 50 -5.98 4.87 1.90
C TYR A 50 -7.00 5.10 3.00
N ASP A 51 -7.65 4.03 3.45
CA ASP A 51 -8.62 4.13 4.53
C ASP A 51 -7.91 4.31 5.86
N SER A 52 -7.03 3.35 6.17
CA SER A 52 -6.30 3.36 7.42
C SER A 52 -5.35 4.56 7.49
N GLU A 53 -5.35 5.24 8.63
CA GLU A 53 -4.44 6.35 8.87
C GLU A 53 -2.99 5.87 8.83
N ILE A 54 -2.21 6.48 7.96
CA ILE A 54 -0.80 6.10 7.76
C ILE A 54 0.00 6.25 9.05
N LEU A 55 -0.31 7.28 9.83
CA LEU A 55 0.35 7.48 11.10
C LEU A 55 -0.27 6.58 12.16
N GLY A 56 0.33 5.41 12.33
CA GLY A 56 -0.14 4.46 13.31
C GLY A 56 1.00 3.80 14.05
N VAL A 57 0.68 2.96 15.02
CA VAL A 57 1.69 2.28 15.80
C VAL A 57 1.75 0.81 15.43
N PHE A 58 2.92 0.19 15.61
CA PHE A 58 3.08 -1.24 15.38
C PHE A 58 2.22 -2.03 16.36
N THR A 59 1.55 -3.04 15.85
CA THR A 59 0.62 -3.82 16.66
C THR A 59 1.08 -5.27 16.79
N GLU A 60 0.51 -5.97 17.78
CA GLU A 60 0.82 -7.37 18.03
C GLU A 60 0.65 -8.20 16.76
N SER A 61 -0.53 -8.07 16.17
CA SER A 61 -0.86 -8.83 14.97
C SER A 61 -0.36 -8.10 13.73
N PRO A 62 -0.06 -8.84 12.65
CA PRO A 62 0.37 -8.26 11.37
C PRO A 62 -0.63 -7.21 10.87
N GLN A 63 -0.19 -5.97 10.82
CA GLN A 63 -1.04 -4.87 10.42
C GLN A 63 -0.94 -4.68 8.91
N THR A 64 -2.06 -4.85 8.23
CA THR A 64 -2.08 -4.79 6.77
C THR A 64 -2.55 -3.42 6.29
N ILE A 65 -1.65 -2.69 5.63
CA ILE A 65 -2.00 -1.40 5.05
C ILE A 65 -2.18 -1.54 3.54
N ASN A 66 -3.41 -1.46 3.10
CA ASN A 66 -3.73 -1.64 1.69
C ASN A 66 -3.70 -0.31 0.96
N ILE A 67 -2.60 -0.08 0.25
CA ILE A 67 -2.42 1.14 -0.52
C ILE A 67 -2.87 0.89 -1.95
N ILE A 68 -4.05 1.41 -2.30
CA ILE A 68 -4.66 1.11 -3.59
C ILE A 68 -4.38 2.23 -4.59
N TYR A 69 -3.85 1.84 -5.74
CA TYR A 69 -3.52 2.78 -6.78
C TYR A 69 -4.52 2.71 -7.93
N GLN A 70 -4.77 3.86 -8.53
CA GLN A 70 -5.63 3.94 -9.69
C GLN A 70 -4.79 4.25 -10.91
N LYS A 71 -5.29 3.90 -12.08
CA LYS A 71 -4.54 4.07 -13.31
C LYS A 71 -4.90 5.41 -13.95
N LYS A 72 -3.96 6.00 -14.68
CA LYS A 72 -4.22 7.26 -15.35
C LYS A 72 -4.95 7.02 -16.66
N ALA A 73 -6.06 6.33 -16.57
CA ALA A 73 -6.95 6.09 -17.70
C ALA A 73 -8.41 6.16 -17.23
N PRO A 74 -8.78 5.41 -16.16
CA PRO A 74 -10.06 5.60 -15.49
C PRO A 74 -10.08 6.92 -14.73
N GLU A 75 -10.85 7.87 -15.21
CA GLU A 75 -10.89 9.19 -14.61
C GLU A 75 -11.73 9.17 -13.33
N GLN A 76 -11.15 9.66 -12.26
CA GLN A 76 -11.81 9.66 -10.96
C GLN A 76 -12.85 10.78 -10.92
N ALA A 77 -14.09 10.42 -10.60
CA ALA A 77 -15.17 11.39 -10.56
C ALA A 77 -15.08 12.26 -9.30
N LEU A 78 -14.53 11.70 -8.24
CA LEU A 78 -14.44 12.42 -6.97
C LEU A 78 -13.09 13.12 -6.86
N GLU A 79 -13.08 14.39 -7.23
CA GLU A 79 -11.89 15.22 -7.12
C GLU A 79 -11.48 15.33 -5.65
N HIS A 80 -10.20 15.06 -5.35
CA HIS A 80 -9.71 15.02 -3.98
C HIS A 80 -9.89 16.36 -3.27
N HIS A 81 -10.09 17.39 -4.07
CA HIS A 81 -10.35 18.76 -3.61
C HIS A 81 -9.09 19.46 -3.19
N HIS A 82 -8.32 19.87 -4.18
CA HIS A 82 -7.19 20.75 -3.99
C HIS A 82 -7.64 22.19 -4.23
N HIS A 83 -8.89 22.31 -4.68
CA HIS A 83 -9.50 23.59 -4.96
C HIS A 83 -10.90 23.63 -4.37
N HIS A 84 -11.30 24.77 -3.84
CA HIS A 84 -12.66 24.95 -3.36
C HIS A 84 -13.51 25.60 -4.44
N HIS A 85 -12.94 26.64 -5.05
CA HIS A 85 -13.56 27.35 -6.16
C HIS A 85 -12.52 28.25 -6.81
N MET A 1 3.69 -22.31 24.86
CA MET A 1 2.41 -22.36 24.10
C MET A 1 2.49 -21.53 22.83
N ASP A 2 2.59 -20.21 22.99
CA ASP A 2 2.62 -19.31 21.84
C ASP A 2 3.32 -18.00 22.19
N PHE A 3 3.90 -17.36 21.18
CA PHE A 3 4.63 -16.11 21.37
C PHE A 3 3.67 -14.91 21.36
N GLY A 4 2.61 -15.02 20.57
CA GLY A 4 1.67 -13.94 20.46
C GLY A 4 1.48 -13.50 19.01
N LYS A 5 1.78 -12.24 18.73
CA LYS A 5 1.58 -11.69 17.39
C LYS A 5 2.86 -10.97 16.95
N PRO A 6 3.35 -11.25 15.74
CA PRO A 6 4.55 -10.61 15.20
C PRO A 6 4.26 -9.20 14.66
N ASN A 7 4.95 -8.19 15.20
CA ASN A 7 4.69 -6.81 14.82
C ASN A 7 5.30 -6.47 13.45
N GLN A 8 4.66 -6.96 12.40
CA GLN A 8 5.09 -6.68 11.05
C GLN A 8 3.94 -6.07 10.26
N VAL A 9 4.10 -4.84 9.82
CA VAL A 9 3.05 -4.16 9.07
C VAL A 9 3.17 -4.49 7.60
N THR A 10 2.11 -5.07 7.06
CA THR A 10 2.09 -5.54 5.68
C THR A 10 1.60 -4.42 4.76
N VAL A 11 2.53 -3.73 4.13
CA VAL A 11 2.21 -2.67 3.20
C VAL A 11 2.08 -3.23 1.80
N ASN A 12 0.89 -3.14 1.22
CA ASN A 12 0.63 -3.67 -0.11
C ASN A 12 0.11 -2.57 -1.02
N TYR A 13 0.62 -2.53 -2.25
CA TYR A 13 0.20 -1.52 -3.21
C TYR A 13 -0.70 -2.16 -4.26
N LEU A 14 -1.96 -1.74 -4.28
CA LEU A 14 -2.93 -2.33 -5.19
C LEU A 14 -3.11 -1.48 -6.45
N ASP A 15 -3.55 -2.14 -7.51
CA ASP A 15 -3.77 -1.49 -8.81
C ASP A 15 -5.17 -0.91 -8.90
N GLU A 16 -6.13 -1.68 -8.37
CA GLU A 16 -7.55 -1.33 -8.32
C GLU A 16 -8.33 -2.64 -8.23
N ASN A 17 -7.74 -3.67 -8.83
CA ASN A 17 -8.35 -4.99 -8.92
C ASN A 17 -7.78 -5.91 -7.84
N ASN A 18 -7.12 -5.29 -6.86
CA ASN A 18 -6.46 -6.01 -5.76
C ASN A 18 -5.25 -6.76 -6.26
N THR A 19 -4.68 -6.29 -7.36
CA THR A 19 -3.44 -6.83 -7.88
C THR A 19 -2.28 -6.07 -7.27
N SER A 20 -1.45 -6.78 -6.51
CA SER A 20 -0.29 -6.15 -5.89
C SER A 20 0.74 -5.81 -6.95
N ILE A 21 0.73 -4.55 -7.38
CA ILE A 21 1.64 -4.08 -8.42
C ILE A 21 3.07 -4.01 -7.89
N ALA A 22 3.19 -3.95 -6.58
CA ALA A 22 4.49 -3.99 -5.92
C ALA A 22 4.50 -5.12 -4.91
N PRO A 23 5.68 -5.73 -4.67
CA PRO A 23 5.81 -6.83 -3.71
C PRO A 23 5.38 -6.43 -2.30
N SER A 24 4.97 -7.41 -1.51
CA SER A 24 4.52 -7.18 -0.15
C SER A 24 5.64 -6.58 0.70
N LEU A 25 5.45 -5.34 1.12
CA LEU A 25 6.44 -4.64 1.93
C LEU A 25 6.17 -4.89 3.40
N TYR A 26 7.09 -5.58 4.07
CA TYR A 26 6.94 -5.89 5.47
C TYR A 26 7.66 -4.85 6.33
N LEU A 27 6.90 -3.94 6.89
CA LEU A 27 7.43 -2.90 7.75
C LEU A 27 7.52 -3.40 9.18
N SER A 28 8.72 -3.74 9.61
CA SER A 28 8.95 -4.26 10.94
C SER A 28 9.71 -3.25 11.78
N GLY A 29 9.26 -3.03 13.00
CA GLY A 29 9.90 -2.07 13.87
C GLY A 29 9.81 -2.44 15.34
N LEU A 30 9.62 -1.44 16.18
CA LEU A 30 9.54 -1.66 17.62
C LEU A 30 8.10 -1.55 18.09
N PHE A 31 7.73 -2.39 19.05
CA PHE A 31 6.37 -2.40 19.58
C PHE A 31 6.02 -1.06 20.24
N ASN A 32 4.80 -0.59 19.99
CA ASN A 32 4.27 0.63 20.60
C ASN A 32 4.91 1.88 19.98
N GLU A 33 5.76 1.67 18.97
CA GLU A 33 6.47 2.78 18.37
C GLU A 33 5.79 3.17 17.06
N ALA A 34 5.66 4.47 16.84
CA ALA A 34 4.99 4.98 15.66
C ALA A 34 5.83 4.73 14.42
N TYR A 35 5.16 4.56 13.28
CA TYR A 35 5.87 4.32 12.04
C TYR A 35 5.34 5.21 10.93
N ASN A 36 6.09 5.25 9.83
CA ASN A 36 5.71 6.03 8.67
C ASN A 36 5.62 5.11 7.46
N VAL A 37 4.52 5.23 6.72
CA VAL A 37 4.30 4.38 5.55
C VAL A 37 4.66 5.10 4.28
N PRO A 38 5.63 4.57 3.51
CA PRO A 38 6.03 5.15 2.24
C PRO A 38 4.95 5.00 1.18
N MET A 39 4.53 6.11 0.60
CA MET A 39 3.55 6.09 -0.47
C MET A 39 4.24 5.81 -1.78
N LYS A 40 5.30 6.59 -2.05
CA LYS A 40 6.19 6.38 -3.19
C LYS A 40 5.50 6.70 -4.51
N LYS A 41 6.26 7.27 -5.44
CA LYS A 41 5.74 7.53 -6.77
C LYS A 41 5.81 6.28 -7.62
N ILE A 42 4.74 5.53 -7.66
CA ILE A 42 4.67 4.37 -8.54
C ILE A 42 4.51 4.86 -9.97
N LYS A 43 5.18 4.19 -10.90
CA LYS A 43 5.32 4.66 -12.27
C LYS A 43 3.98 4.82 -12.98
N GLY A 44 3.45 6.04 -12.96
CA GLY A 44 2.22 6.34 -13.65
C GLY A 44 0.97 5.89 -12.91
N TYR A 45 1.00 5.99 -11.59
CA TYR A 45 -0.14 5.61 -10.78
C TYR A 45 -0.61 6.76 -9.90
N THR A 46 -1.91 6.98 -9.88
CA THR A 46 -2.53 7.98 -9.02
C THR A 46 -3.16 7.28 -7.82
N LEU A 47 -3.04 7.84 -6.63
CA LEU A 47 -3.67 7.22 -5.47
C LEU A 47 -5.19 7.30 -5.58
N LEU A 48 -5.82 6.15 -5.72
CA LEU A 48 -7.26 6.10 -5.79
C LEU A 48 -7.86 6.40 -4.42
N LYS A 49 -7.37 5.70 -3.40
CA LYS A 49 -7.87 5.82 -2.04
C LYS A 49 -7.18 4.84 -1.11
N TYR A 50 -6.85 5.30 0.08
CA TYR A 50 -6.45 4.41 1.17
C TYR A 50 -7.50 4.51 2.27
N ASP A 51 -7.97 3.36 2.73
CA ASP A 51 -9.14 3.30 3.61
C ASP A 51 -8.92 4.06 4.93
N SER A 52 -7.99 3.57 5.73
CA SER A 52 -7.74 4.16 7.03
C SER A 52 -6.34 4.76 7.10
N GLU A 53 -6.13 5.60 8.12
CA GLU A 53 -4.87 6.32 8.29
C GLU A 53 -3.68 5.37 8.38
N ILE A 54 -2.67 5.65 7.59
CA ILE A 54 -1.44 4.86 7.56
C ILE A 54 -0.53 5.24 8.72
N LEU A 55 -0.86 6.33 9.40
CA LEU A 55 -0.07 6.79 10.52
C LEU A 55 -0.53 6.07 11.79
N GLY A 56 0.36 5.23 12.32
CA GLY A 56 0.03 4.49 13.51
C GLY A 56 1.26 3.98 14.22
N VAL A 57 1.06 3.15 15.23
CA VAL A 57 2.17 2.58 15.99
C VAL A 57 2.23 1.07 15.77
N PHE A 58 3.42 0.50 15.93
CA PHE A 58 3.60 -0.94 15.78
C PHE A 58 2.92 -1.70 16.90
N THR A 59 1.73 -2.21 16.64
CA THR A 59 1.07 -3.11 17.57
C THR A 59 1.54 -4.54 17.29
N GLU A 60 1.11 -5.49 18.10
CA GLU A 60 1.50 -6.87 17.89
C GLU A 60 0.87 -7.41 16.62
N SER A 61 -0.36 -6.96 16.37
CA SER A 61 -1.13 -7.43 15.24
C SER A 61 -0.54 -6.94 13.93
N PRO A 62 -0.16 -7.85 13.03
CA PRO A 62 0.32 -7.50 11.70
C PRO A 62 -0.74 -6.73 10.92
N GLN A 63 -0.54 -5.43 10.78
CA GLN A 63 -1.51 -4.58 10.13
C GLN A 63 -1.31 -4.58 8.62
N THR A 64 -2.35 -4.95 7.89
CA THR A 64 -2.28 -5.00 6.44
C THR A 64 -2.84 -3.72 5.85
N ILE A 65 -1.96 -2.87 5.34
CA ILE A 65 -2.36 -1.63 4.73
C ILE A 65 -2.38 -1.78 3.23
N ASN A 66 -3.56 -2.06 2.69
CA ASN A 66 -3.73 -2.18 1.25
C ASN A 66 -3.94 -0.79 0.64
N ILE A 67 -2.86 -0.19 0.20
CA ILE A 67 -2.91 1.13 -0.41
C ILE A 67 -3.30 0.99 -1.87
N ILE A 68 -4.43 1.58 -2.24
CA ILE A 68 -4.99 1.36 -3.56
C ILE A 68 -4.69 2.54 -4.48
N TYR A 69 -3.88 2.28 -5.49
CA TYR A 69 -3.60 3.25 -6.52
C TYR A 69 -4.51 2.99 -7.71
N GLN A 70 -4.33 3.78 -8.75
CA GLN A 70 -5.03 3.61 -9.98
C GLN A 70 -4.15 4.14 -11.10
N LYS A 71 -3.87 3.32 -12.10
CA LYS A 71 -2.95 3.74 -13.14
C LYS A 71 -3.54 4.88 -13.96
N LYS A 72 -2.72 5.89 -14.22
CA LYS A 72 -3.17 7.10 -14.88
C LYS A 72 -3.53 6.82 -16.34
N ALA A 73 -3.10 5.66 -16.84
CA ALA A 73 -3.31 5.25 -18.23
C ALA A 73 -2.52 6.13 -19.20
N PRO A 74 -1.52 5.55 -19.87
CA PRO A 74 -0.66 6.29 -20.80
C PRO A 74 -1.42 6.78 -22.03
N GLU A 75 -1.75 8.05 -22.03
CA GLU A 75 -2.42 8.67 -23.17
C GLU A 75 -1.39 9.44 -23.98
N GLN A 76 -1.63 9.56 -25.29
CA GLN A 76 -0.70 10.23 -26.18
C GLN A 76 -0.59 11.71 -25.84
N ALA A 77 -1.71 12.30 -25.42
CA ALA A 77 -1.80 13.71 -25.09
C ALA A 77 -1.63 14.57 -26.34
N LEU A 78 -1.62 15.88 -26.16
CA LEU A 78 -1.46 16.80 -27.27
C LEU A 78 -0.13 17.51 -27.19
N GLU A 79 0.87 16.95 -27.85
CA GLU A 79 2.18 17.60 -27.93
C GLU A 79 2.05 18.90 -28.70
N HIS A 80 2.72 19.94 -28.22
CA HIS A 80 2.62 21.26 -28.82
C HIS A 80 3.38 21.32 -30.13
N HIS A 81 4.06 20.22 -30.46
CA HIS A 81 4.79 20.10 -31.70
C HIS A 81 4.19 18.99 -32.56
N HIS A 82 4.00 19.27 -33.83
CA HIS A 82 3.60 18.25 -34.78
C HIS A 82 4.78 17.33 -35.05
N HIS A 83 5.97 17.92 -35.03
CA HIS A 83 7.20 17.17 -35.07
C HIS A 83 8.02 17.49 -33.83
N HIS A 84 8.27 16.45 -33.04
CA HIS A 84 8.85 16.58 -31.70
C HIS A 84 10.16 17.35 -31.69
N HIS A 85 10.98 17.16 -32.74
CA HIS A 85 12.30 17.79 -32.83
C HIS A 85 13.23 17.19 -31.78
N MET A 1 3.04 -18.40 2.50
CA MET A 1 3.50 -19.70 3.05
C MET A 1 3.39 -19.71 4.57
N ASP A 2 4.26 -18.96 5.23
CA ASP A 2 4.29 -18.90 6.69
C ASP A 2 4.11 -17.47 7.18
N PHE A 3 4.12 -17.31 8.49
CA PHE A 3 3.94 -15.99 9.10
C PHE A 3 5.25 -15.50 9.70
N GLY A 4 5.39 -14.19 9.83
CA GLY A 4 6.61 -13.63 10.40
C GLY A 4 6.45 -13.31 11.87
N LYS A 5 6.21 -12.04 12.17
CA LYS A 5 6.03 -11.60 13.55
C LYS A 5 4.73 -10.83 13.71
N PRO A 6 4.18 -10.80 14.95
CA PRO A 6 2.92 -10.10 15.23
C PRO A 6 3.03 -8.59 15.05
N ASN A 7 4.22 -8.04 15.28
CA ASN A 7 4.43 -6.60 15.18
C ASN A 7 4.93 -6.22 13.79
N GLN A 8 4.79 -7.14 12.84
CA GLN A 8 5.22 -6.90 11.48
C GLN A 8 4.09 -6.33 10.65
N VAL A 9 4.27 -5.11 10.18
CA VAL A 9 3.24 -4.44 9.39
C VAL A 9 3.41 -4.79 7.92
N THR A 10 2.31 -5.18 7.30
CA THR A 10 2.34 -5.62 5.91
C THR A 10 1.73 -4.56 5.00
N VAL A 11 2.59 -3.82 4.31
CA VAL A 11 2.13 -2.83 3.36
C VAL A 11 1.93 -3.47 1.99
N ASN A 12 0.72 -3.38 1.47
CA ASN A 12 0.37 -4.05 0.23
C ASN A 12 -0.16 -3.04 -0.78
N TYR A 13 0.53 -2.93 -1.91
CA TYR A 13 0.19 -1.96 -2.94
C TYR A 13 -0.78 -2.57 -3.94
N LEU A 14 -2.02 -2.09 -3.91
CA LEU A 14 -3.10 -2.71 -4.67
C LEU A 14 -3.56 -1.85 -5.84
N ASP A 15 -4.57 -2.36 -6.53
CA ASP A 15 -5.17 -1.74 -7.70
C ASP A 15 -6.69 -1.89 -7.59
N GLU A 16 -7.43 -1.33 -8.54
CA GLU A 16 -8.88 -1.43 -8.55
C GLU A 16 -9.30 -2.87 -8.77
N ASN A 17 -8.51 -3.61 -9.56
CA ASN A 17 -8.74 -5.03 -9.76
C ASN A 17 -8.09 -5.79 -8.60
N ASN A 18 -7.64 -5.03 -7.62
CA ASN A 18 -6.92 -5.54 -6.45
C ASN A 18 -5.65 -6.24 -6.87
N THR A 19 -5.08 -5.76 -7.97
CA THR A 19 -3.83 -6.30 -8.49
C THR A 19 -2.65 -5.82 -7.64
N SER A 20 -1.84 -6.75 -7.17
CA SER A 20 -0.62 -6.38 -6.48
C SER A 20 0.39 -5.83 -7.48
N ILE A 21 0.42 -4.51 -7.60
CA ILE A 21 1.24 -3.85 -8.62
C ILE A 21 2.68 -3.72 -8.18
N ALA A 22 2.91 -3.77 -6.89
CA ALA A 22 4.25 -3.71 -6.33
C ALA A 22 4.40 -4.77 -5.24
N PRO A 23 5.62 -5.31 -5.06
CA PRO A 23 5.90 -6.29 -4.01
C PRO A 23 5.54 -5.75 -2.63
N SER A 24 5.01 -6.63 -1.79
CA SER A 24 4.59 -6.25 -0.46
C SER A 24 5.75 -5.71 0.35
N LEU A 25 5.53 -4.59 1.01
CA LEU A 25 6.56 -3.95 1.81
C LEU A 25 6.34 -4.31 3.28
N TYR A 26 7.20 -5.17 3.80
CA TYR A 26 7.11 -5.56 5.19
C TYR A 26 7.77 -4.51 6.06
N LEU A 27 6.96 -3.81 6.83
CA LEU A 27 7.44 -2.73 7.67
C LEU A 27 7.48 -3.18 9.12
N SER A 28 8.65 -3.61 9.55
CA SER A 28 8.84 -4.02 10.94
C SER A 28 9.56 -2.92 11.71
N GLY A 29 9.23 -2.78 12.98
CA GLY A 29 9.83 -1.77 13.80
C GLY A 29 9.72 -2.10 15.28
N LEU A 30 9.81 -1.07 16.12
CA LEU A 30 9.73 -1.27 17.56
C LEU A 30 8.27 -1.39 17.97
N PHE A 31 7.99 -2.25 18.93
CA PHE A 31 6.64 -2.42 19.43
C PHE A 31 6.16 -1.12 20.09
N ASN A 32 4.93 -0.72 19.79
CA ASN A 32 4.32 0.49 20.34
C ASN A 32 4.94 1.76 19.72
N GLU A 33 5.69 1.57 18.64
CA GLU A 33 6.30 2.69 17.94
C GLU A 33 5.38 3.18 16.82
N ALA A 34 5.33 4.49 16.65
CA ALA A 34 4.55 5.07 15.57
C ALA A 34 5.40 5.11 14.30
N TYR A 35 4.96 4.41 13.28
CA TYR A 35 5.75 4.27 12.07
C TYR A 35 5.27 5.23 10.98
N ASN A 36 6.12 5.42 9.98
CA ASN A 36 5.79 6.22 8.83
C ASN A 36 5.76 5.34 7.59
N VAL A 37 4.68 5.45 6.81
CA VAL A 37 4.55 4.66 5.60
C VAL A 37 5.04 5.45 4.38
N PRO A 38 6.12 5.00 3.75
CA PRO A 38 6.68 5.64 2.57
C PRO A 38 5.83 5.42 1.33
N MET A 39 5.30 6.49 0.77
CA MET A 39 4.50 6.40 -0.43
C MET A 39 5.40 6.43 -1.67
N LYS A 40 5.42 5.32 -2.39
CA LYS A 40 6.26 5.19 -3.57
C LYS A 40 5.51 5.63 -4.81
N LYS A 41 6.21 6.32 -5.70
CA LYS A 41 5.63 6.68 -6.99
C LYS A 41 5.88 5.57 -8.00
N ILE A 42 4.89 4.72 -8.18
CA ILE A 42 4.99 3.67 -9.17
C ILE A 42 4.66 4.27 -10.54
N LYS A 43 5.36 3.82 -11.57
CA LYS A 43 5.27 4.37 -12.92
C LYS A 43 3.81 4.49 -13.39
N GLY A 44 3.29 5.71 -13.37
CA GLY A 44 1.97 5.99 -13.88
C GLY A 44 0.87 5.45 -13.01
N TYR A 45 1.07 5.44 -11.71
CA TYR A 45 0.04 5.06 -10.77
C TYR A 45 -0.31 6.21 -9.85
N THR A 46 -1.58 6.57 -9.84
CA THR A 46 -2.05 7.65 -8.99
C THR A 46 -2.84 7.06 -7.82
N LEU A 47 -2.56 7.52 -6.61
CA LEU A 47 -3.23 6.99 -5.43
C LEU A 47 -4.73 7.24 -5.49
N LEU A 48 -5.50 6.16 -5.38
CA LEU A 48 -6.94 6.27 -5.30
C LEU A 48 -7.32 6.62 -3.87
N LYS A 49 -6.80 5.80 -2.95
CA LYS A 49 -7.09 5.94 -1.53
C LYS A 49 -6.46 4.77 -0.80
N TYR A 50 -6.25 4.91 0.51
CA TYR A 50 -5.82 3.80 1.32
C TYR A 50 -7.04 3.09 1.86
N ASP A 51 -6.96 1.79 1.98
CA ASP A 51 -8.03 1.03 2.59
C ASP A 51 -7.77 0.88 4.08
N SER A 52 -6.51 1.04 4.45
CA SER A 52 -6.12 1.02 5.85
C SER A 52 -5.61 2.39 6.25
N GLU A 53 -6.22 2.99 7.27
CA GLU A 53 -5.80 4.30 7.75
C GLU A 53 -4.40 4.22 8.37
N ILE A 54 -3.53 5.11 7.93
CA ILE A 54 -2.12 5.06 8.28
C ILE A 54 -1.83 5.79 9.60
N LEU A 55 -2.69 5.58 10.57
CA LEU A 55 -2.52 6.19 11.88
C LEU A 55 -2.54 5.13 12.98
N GLY A 56 -1.36 4.73 13.44
CA GLY A 56 -1.29 3.76 14.49
C GLY A 56 0.15 3.38 14.83
N VAL A 57 0.30 2.54 15.83
CA VAL A 57 1.61 2.08 16.27
C VAL A 57 1.73 0.58 16.07
N PHE A 58 2.95 0.06 16.18
CA PHE A 58 3.17 -1.39 16.05
C PHE A 58 2.50 -2.15 17.19
N THR A 59 1.43 -2.86 16.86
CA THR A 59 0.69 -3.65 17.84
C THR A 59 1.07 -5.12 17.74
N GLU A 60 0.38 -5.98 18.50
CA GLU A 60 0.61 -7.41 18.45
C GLU A 60 -0.25 -8.06 17.37
N SER A 61 -0.61 -7.25 16.39
CA SER A 61 -1.45 -7.70 15.29
C SER A 61 -0.87 -7.23 13.96
N PRO A 62 -0.56 -8.16 13.05
CA PRO A 62 -0.01 -7.82 11.73
C PRO A 62 -0.94 -6.89 10.96
N GLN A 63 -0.55 -5.63 10.85
CA GLN A 63 -1.40 -4.63 10.24
C GLN A 63 -1.20 -4.62 8.73
N THR A 64 -2.21 -5.05 8.01
CA THR A 64 -2.15 -5.02 6.55
C THR A 64 -2.63 -3.68 6.02
N ILE A 65 -1.70 -2.88 5.53
CA ILE A 65 -2.03 -1.57 4.98
C ILE A 65 -2.28 -1.69 3.49
N ASN A 66 -3.55 -1.63 3.11
CA ASN A 66 -3.92 -1.70 1.69
C ASN A 66 -3.83 -0.32 1.06
N ILE A 67 -2.79 -0.11 0.28
CA ILE A 67 -2.61 1.15 -0.43
C ILE A 67 -2.98 0.95 -1.89
N ILE A 68 -4.11 1.53 -2.29
CA ILE A 68 -4.64 1.28 -3.62
C ILE A 68 -4.24 2.38 -4.59
N TYR A 69 -3.47 2.03 -5.59
CA TYR A 69 -3.12 2.94 -6.66
C TYR A 69 -3.96 2.66 -7.88
N GLN A 70 -4.42 3.70 -8.54
CA GLN A 70 -5.18 3.56 -9.76
C GLN A 70 -4.26 3.75 -10.94
N LYS A 71 -4.32 2.83 -11.89
CA LYS A 71 -3.50 2.92 -13.08
C LYS A 71 -3.93 4.12 -13.90
N LYS A 72 -3.01 5.07 -14.09
CA LYS A 72 -3.31 6.32 -14.77
C LYS A 72 -3.98 6.09 -16.12
N ALA A 73 -3.47 5.10 -16.86
CA ALA A 73 -3.99 4.78 -18.19
C ALA A 73 -3.79 5.97 -19.13
N PRO A 74 -4.22 5.87 -20.41
CA PRO A 74 -4.22 7.02 -21.30
C PRO A 74 -5.13 8.13 -20.78
N GLU A 75 -4.53 9.14 -20.14
CA GLU A 75 -5.29 10.28 -19.66
C GLU A 75 -5.85 11.05 -20.85
N GLN A 76 -7.17 11.21 -20.85
CA GLN A 76 -7.90 11.73 -22.00
C GLN A 76 -7.77 10.77 -23.18
N ALA A 77 -8.40 9.62 -23.06
CA ALA A 77 -8.40 8.63 -24.11
C ALA A 77 -9.33 9.07 -25.24
N LEU A 78 -9.35 8.32 -26.33
CA LEU A 78 -10.19 8.64 -27.46
C LEU A 78 -11.62 8.15 -27.24
N GLU A 79 -11.96 7.89 -25.98
CA GLU A 79 -13.30 7.45 -25.63
C GLU A 79 -13.94 8.44 -24.67
N HIS A 80 -15.19 8.77 -24.93
CA HIS A 80 -15.98 9.54 -23.98
C HIS A 80 -17.06 8.65 -23.40
N HIS A 81 -16.82 8.18 -22.19
CA HIS A 81 -17.70 7.20 -21.56
C HIS A 81 -18.98 7.87 -21.09
N HIS A 82 -20.11 7.30 -21.47
CA HIS A 82 -21.41 7.93 -21.22
C HIS A 82 -21.89 7.63 -19.81
N HIS A 83 -21.20 6.73 -19.13
CA HIS A 83 -21.60 6.34 -17.79
C HIS A 83 -20.42 6.26 -16.84
N HIS A 84 -20.43 7.13 -15.86
CA HIS A 84 -19.50 7.07 -14.75
C HIS A 84 -20.30 6.95 -13.46
N HIS A 85 -21.52 7.47 -13.51
CA HIS A 85 -22.46 7.35 -12.39
C HIS A 85 -23.70 6.58 -12.85
N MET A 1 17.51 -16.83 25.34
CA MET A 1 16.61 -17.77 24.64
C MET A 1 15.19 -17.22 24.55
N ASP A 2 14.98 -16.03 25.08
CA ASP A 2 13.68 -15.38 25.02
C ASP A 2 13.59 -14.47 23.80
N PHE A 3 12.53 -14.62 23.03
CA PHE A 3 12.32 -13.81 21.84
C PHE A 3 10.94 -13.18 21.87
N GLY A 4 10.86 -11.93 21.48
CA GLY A 4 9.58 -11.26 21.35
C GLY A 4 8.97 -11.49 19.98
N LYS A 5 7.89 -10.81 19.68
CA LYS A 5 7.27 -10.93 18.37
C LYS A 5 7.53 -9.68 17.54
N PRO A 6 8.28 -9.82 16.44
CA PRO A 6 8.53 -8.72 15.51
C PRO A 6 7.23 -8.27 14.86
N ASN A 7 6.73 -7.12 15.28
CA ASN A 7 5.48 -6.60 14.76
C ASN A 7 5.66 -6.14 13.33
N GLN A 8 4.95 -6.79 12.42
CA GLN A 8 5.13 -6.59 11.00
C GLN A 8 3.92 -5.88 10.39
N VAL A 9 4.15 -4.68 9.88
CA VAL A 9 3.13 -3.97 9.14
C VAL A 9 3.36 -4.15 7.64
N THR A 10 2.44 -4.83 6.99
CA THR A 10 2.57 -5.14 5.58
C THR A 10 1.94 -4.05 4.72
N VAL A 11 2.79 -3.31 4.03
CA VAL A 11 2.34 -2.29 3.10
C VAL A 11 2.11 -2.91 1.72
N ASN A 12 0.86 -2.93 1.30
CA ASN A 12 0.50 -3.54 0.02
C ASN A 12 0.27 -2.47 -1.03
N TYR A 13 1.09 -2.50 -2.06
CA TYR A 13 0.93 -1.59 -3.19
C TYR A 13 -0.05 -2.19 -4.19
N LEU A 14 -1.33 -1.88 -3.98
CA LEU A 14 -2.39 -2.47 -4.78
C LEU A 14 -2.71 -1.57 -5.97
N ASP A 15 -3.35 -2.15 -6.97
CA ASP A 15 -3.77 -1.40 -8.15
C ASP A 15 -5.08 -1.94 -8.69
N GLU A 16 -6.10 -1.07 -8.70
CA GLU A 16 -7.37 -1.28 -9.40
C GLU A 16 -8.07 -2.58 -9.02
N ASN A 17 -7.60 -3.70 -9.57
CA ASN A 17 -8.22 -5.00 -9.35
C ASN A 17 -7.78 -5.60 -8.02
N ASN A 18 -7.20 -4.75 -7.17
CA ASN A 18 -6.82 -5.14 -5.81
C ASN A 18 -5.61 -6.08 -5.83
N THR A 19 -4.87 -6.02 -6.93
CA THR A 19 -3.68 -6.83 -7.09
C THR A 19 -2.43 -6.01 -6.77
N SER A 20 -1.49 -6.62 -6.07
CA SER A 20 -0.24 -5.96 -5.72
C SER A 20 0.69 -5.89 -6.93
N ILE A 21 0.88 -4.69 -7.45
CA ILE A 21 1.76 -4.48 -8.59
C ILE A 21 3.20 -4.32 -8.13
N ALA A 22 3.37 -4.14 -6.83
CA ALA A 22 4.68 -4.05 -6.23
C ALA A 22 4.73 -4.94 -4.99
N PRO A 23 5.87 -5.62 -4.76
CA PRO A 23 6.04 -6.52 -3.63
C PRO A 23 5.71 -5.85 -2.30
N SER A 24 5.03 -6.59 -1.43
CA SER A 24 4.59 -6.07 -0.15
C SER A 24 5.79 -5.61 0.69
N LEU A 25 5.69 -4.41 1.22
CA LEU A 25 6.72 -3.86 2.08
C LEU A 25 6.35 -4.11 3.54
N TYR A 26 7.04 -5.04 4.16
CA TYR A 26 6.74 -5.42 5.54
C TYR A 26 7.68 -4.72 6.52
N LEU A 27 7.12 -3.82 7.30
CA LEU A 27 7.90 -3.10 8.31
C LEU A 27 7.93 -3.88 9.60
N SER A 28 9.13 -4.23 10.04
CA SER A 28 9.32 -4.95 11.28
C SER A 28 9.73 -3.99 12.39
N GLY A 29 8.90 -3.85 13.40
CA GLY A 29 9.19 -2.93 14.47
C GLY A 29 8.71 -3.43 15.82
N LEU A 30 8.82 -2.59 16.83
CA LEU A 30 8.41 -2.94 18.18
C LEU A 30 7.01 -2.41 18.46
N PHE A 31 6.40 -2.86 19.55
CA PHE A 31 5.05 -2.46 19.90
C PHE A 31 4.97 -0.95 20.16
N ASN A 32 3.92 -0.34 19.62
CA ASN A 32 3.59 1.06 19.86
C ASN A 32 4.62 2.00 19.21
N GLU A 33 5.46 1.45 18.36
CA GLU A 33 6.46 2.24 17.67
C GLU A 33 5.84 2.93 16.45
N ALA A 34 6.07 4.23 16.33
CA ALA A 34 5.54 4.99 15.21
C ALA A 34 6.36 4.71 13.96
N TYR A 35 5.68 4.36 12.88
CA TYR A 35 6.37 4.04 11.62
C TYR A 35 6.06 5.09 10.55
N ASN A 36 6.84 5.07 9.49
CA ASN A 36 6.66 5.98 8.37
C ASN A 36 6.29 5.19 7.12
N VAL A 37 5.24 5.63 6.43
CA VAL A 37 4.73 4.92 5.26
C VAL A 37 5.10 5.64 3.97
N PRO A 38 5.98 5.04 3.16
CA PRO A 38 6.35 5.58 1.86
C PRO A 38 5.33 5.19 0.78
N MET A 39 4.64 6.19 0.24
CA MET A 39 3.68 5.97 -0.84
C MET A 39 4.43 5.59 -2.11
N LYS A 40 5.31 6.48 -2.52
CA LYS A 40 6.07 6.35 -3.77
C LYS A 40 5.14 6.36 -4.99
N LYS A 41 5.28 7.39 -5.80
CA LYS A 41 4.47 7.50 -7.01
C LYS A 41 4.92 6.46 -8.02
N ILE A 42 4.04 5.49 -8.29
CA ILE A 42 4.31 4.49 -9.30
C ILE A 42 4.05 5.09 -10.68
N LYS A 43 4.71 4.56 -11.70
CA LYS A 43 4.70 5.18 -13.04
C LYS A 43 3.32 5.14 -13.68
N GLY A 44 2.55 6.20 -13.47
CA GLY A 44 1.24 6.29 -14.11
C GLY A 44 0.14 5.66 -13.28
N TYR A 45 0.19 5.86 -11.98
CA TYR A 45 -0.80 5.30 -11.08
C TYR A 45 -1.27 6.35 -10.08
N THR A 46 -2.57 6.65 -10.11
CA THR A 46 -3.17 7.61 -9.21
C THR A 46 -3.64 6.90 -7.94
N LEU A 47 -3.25 7.38 -6.77
CA LEU A 47 -3.74 6.80 -5.52
C LEU A 47 -5.26 6.88 -5.47
N LEU A 48 -5.88 5.72 -5.40
CA LEU A 48 -7.33 5.63 -5.43
C LEU A 48 -7.91 6.06 -4.09
N LYS A 49 -7.42 5.47 -3.01
CA LYS A 49 -8.01 5.67 -1.69
C LYS A 49 -7.26 4.86 -0.63
N TYR A 50 -7.37 5.32 0.62
CA TYR A 50 -6.86 4.58 1.76
C TYR A 50 -8.01 4.01 2.58
N ASP A 51 -7.80 2.85 3.18
CA ASP A 51 -8.79 2.29 4.11
C ASP A 51 -8.77 3.07 5.41
N SER A 52 -7.62 3.03 6.06
CA SER A 52 -7.41 3.76 7.30
C SER A 52 -6.49 4.95 7.02
N GLU A 53 -5.90 5.50 8.07
CA GLU A 53 -4.94 6.58 7.90
C GLU A 53 -3.59 6.02 7.46
N ILE A 54 -2.61 6.90 7.33
CA ILE A 54 -1.31 6.52 6.83
C ILE A 54 -0.37 6.18 7.98
N LEU A 55 -0.14 7.15 8.84
CA LEU A 55 0.81 6.98 9.93
C LEU A 55 0.13 6.32 11.14
N GLY A 56 0.91 5.54 11.87
CA GLY A 56 0.40 4.86 13.03
C GLY A 56 1.51 4.20 13.82
N VAL A 57 1.13 3.32 14.74
CA VAL A 57 2.10 2.60 15.56
C VAL A 57 1.94 1.10 15.37
N PHE A 58 3.03 0.38 15.50
CA PHE A 58 3.02 -1.09 15.37
C PHE A 58 2.13 -1.71 16.45
N THR A 59 1.08 -2.39 16.01
CA THR A 59 0.17 -3.07 16.91
C THR A 59 0.66 -4.50 17.16
N GLU A 60 0.02 -5.18 18.11
CA GLU A 60 0.38 -6.56 18.43
C GLU A 60 -0.25 -7.54 17.44
N SER A 61 -0.24 -7.16 16.17
CA SER A 61 -0.84 -7.97 15.12
C SER A 61 -0.23 -7.59 13.78
N PRO A 62 -0.18 -8.52 12.81
CA PRO A 62 0.27 -8.20 11.46
C PRO A 62 -0.69 -7.21 10.81
N GLN A 63 -0.26 -5.97 10.73
CA GLN A 63 -1.13 -4.90 10.29
C GLN A 63 -0.98 -4.68 8.80
N THR A 64 -2.09 -4.47 8.11
CA THR A 64 -2.08 -4.34 6.67
C THR A 64 -2.45 -2.93 6.22
N ILE A 65 -1.60 -2.34 5.39
CA ILE A 65 -1.88 -1.04 4.81
C ILE A 65 -2.14 -1.19 3.31
N ASN A 66 -3.39 -1.03 2.92
CA ASN A 66 -3.77 -1.18 1.53
C ASN A 66 -3.63 0.16 0.81
N ILE A 67 -2.55 0.29 0.05
CA ILE A 67 -2.34 1.48 -0.76
C ILE A 67 -2.75 1.18 -2.18
N ILE A 68 -4.00 1.50 -2.51
CA ILE A 68 -4.56 1.12 -3.80
C ILE A 68 -4.39 2.23 -4.82
N TYR A 69 -3.71 1.90 -5.90
CA TYR A 69 -3.52 2.82 -6.99
C TYR A 69 -4.48 2.54 -8.13
N GLN A 70 -4.65 3.51 -8.99
CA GLN A 70 -5.47 3.39 -10.18
C GLN A 70 -4.64 3.81 -11.38
N LYS A 71 -4.32 2.83 -12.22
CA LYS A 71 -3.59 3.08 -13.46
C LYS A 71 -4.24 4.22 -14.26
N LYS A 72 -3.42 5.12 -14.79
CA LYS A 72 -3.91 6.26 -15.57
C LYS A 72 -4.82 5.80 -16.71
N ALA A 73 -4.43 4.72 -17.37
CA ALA A 73 -5.28 4.09 -18.38
C ALA A 73 -5.96 2.87 -17.76
N PRO A 74 -7.18 3.05 -17.26
CA PRO A 74 -7.87 2.04 -16.44
C PRO A 74 -8.27 0.80 -17.23
N GLU A 75 -8.45 -0.29 -16.50
CA GLU A 75 -8.96 -1.52 -17.08
C GLU A 75 -10.36 -1.79 -16.56
N GLN A 76 -10.86 -3.01 -16.78
CA GLN A 76 -12.27 -3.33 -16.49
C GLN A 76 -13.18 -2.49 -17.40
N ALA A 77 -12.56 -1.88 -18.41
CA ALA A 77 -13.23 -0.91 -19.26
C ALA A 77 -13.77 -1.55 -20.53
N LEU A 78 -14.13 -0.71 -21.49
CA LEU A 78 -14.81 -1.16 -22.71
C LEU A 78 -13.88 -1.91 -23.65
N GLU A 79 -12.78 -1.28 -24.04
CA GLU A 79 -11.93 -1.83 -25.09
C GLU A 79 -11.07 -2.98 -24.58
N HIS A 80 -11.71 -4.14 -24.44
CA HIS A 80 -11.07 -5.40 -24.12
C HIS A 80 -12.04 -6.50 -24.49
N HIS A 81 -13.30 -6.23 -24.18
CA HIS A 81 -14.39 -7.12 -24.55
C HIS A 81 -14.95 -6.64 -25.87
N HIS A 82 -15.67 -7.51 -26.56
CA HIS A 82 -16.24 -7.15 -27.85
C HIS A 82 -17.72 -7.50 -27.87
N HIS A 83 -18.47 -6.77 -28.68
CA HIS A 83 -19.92 -6.92 -28.73
C HIS A 83 -20.32 -8.27 -29.30
N HIS A 84 -19.53 -8.75 -30.25
CA HIS A 84 -19.78 -10.08 -30.82
C HIS A 84 -19.18 -11.15 -29.93
N HIS A 85 -18.32 -10.73 -29.01
CA HIS A 85 -17.60 -11.63 -28.10
C HIS A 85 -16.76 -12.62 -28.89
N MET A 1 9.07 -24.32 17.87
CA MET A 1 8.34 -23.45 16.92
C MET A 1 8.90 -22.04 16.98
N ASP A 2 8.72 -21.29 15.90
CA ASP A 2 9.14 -19.90 15.90
C ASP A 2 7.97 -19.02 16.31
N PHE A 3 8.24 -17.94 17.02
CA PHE A 3 7.19 -17.10 17.55
C PHE A 3 6.73 -16.08 16.52
N GLY A 4 7.48 -15.98 15.43
CA GLY A 4 7.13 -15.05 14.37
C GLY A 4 7.41 -13.61 14.75
N LYS A 5 6.90 -12.70 13.95
CA LYS A 5 7.13 -11.28 14.19
C LYS A 5 5.80 -10.55 14.32
N PRO A 6 5.45 -10.13 15.55
CA PRO A 6 4.18 -9.45 15.83
C PRO A 6 4.13 -8.07 15.20
N ASN A 7 5.25 -7.37 15.25
CA ASN A 7 5.33 -6.00 14.75
C ASN A 7 5.49 -5.99 13.23
N GLN A 8 4.55 -6.60 12.53
CA GLN A 8 4.61 -6.70 11.09
C GLN A 8 3.51 -5.87 10.43
N VAL A 9 3.88 -4.70 9.96
CA VAL A 9 2.97 -3.90 9.16
C VAL A 9 3.21 -4.20 7.69
N THR A 10 2.22 -4.81 7.06
CA THR A 10 2.36 -5.24 5.68
C THR A 10 1.70 -4.24 4.75
N VAL A 11 2.53 -3.49 4.03
CA VAL A 11 2.03 -2.50 3.09
C VAL A 11 1.93 -3.10 1.70
N ASN A 12 0.72 -3.17 1.18
CA ASN A 12 0.51 -3.73 -0.15
C ASN A 12 0.02 -2.66 -1.11
N TYR A 13 0.75 -2.51 -2.19
CA TYR A 13 0.40 -1.55 -3.22
C TYR A 13 -0.49 -2.23 -4.25
N LEU A 14 -1.79 -1.94 -4.18
CA LEU A 14 -2.77 -2.64 -4.99
C LEU A 14 -3.22 -1.80 -6.17
N ASP A 15 -3.67 -2.48 -7.20
CA ASP A 15 -4.30 -1.82 -8.34
C ASP A 15 -5.74 -1.47 -7.99
N GLU A 16 -6.51 -2.51 -7.70
CA GLU A 16 -7.92 -2.38 -7.30
C GLU A 16 -8.49 -3.78 -7.11
N ASN A 17 -8.12 -4.67 -8.02
CA ASN A 17 -8.58 -6.06 -8.00
C ASN A 17 -7.71 -6.90 -7.07
N ASN A 18 -7.15 -6.25 -6.06
CA ASN A 18 -6.34 -6.90 -5.01
C ASN A 18 -4.98 -7.36 -5.53
N THR A 19 -4.71 -7.14 -6.81
CA THR A 19 -3.41 -7.47 -7.36
C THR A 19 -2.37 -6.48 -6.86
N SER A 20 -1.33 -7.00 -6.23
CA SER A 20 -0.28 -6.17 -5.70
C SER A 20 0.72 -5.84 -6.80
N ILE A 21 0.72 -4.60 -7.26
CA ILE A 21 1.60 -4.16 -8.34
C ILE A 21 3.05 -4.10 -7.86
N ALA A 22 3.21 -4.06 -6.56
CA ALA A 22 4.51 -4.13 -5.93
C ALA A 22 4.47 -5.13 -4.79
N PRO A 23 5.53 -5.94 -4.63
CA PRO A 23 5.60 -6.97 -3.59
C PRO A 23 5.32 -6.42 -2.19
N SER A 24 4.73 -7.24 -1.35
CA SER A 24 4.36 -6.85 0.01
C SER A 24 5.56 -6.23 0.74
N LEU A 25 5.36 -5.02 1.24
CA LEU A 25 6.42 -4.31 1.95
C LEU A 25 6.35 -4.66 3.43
N TYR A 26 7.43 -5.24 3.93
CA TYR A 26 7.49 -5.66 5.32
C TYR A 26 7.97 -4.50 6.20
N LEU A 27 7.03 -3.74 6.72
CA LEU A 27 7.36 -2.64 7.61
C LEU A 27 7.35 -3.14 9.05
N SER A 28 8.52 -3.49 9.55
CA SER A 28 8.63 -4.03 10.89
C SER A 28 9.50 -3.14 11.76
N GLY A 29 9.02 -2.84 12.95
CA GLY A 29 9.78 -2.03 13.87
C GLY A 29 9.65 -2.54 15.28
N LEU A 30 9.53 -1.64 16.24
CA LEU A 30 9.35 -2.03 17.63
C LEU A 30 7.89 -1.90 18.02
N PHE A 31 7.47 -2.67 19.02
CA PHE A 31 6.10 -2.62 19.50
C PHE A 31 5.80 -1.26 20.10
N ASN A 32 4.66 -0.69 19.74
CA ASN A 32 4.27 0.65 20.16
C ASN A 32 5.32 1.67 19.72
N GLU A 33 5.28 1.98 18.43
CA GLU A 33 6.23 2.89 17.82
C GLU A 33 5.59 3.56 16.61
N ALA A 34 5.53 4.89 16.62
CA ALA A 34 4.92 5.65 15.54
C ALA A 34 5.71 5.49 14.25
N TYR A 35 5.07 4.96 13.22
CA TYR A 35 5.73 4.69 11.96
C TYR A 35 5.14 5.55 10.83
N ASN A 36 5.75 5.44 9.66
CA ASN A 36 5.23 6.09 8.45
C ASN A 36 5.19 5.08 7.31
N VAL A 37 4.20 5.19 6.46
CA VAL A 37 4.07 4.30 5.31
C VAL A 37 4.73 4.89 4.08
N PRO A 38 5.77 4.21 3.55
CA PRO A 38 6.49 4.65 2.36
C PRO A 38 5.60 4.64 1.11
N MET A 39 5.60 5.75 0.40
CA MET A 39 4.79 5.87 -0.81
C MET A 39 5.64 5.65 -2.06
N LYS A 40 5.54 4.46 -2.62
CA LYS A 40 6.22 4.15 -3.88
C LYS A 40 5.36 4.58 -5.04
N LYS A 41 5.97 5.20 -6.05
CA LYS A 41 5.21 5.65 -7.21
C LYS A 41 5.76 5.01 -8.48
N ILE A 42 4.94 4.19 -9.11
CA ILE A 42 5.29 3.55 -10.36
C ILE A 42 4.82 4.43 -11.52
N LYS A 43 5.40 4.25 -12.70
CA LYS A 43 5.04 5.01 -13.90
C LYS A 43 3.52 5.11 -14.08
N GLY A 44 2.98 6.31 -13.83
CA GLY A 44 1.58 6.56 -14.09
C GLY A 44 0.67 5.88 -13.10
N TYR A 45 0.89 6.15 -11.82
CA TYR A 45 0.04 5.61 -10.77
C TYR A 45 -0.26 6.66 -9.72
N THR A 46 -1.54 7.02 -9.64
CA THR A 46 -2.03 7.99 -8.68
C THR A 46 -2.64 7.26 -7.48
N LEU A 47 -2.36 7.73 -6.28
CA LEU A 47 -2.96 7.12 -5.10
C LEU A 47 -4.45 7.38 -5.11
N LEU A 48 -5.24 6.31 -5.24
CA LEU A 48 -6.68 6.42 -5.28
C LEU A 48 -7.18 7.02 -3.96
N LYS A 49 -6.79 6.36 -2.86
CA LYS A 49 -7.15 6.79 -1.52
C LYS A 49 -6.79 5.69 -0.53
N TYR A 50 -6.39 6.08 0.67
CA TYR A 50 -6.24 5.13 1.75
C TYR A 50 -7.17 5.55 2.88
N ASP A 51 -8.19 4.74 3.12
CA ASP A 51 -9.19 5.07 4.12
C ASP A 51 -8.67 4.77 5.51
N SER A 52 -7.89 3.70 5.60
CA SER A 52 -7.27 3.31 6.85
C SER A 52 -6.13 4.27 7.18
N GLU A 53 -6.29 5.01 8.27
CA GLU A 53 -5.27 5.97 8.70
C GLU A 53 -3.94 5.27 8.98
N ILE A 54 -2.89 5.75 8.33
CA ILE A 54 -1.57 5.13 8.44
C ILE A 54 -0.79 5.70 9.62
N LEU A 55 -1.27 6.82 10.13
CA LEU A 55 -0.63 7.46 11.28
C LEU A 55 -0.95 6.69 12.56
N GLY A 56 0.04 5.96 13.07
CA GLY A 56 -0.16 5.22 14.29
C GLY A 56 1.09 4.48 14.71
N VAL A 57 0.93 3.56 15.65
CA VAL A 57 2.05 2.77 16.17
C VAL A 57 1.98 1.35 15.65
N PHE A 58 3.14 0.67 15.61
CA PHE A 58 3.21 -0.72 15.18
C PHE A 58 2.27 -1.61 15.99
N THR A 59 1.43 -2.35 15.28
CA THR A 59 0.48 -3.25 15.88
C THR A 59 1.18 -4.55 16.29
N GLU A 60 0.56 -5.31 17.21
CA GLU A 60 1.14 -6.57 17.67
C GLU A 60 0.66 -7.71 16.76
N SER A 61 -0.18 -7.38 15.80
CA SER A 61 -0.66 -8.34 14.84
C SER A 61 -0.31 -7.86 13.44
N PRO A 62 -0.02 -8.80 12.52
CA PRO A 62 0.30 -8.47 11.13
C PRO A 62 -0.80 -7.65 10.47
N GLN A 63 -0.55 -6.36 10.30
CA GLN A 63 -1.55 -5.44 9.80
C GLN A 63 -1.30 -5.13 8.33
N THR A 64 -2.22 -5.56 7.47
CA THR A 64 -2.12 -5.29 6.05
C THR A 64 -2.80 -3.96 5.71
N ILE A 65 -2.04 -3.04 5.13
CA ILE A 65 -2.58 -1.75 4.74
C ILE A 65 -2.74 -1.69 3.23
N ASN A 66 -3.97 -1.44 2.79
CA ASN A 66 -4.28 -1.42 1.37
C ASN A 66 -3.99 -0.06 0.76
N ILE A 67 -2.83 0.05 0.10
CA ILE A 67 -2.47 1.25 -0.63
C ILE A 67 -2.85 1.06 -2.09
N ILE A 68 -3.98 1.64 -2.48
CA ILE A 68 -4.54 1.41 -3.80
C ILE A 68 -4.11 2.50 -4.78
N TYR A 69 -3.48 2.09 -5.86
CA TYR A 69 -3.05 3.03 -6.89
C TYR A 69 -3.91 2.91 -8.14
N GLN A 70 -4.30 4.05 -8.66
CA GLN A 70 -5.12 4.13 -9.85
C GLN A 70 -4.23 4.44 -11.05
N LYS A 71 -4.38 3.66 -12.12
CA LYS A 71 -3.65 3.92 -13.35
C LYS A 71 -3.89 5.36 -13.84
N LYS A 72 -2.82 6.14 -13.77
CA LYS A 72 -2.85 7.56 -14.08
C LYS A 72 -3.03 7.80 -15.58
N ALA A 73 -2.48 6.90 -16.38
CA ALA A 73 -2.58 6.97 -17.84
C ALA A 73 -1.93 8.23 -18.40
N PRO A 74 -0.67 8.13 -18.84
CA PRO A 74 0.05 9.25 -19.46
C PRO A 74 -0.53 9.60 -20.83
N GLU A 75 -1.10 8.60 -21.48
CA GLU A 75 -1.72 8.77 -22.80
C GLU A 75 -3.03 9.54 -22.65
N GLN A 76 -3.11 10.68 -23.32
CA GLN A 76 -4.26 11.57 -23.18
C GLN A 76 -5.41 11.17 -24.08
N ALA A 77 -5.23 11.32 -25.39
CA ALA A 77 -6.33 11.17 -26.33
C ALA A 77 -6.55 9.72 -26.76
N LEU A 78 -5.74 9.24 -27.68
CA LEU A 78 -5.93 7.92 -28.26
C LEU A 78 -4.85 6.95 -27.83
N GLU A 79 -5.22 5.69 -27.71
CA GLU A 79 -4.28 4.64 -27.38
C GLU A 79 -3.33 4.40 -28.55
N HIS A 80 -2.08 4.78 -28.38
CA HIS A 80 -1.08 4.48 -29.38
C HIS A 80 -0.63 3.03 -29.24
N HIS A 81 -1.29 2.16 -30.01
CA HIS A 81 -0.97 0.75 -29.99
C HIS A 81 0.40 0.54 -30.59
N HIS A 82 1.24 -0.24 -29.92
CA HIS A 82 2.65 -0.35 -30.28
C HIS A 82 2.83 -1.11 -31.58
N HIS A 83 1.78 -1.76 -32.05
CA HIS A 83 1.82 -2.44 -33.35
C HIS A 83 1.51 -1.43 -34.45
N HIS A 84 1.20 -0.21 -34.04
CA HIS A 84 0.93 0.88 -34.97
C HIS A 84 1.97 1.97 -34.78
N HIS A 85 2.04 2.92 -35.70
CA HIS A 85 3.04 3.99 -35.62
C HIS A 85 2.44 5.30 -36.08
N MET A 1 12.66 -22.15 21.23
CA MET A 1 11.67 -21.04 21.31
C MET A 1 11.84 -20.09 20.13
N ASP A 2 10.98 -20.26 19.13
CA ASP A 2 10.99 -19.39 17.96
C ASP A 2 9.82 -18.42 18.03
N PHE A 3 10.13 -17.16 18.29
CA PHE A 3 9.10 -16.14 18.42
C PHE A 3 8.98 -15.33 17.13
N GLY A 4 7.98 -15.65 16.33
CA GLY A 4 7.71 -14.86 15.15
C GLY A 4 7.16 -13.51 15.53
N LYS A 5 7.40 -12.50 14.70
CA LYS A 5 6.96 -11.15 15.00
C LYS A 5 5.57 -10.88 14.43
N PRO A 6 4.56 -10.73 15.30
CA PRO A 6 3.23 -10.33 14.89
C PRO A 6 3.16 -8.82 14.70
N ASN A 7 4.09 -8.12 15.33
CA ASN A 7 4.18 -6.67 15.23
C ASN A 7 4.91 -6.27 13.96
N GLN A 8 4.23 -6.40 12.84
CA GLN A 8 4.78 -6.03 11.56
C GLN A 8 3.71 -5.38 10.70
N VAL A 9 4.12 -4.41 9.89
CA VAL A 9 3.19 -3.72 9.01
C VAL A 9 3.49 -4.05 7.56
N THR A 10 2.57 -4.73 6.91
CA THR A 10 2.74 -5.14 5.53
C THR A 10 2.01 -4.19 4.59
N VAL A 11 2.76 -3.42 3.82
CA VAL A 11 2.16 -2.48 2.89
C VAL A 11 1.89 -3.15 1.55
N ASN A 12 0.64 -3.10 1.13
CA ASN A 12 0.21 -3.68 -0.13
C ASN A 12 -0.03 -2.59 -1.16
N TYR A 13 0.83 -2.54 -2.17
CA TYR A 13 0.62 -1.64 -3.29
C TYR A 13 -0.31 -2.31 -4.30
N LEU A 14 -1.58 -1.98 -4.25
CA LEU A 14 -2.57 -2.67 -5.06
C LEU A 14 -2.94 -1.87 -6.30
N ASP A 15 -3.40 -2.58 -7.32
CA ASP A 15 -3.98 -1.96 -8.50
C ASP A 15 -5.47 -1.74 -8.24
N GLU A 16 -6.23 -1.47 -9.29
CA GLU A 16 -7.67 -1.24 -9.14
C GLU A 16 -8.38 -2.58 -9.00
N ASN A 17 -7.79 -3.61 -9.59
CA ASN A 17 -8.25 -4.99 -9.39
C ASN A 17 -7.77 -5.48 -8.04
N ASN A 18 -7.04 -4.60 -7.35
CA ASN A 18 -6.59 -4.79 -5.98
C ASN A 18 -5.54 -5.87 -5.85
N THR A 19 -4.88 -6.20 -6.95
CA THR A 19 -3.77 -7.12 -6.91
C THR A 19 -2.47 -6.34 -6.70
N SER A 20 -1.57 -6.90 -5.89
CA SER A 20 -0.31 -6.23 -5.56
C SER A 20 0.56 -6.04 -6.80
N ILE A 21 0.67 -4.80 -7.24
CA ILE A 21 1.53 -4.47 -8.37
C ILE A 21 2.99 -4.46 -7.95
N ALA A 22 3.22 -4.06 -6.71
CA ALA A 22 4.56 -4.04 -6.14
C ALA A 22 4.66 -5.09 -5.04
N PRO A 23 5.87 -5.57 -4.73
CA PRO A 23 6.08 -6.56 -3.68
C PRO A 23 5.58 -6.08 -2.32
N SER A 24 5.11 -7.03 -1.51
CA SER A 24 4.61 -6.72 -0.19
C SER A 24 5.71 -6.14 0.69
N LEU A 25 5.49 -4.93 1.18
CA LEU A 25 6.50 -4.24 1.96
C LEU A 25 6.35 -4.59 3.44
N TYR A 26 7.27 -5.39 3.93
CA TYR A 26 7.28 -5.75 5.34
C TYR A 26 8.07 -4.72 6.14
N LEU A 27 7.34 -3.78 6.72
CA LEU A 27 7.95 -2.75 7.54
C LEU A 27 8.15 -3.28 8.95
N SER A 28 9.34 -3.10 9.48
CA SER A 28 9.69 -3.65 10.79
C SER A 28 9.67 -2.57 11.86
N GLY A 29 9.49 -2.99 13.11
CA GLY A 29 9.47 -2.08 14.22
C GLY A 29 9.09 -2.79 15.50
N LEU A 30 9.23 -2.10 16.62
CA LEU A 30 8.88 -2.69 17.91
C LEU A 30 7.43 -2.37 18.23
N PHE A 31 6.95 -2.80 19.39
CA PHE A 31 5.59 -2.48 19.81
C PHE A 31 5.49 -0.97 20.09
N ASN A 32 4.37 -0.38 19.70
CA ASN A 32 4.14 1.06 19.90
C ASN A 32 5.11 1.87 19.05
N GLU A 33 5.52 1.30 17.93
CA GLU A 33 6.42 1.96 16.99
C GLU A 33 5.64 2.91 16.09
N ALA A 34 5.94 4.20 16.16
CA ALA A 34 5.34 5.18 15.28
C ALA A 34 6.11 5.21 13.97
N TYR A 35 5.48 4.76 12.90
CA TYR A 35 6.19 4.53 11.65
C TYR A 35 5.69 5.44 10.53
N ASN A 36 6.44 5.44 9.43
CA ASN A 36 6.07 6.23 8.27
C ASN A 36 5.75 5.31 7.10
N VAL A 37 4.59 5.51 6.49
CA VAL A 37 4.13 4.65 5.40
C VAL A 37 4.74 5.10 4.08
N PRO A 38 5.58 4.24 3.47
CA PRO A 38 6.24 4.55 2.20
C PRO A 38 5.32 4.32 0.99
N MET A 39 5.22 5.33 0.14
CA MET A 39 4.40 5.23 -1.07
C MET A 39 5.28 5.05 -2.30
N LYS A 40 4.73 4.43 -3.34
CA LYS A 40 5.45 4.22 -4.59
C LYS A 40 4.53 4.45 -5.78
N LYS A 41 4.90 5.38 -6.64
CA LYS A 41 4.10 5.67 -7.82
C LYS A 41 4.67 4.97 -9.03
N ILE A 42 4.17 3.77 -9.29
CA ILE A 42 4.58 3.00 -10.44
C ILE A 42 3.88 3.54 -11.68
N LYS A 43 4.65 3.99 -12.66
CA LYS A 43 4.13 4.60 -13.89
C LYS A 43 3.36 5.88 -13.58
N GLY A 44 3.57 6.40 -12.38
CA GLY A 44 2.83 7.55 -11.94
C GLY A 44 1.38 7.22 -11.60
N TYR A 45 1.15 5.97 -11.22
CA TYR A 45 -0.19 5.49 -10.84
C TYR A 45 -0.89 6.46 -9.89
N THR A 46 -2.19 6.65 -10.11
CA THR A 46 -2.95 7.60 -9.35
C THR A 46 -3.57 6.92 -8.13
N LEU A 47 -3.19 7.36 -6.94
CA LEU A 47 -3.68 6.75 -5.71
C LEU A 47 -5.18 6.93 -5.60
N LEU A 48 -5.89 5.82 -5.46
CA LEU A 48 -7.33 5.89 -5.24
C LEU A 48 -7.58 6.55 -3.90
N LYS A 49 -7.03 5.89 -2.86
CA LYS A 49 -7.08 6.37 -1.47
C LYS A 49 -6.98 5.17 -0.54
N TYR A 50 -6.50 5.39 0.67
CA TYR A 50 -6.58 4.38 1.71
C TYR A 50 -7.85 4.62 2.52
N ASP A 51 -8.57 3.56 2.83
CA ASP A 51 -9.89 3.68 3.45
C ASP A 51 -9.81 3.80 4.95
N SER A 52 -8.65 3.49 5.51
CA SER A 52 -8.44 3.59 6.94
C SER A 52 -7.15 4.37 7.20
N GLU A 53 -7.16 5.20 8.24
CA GLU A 53 -6.00 6.02 8.56
C GLU A 53 -4.78 5.15 8.85
N ILE A 54 -3.66 5.52 8.26
CA ILE A 54 -2.46 4.71 8.29
C ILE A 54 -1.52 5.13 9.42
N LEU A 55 -1.72 6.33 9.93
CA LEU A 55 -0.87 6.84 11.01
C LEU A 55 -1.21 6.14 12.31
N GLY A 56 -0.41 5.15 12.66
CA GLY A 56 -0.63 4.40 13.88
C GLY A 56 0.66 3.81 14.41
N VAL A 57 0.54 2.81 15.27
CA VAL A 57 1.71 2.17 15.85
C VAL A 57 1.63 0.66 15.71
N PHE A 58 2.79 0.01 15.65
CA PHE A 58 2.87 -1.45 15.57
C PHE A 58 2.15 -2.09 16.75
N THR A 59 1.25 -3.01 16.45
CA THR A 59 0.47 -3.69 17.46
C THR A 59 0.85 -5.18 17.48
N GLU A 60 0.24 -5.96 18.37
CA GLU A 60 0.55 -7.39 18.48
C GLU A 60 -0.19 -8.18 17.41
N SER A 61 -0.85 -7.48 16.51
CA SER A 61 -1.54 -8.11 15.40
C SER A 61 -0.98 -7.61 14.09
N PRO A 62 -0.64 -8.51 13.16
CA PRO A 62 -0.08 -8.16 11.86
C PRO A 62 -1.03 -7.26 11.06
N GLN A 63 -0.62 -6.02 10.86
CA GLN A 63 -1.46 -5.06 10.16
C GLN A 63 -0.97 -4.90 8.73
N THR A 64 -1.92 -4.75 7.81
CA THR A 64 -1.59 -4.57 6.42
C THR A 64 -2.24 -3.30 5.88
N ILE A 65 -1.45 -2.50 5.20
CA ILE A 65 -1.94 -1.25 4.64
C ILE A 65 -2.25 -1.40 3.16
N ASN A 66 -3.52 -1.30 2.82
CA ASN A 66 -3.94 -1.42 1.43
C ASN A 66 -3.83 -0.10 0.70
N ILE A 67 -2.72 0.10 0.03
CA ILE A 67 -2.51 1.31 -0.76
C ILE A 67 -2.88 1.03 -2.21
N ILE A 68 -4.09 1.44 -2.58
CA ILE A 68 -4.63 1.13 -3.89
C ILE A 68 -4.32 2.23 -4.90
N TYR A 69 -3.52 1.88 -5.89
CA TYR A 69 -3.21 2.78 -6.98
C TYR A 69 -4.06 2.43 -8.19
N GLN A 70 -4.72 3.44 -8.74
CA GLN A 70 -5.62 3.23 -9.85
C GLN A 70 -4.87 3.38 -11.18
N LYS A 71 -5.21 2.50 -12.11
CA LYS A 71 -4.59 2.50 -13.43
C LYS A 71 -4.94 3.75 -14.20
N LYS A 72 -3.96 4.62 -14.35
CA LYS A 72 -4.12 5.84 -15.13
C LYS A 72 -4.28 5.52 -16.61
N ALA A 73 -5.19 6.23 -17.27
CA ALA A 73 -5.45 5.99 -18.67
C ALA A 73 -4.44 6.75 -19.53
N PRO A 74 -4.05 6.16 -20.68
CA PRO A 74 -3.13 6.82 -21.61
C PRO A 74 -3.66 8.17 -22.05
N GLU A 75 -2.84 9.20 -21.87
CA GLU A 75 -3.22 10.56 -22.24
C GLU A 75 -3.39 10.67 -23.74
N GLN A 76 -3.96 11.78 -24.19
CA GLN A 76 -4.18 12.02 -25.61
C GLN A 76 -2.84 12.19 -26.34
N ALA A 77 -1.78 12.33 -25.57
CA ALA A 77 -0.43 12.43 -26.12
C ALA A 77 0.16 11.04 -26.34
N LEU A 78 -0.54 10.02 -25.87
CA LEU A 78 -0.08 8.65 -26.02
C LEU A 78 -1.04 7.87 -26.91
N GLU A 79 -0.51 7.28 -27.95
CA GLU A 79 -1.31 6.52 -28.91
C GLU A 79 -1.07 5.02 -28.76
N HIS A 80 -1.99 4.24 -29.33
CA HIS A 80 -1.85 2.79 -29.34
C HIS A 80 -0.80 2.37 -30.37
N HIS A 81 -0.82 3.05 -31.50
CA HIS A 81 0.15 2.81 -32.56
C HIS A 81 0.69 4.14 -33.04
N HIS A 82 1.96 4.17 -33.44
CA HIS A 82 2.58 5.42 -33.84
C HIS A 82 2.93 5.38 -35.32
N HIS A 83 3.19 6.55 -35.89
CA HIS A 83 3.61 6.63 -37.27
C HIS A 83 5.11 6.39 -37.38
N HIS A 84 5.80 6.54 -36.25
CA HIS A 84 7.23 6.27 -36.19
C HIS A 84 7.49 4.89 -35.62
N HIS A 85 6.44 4.24 -35.13
CA HIS A 85 6.56 2.91 -34.54
C HIS A 85 5.20 2.22 -34.53
N MET A 1 5.36 -19.80 13.66
CA MET A 1 5.68 -18.40 13.99
C MET A 1 6.69 -18.33 15.13
N ASP A 2 7.72 -17.51 14.96
CA ASP A 2 8.74 -17.35 15.98
C ASP A 2 8.15 -16.65 17.19
N PHE A 3 7.33 -15.64 16.94
CA PHE A 3 6.60 -14.95 17.98
C PHE A 3 5.13 -14.88 17.59
N GLY A 4 4.26 -14.77 18.59
CA GLY A 4 2.83 -14.67 18.32
C GLY A 4 2.46 -13.30 17.82
N LYS A 5 3.26 -12.31 18.19
CA LYS A 5 3.04 -10.94 17.76
C LYS A 5 4.36 -10.31 17.30
N PRO A 6 4.60 -10.33 15.98
CA PRO A 6 5.85 -9.86 15.40
C PRO A 6 5.86 -8.37 15.08
N ASN A 7 4.73 -7.70 15.31
CA ASN A 7 4.59 -6.27 15.03
C ASN A 7 4.89 -5.98 13.56
N GLN A 8 4.38 -6.84 12.68
CA GLN A 8 4.63 -6.71 11.25
C GLN A 8 3.57 -5.84 10.57
N VAL A 9 4.00 -4.71 10.05
CA VAL A 9 3.16 -3.89 9.21
C VAL A 9 3.38 -4.27 7.74
N THR A 10 2.31 -4.68 7.08
CA THR A 10 2.42 -5.15 5.71
C THR A 10 1.80 -4.15 4.73
N VAL A 11 2.65 -3.44 4.01
CA VAL A 11 2.18 -2.49 3.02
C VAL A 11 2.04 -3.15 1.67
N ASN A 12 0.81 -3.23 1.18
CA ASN A 12 0.51 -3.89 -0.09
C ASN A 12 0.09 -2.85 -1.12
N TYR A 13 0.77 -2.84 -2.26
CA TYR A 13 0.47 -1.89 -3.32
C TYR A 13 -0.49 -2.51 -4.33
N LEU A 14 -1.74 -2.08 -4.29
CA LEU A 14 -2.77 -2.63 -5.15
C LEU A 14 -3.05 -1.70 -6.32
N ASP A 15 -3.15 -2.28 -7.50
CA ASP A 15 -3.41 -1.52 -8.72
C ASP A 15 -4.86 -1.69 -9.16
N GLU A 16 -5.69 -0.73 -8.75
CA GLU A 16 -7.10 -0.62 -9.15
C GLU A 16 -7.92 -1.86 -8.81
N ASN A 17 -7.73 -2.94 -9.56
CA ASN A 17 -8.50 -4.16 -9.38
C ASN A 17 -7.96 -4.99 -8.23
N ASN A 18 -7.27 -4.32 -7.29
CA ASN A 18 -6.73 -4.95 -6.09
C ASN A 18 -5.63 -5.95 -6.44
N THR A 19 -4.99 -5.74 -7.58
CA THR A 19 -3.88 -6.58 -8.00
C THR A 19 -2.56 -6.00 -7.50
N SER A 20 -1.84 -6.78 -6.70
CA SER A 20 -0.54 -6.35 -6.18
C SER A 20 0.47 -6.22 -7.32
N ILE A 21 0.93 -5.00 -7.58
CA ILE A 21 1.90 -4.75 -8.63
C ILE A 21 3.31 -4.61 -8.08
N ALA A 22 3.40 -4.37 -6.78
CA ALA A 22 4.69 -4.18 -6.14
C ALA A 22 4.87 -5.20 -5.03
N PRO A 23 6.13 -5.52 -4.68
CA PRO A 23 6.45 -6.47 -3.61
C PRO A 23 5.87 -6.04 -2.27
N SER A 24 5.53 -7.02 -1.45
CA SER A 24 4.97 -6.76 -0.13
C SER A 24 6.05 -6.13 0.76
N LEU A 25 5.77 -4.91 1.20
CA LEU A 25 6.72 -4.19 2.04
C LEU A 25 6.46 -4.50 3.51
N TYR A 26 7.34 -5.29 4.10
CA TYR A 26 7.22 -5.67 5.50
C TYR A 26 7.92 -4.66 6.39
N LEU A 27 7.13 -3.91 7.13
CA LEU A 27 7.63 -2.92 8.04
C LEU A 27 7.52 -3.42 9.47
N SER A 28 8.62 -3.94 10.00
CA SER A 28 8.63 -4.52 11.34
C SER A 28 9.24 -3.54 12.34
N GLY A 29 8.52 -3.30 13.43
CA GLY A 29 9.01 -2.39 14.44
C GLY A 29 8.61 -2.82 15.84
N LEU A 30 8.48 -1.85 16.73
CA LEU A 30 8.12 -2.13 18.11
C LEU A 30 6.72 -1.58 18.42
N PHE A 31 6.13 -2.05 19.51
CA PHE A 31 4.74 -1.76 19.84
C PHE A 31 4.48 -0.25 19.98
N ASN A 32 3.55 0.25 19.16
CA ASN A 32 3.12 1.64 19.20
C ASN A 32 4.25 2.61 18.85
N GLU A 33 5.26 2.12 18.15
CA GLU A 33 6.35 2.97 17.70
C GLU A 33 5.96 3.65 16.38
N ALA A 34 6.45 4.87 16.19
CA ALA A 34 6.13 5.64 14.99
C ALA A 34 6.95 5.17 13.80
N TYR A 35 6.31 5.10 12.64
CA TYR A 35 6.97 4.64 11.44
C TYR A 35 6.57 5.48 10.24
N ASN A 36 7.40 5.45 9.21
CA ASN A 36 7.12 6.18 7.99
C ASN A 36 6.49 5.26 6.96
N VAL A 37 5.52 5.77 6.22
CA VAL A 37 4.88 5.01 5.16
C VAL A 37 5.41 5.45 3.81
N PRO A 38 6.34 4.69 3.22
CA PRO A 38 6.97 5.03 1.95
C PRO A 38 6.05 4.74 0.77
N MET A 39 5.44 5.80 0.25
CA MET A 39 4.63 5.69 -0.96
C MET A 39 5.55 5.49 -2.16
N LYS A 40 6.44 6.47 -2.37
CA LYS A 40 7.42 6.46 -3.45
C LYS A 40 6.76 6.69 -4.80
N LYS A 41 7.53 7.16 -5.77
CA LYS A 41 7.03 7.38 -7.11
C LYS A 41 6.95 6.07 -7.87
N ILE A 42 5.72 5.65 -8.17
CA ILE A 42 5.50 4.46 -8.97
C ILE A 42 5.27 4.91 -10.42
N LYS A 43 5.21 3.97 -11.36
CA LYS A 43 5.05 4.30 -12.77
C LYS A 43 3.68 4.93 -13.05
N GLY A 44 3.58 6.24 -12.80
CA GLY A 44 2.39 7.00 -13.18
C GLY A 44 1.12 6.48 -12.56
N TYR A 45 1.05 6.47 -11.24
CA TYR A 45 -0.13 5.99 -10.55
C TYR A 45 -0.70 7.03 -9.59
N THR A 46 -2.01 7.09 -9.54
CA THR A 46 -2.73 8.04 -8.72
C THR A 46 -3.42 7.33 -7.57
N LEU A 47 -3.22 7.79 -6.33
CA LEU A 47 -3.78 7.10 -5.18
C LEU A 47 -5.30 7.14 -5.22
N LEU A 48 -5.91 5.97 -5.15
CA LEU A 48 -7.35 5.85 -5.20
C LEU A 48 -7.92 5.86 -3.78
N LYS A 49 -7.28 5.10 -2.90
CA LYS A 49 -7.72 4.96 -1.52
C LYS A 49 -6.83 3.96 -0.79
N TYR A 50 -6.82 4.01 0.52
CA TYR A 50 -6.14 3.01 1.32
C TYR A 50 -7.07 2.47 2.39
N ASP A 51 -6.89 1.21 2.75
CA ASP A 51 -7.71 0.57 3.76
C ASP A 51 -6.85 0.04 4.88
N SER A 52 -6.49 0.93 5.82
CA SER A 52 -5.71 0.57 6.99
C SER A 52 -5.36 1.83 7.77
N GLU A 53 -4.51 1.70 8.77
CA GLU A 53 -4.09 2.82 9.58
C GLU A 53 -2.65 3.20 9.27
N ILE A 54 -2.48 4.29 8.53
CA ILE A 54 -1.15 4.81 8.23
C ILE A 54 -0.80 5.94 9.18
N LEU A 55 -1.29 5.83 10.40
CA LEU A 55 -1.09 6.87 11.41
C LEU A 55 0.36 6.88 11.88
N GLY A 56 0.79 5.78 12.49
CA GLY A 56 2.15 5.71 12.96
C GLY A 56 2.30 4.92 14.25
N VAL A 57 1.59 3.80 14.35
CA VAL A 57 1.70 2.91 15.49
C VAL A 57 1.76 1.45 15.05
N PHE A 58 2.84 0.77 15.43
CA PHE A 58 2.95 -0.67 15.15
C PHE A 58 2.01 -1.45 16.05
N THR A 59 1.21 -2.31 15.44
CA THR A 59 0.33 -3.19 16.19
C THR A 59 1.00 -4.53 16.44
N GLU A 60 0.60 -5.20 17.52
CA GLU A 60 1.17 -6.49 17.86
C GLU A 60 0.80 -7.52 16.80
N SER A 61 -0.44 -7.48 16.37
CA SER A 61 -0.92 -8.35 15.30
C SER A 61 -0.55 -7.76 13.94
N PRO A 62 -0.35 -8.62 12.92
CA PRO A 62 0.03 -8.17 11.57
C PRO A 62 -0.90 -7.09 11.02
N GLN A 63 -0.35 -5.91 10.79
CA GLN A 63 -1.12 -4.78 10.30
C GLN A 63 -1.11 -4.76 8.78
N THR A 64 -2.23 -5.06 8.16
CA THR A 64 -2.33 -5.10 6.72
C THR A 64 -2.75 -3.74 6.17
N ILE A 65 -1.84 -3.09 5.44
CA ILE A 65 -2.14 -1.80 4.85
C ILE A 65 -2.40 -1.95 3.36
N ASN A 66 -3.67 -1.95 2.98
CA ASN A 66 -4.07 -2.04 1.59
C ASN A 66 -4.03 -0.67 0.94
N ILE A 67 -3.00 -0.40 0.17
CA ILE A 67 -2.88 0.86 -0.53
C ILE A 67 -3.24 0.68 -2.00
N ILE A 68 -4.34 1.29 -2.42
CA ILE A 68 -4.85 1.08 -3.76
C ILE A 68 -4.64 2.31 -4.63
N TYR A 69 -3.96 2.12 -5.73
CA TYR A 69 -3.76 3.18 -6.71
C TYR A 69 -4.69 2.98 -7.88
N GLN A 70 -5.14 4.09 -8.46
CA GLN A 70 -5.94 4.03 -9.67
C GLN A 70 -5.01 4.11 -10.87
N LYS A 71 -5.29 3.27 -11.85
CA LYS A 71 -4.43 3.16 -13.01
C LYS A 71 -4.63 4.34 -13.95
N LYS A 72 -3.65 5.24 -13.99
CA LYS A 72 -3.71 6.35 -14.93
C LYS A 72 -3.39 5.83 -16.34
N ALA A 73 -4.42 5.44 -17.07
CA ALA A 73 -4.22 4.84 -18.38
C ALA A 73 -3.97 5.90 -19.45
N PRO A 74 -2.75 5.93 -20.01
CA PRO A 74 -2.41 6.85 -21.09
C PRO A 74 -2.91 6.33 -22.44
N GLU A 75 -3.20 5.04 -22.49
CA GLU A 75 -3.69 4.41 -23.69
C GLU A 75 -5.22 4.48 -23.71
N GLN A 76 -5.72 5.56 -24.28
CA GLN A 76 -7.16 5.76 -24.36
C GLN A 76 -7.66 5.38 -25.74
N ALA A 77 -8.90 4.92 -25.80
CA ALA A 77 -9.50 4.53 -27.07
C ALA A 77 -9.75 5.75 -27.96
N LEU A 78 -9.73 6.94 -27.36
CA LEU A 78 -9.93 8.18 -28.10
C LEU A 78 -8.76 8.42 -29.04
N GLU A 79 -7.58 8.60 -28.48
CA GLU A 79 -6.38 8.81 -29.29
C GLU A 79 -5.67 7.49 -29.53
N HIS A 80 -5.74 7.01 -30.76
CA HIS A 80 -5.13 5.73 -31.11
C HIS A 80 -3.61 5.87 -31.14
N HIS A 81 -2.92 4.95 -30.49
CA HIS A 81 -1.47 5.00 -30.43
C HIS A 81 -0.85 3.85 -31.24
N HIS A 82 -0.01 4.21 -32.21
CA HIS A 82 0.72 3.21 -32.99
C HIS A 82 1.74 2.53 -32.09
N HIS A 83 2.29 3.29 -31.16
CA HIS A 83 3.21 2.75 -30.18
C HIS A 83 2.41 2.42 -28.91
N HIS A 84 1.47 1.50 -29.08
CA HIS A 84 0.52 1.14 -28.03
C HIS A 84 1.21 0.47 -26.87
N HIS A 85 0.90 0.92 -25.66
CA HIS A 85 1.48 0.37 -24.45
C HIS A 85 0.70 -0.85 -23.99
N MET A 1 15.99 -7.82 10.58
CA MET A 1 15.28 -8.31 11.78
C MET A 1 14.26 -9.38 11.42
N ASP A 2 14.68 -10.63 11.42
CA ASP A 2 13.81 -11.72 11.01
C ASP A 2 13.09 -12.32 12.21
N PHE A 3 13.58 -12.02 13.40
CA PHE A 3 13.03 -12.57 14.62
C PHE A 3 11.97 -11.65 15.22
N GLY A 4 11.56 -10.65 14.43
CA GLY A 4 10.56 -9.72 14.88
C GLY A 4 9.27 -9.82 14.09
N LYS A 5 8.92 -11.05 13.73
CA LYS A 5 7.70 -11.29 12.95
C LYS A 5 6.43 -10.96 13.73
N PRO A 6 6.33 -11.31 15.04
CA PRO A 6 5.20 -10.88 15.88
C PRO A 6 5.23 -9.38 16.19
N ASN A 7 5.45 -8.59 15.14
CA ASN A 7 5.48 -7.13 15.22
C ASN A 7 5.57 -6.58 13.81
N GLN A 8 4.64 -7.01 12.96
CA GLN A 8 4.72 -6.74 11.54
C GLN A 8 3.65 -5.78 11.06
N VAL A 9 4.09 -4.73 10.38
CA VAL A 9 3.19 -3.85 9.66
C VAL A 9 3.30 -4.15 8.18
N THR A 10 2.18 -4.46 7.55
CA THR A 10 2.20 -4.90 6.17
C THR A 10 1.65 -3.83 5.23
N VAL A 11 2.54 -3.19 4.49
CA VAL A 11 2.13 -2.23 3.48
C VAL A 11 1.87 -2.95 2.17
N ASN A 12 0.61 -2.99 1.77
CA ASN A 12 0.19 -3.78 0.63
C ASN A 12 -0.20 -2.86 -0.54
N TYR A 13 0.60 -2.91 -1.59
CA TYR A 13 0.39 -2.05 -2.75
C TYR A 13 -0.53 -2.70 -3.76
N LEU A 14 -1.74 -2.21 -3.84
CA LEU A 14 -2.76 -2.80 -4.70
C LEU A 14 -2.93 -1.99 -5.98
N ASP A 15 -3.37 -2.67 -7.02
CA ASP A 15 -3.67 -2.05 -8.30
C ASP A 15 -5.16 -1.66 -8.34
N GLU A 16 -5.64 -1.20 -9.48
CA GLU A 16 -7.06 -0.96 -9.69
C GLU A 16 -7.80 -2.29 -9.64
N ASN A 17 -7.12 -3.33 -10.12
CA ASN A 17 -7.61 -4.70 -10.03
C ASN A 17 -7.45 -5.19 -8.60
N ASN A 18 -6.91 -4.30 -7.77
CA ASN A 18 -6.68 -4.54 -6.35
C ASN A 18 -5.75 -5.72 -6.13
N THR A 19 -4.91 -5.98 -7.11
CA THR A 19 -3.92 -7.02 -7.02
C THR A 19 -2.59 -6.42 -6.54
N SER A 20 -1.88 -7.15 -5.68
CA SER A 20 -0.58 -6.70 -5.20
C SER A 20 0.44 -6.65 -6.33
N ILE A 21 0.66 -5.46 -6.86
CA ILE A 21 1.56 -5.28 -7.99
C ILE A 21 2.99 -5.03 -7.54
N ALA A 22 3.13 -4.58 -6.30
CA ALA A 22 4.45 -4.35 -5.73
C ALA A 22 4.67 -5.31 -4.57
N PRO A 23 5.94 -5.64 -4.26
CA PRO A 23 6.28 -6.54 -3.16
C PRO A 23 5.69 -6.07 -1.83
N SER A 24 5.06 -6.99 -1.12
CA SER A 24 4.47 -6.67 0.17
C SER A 24 5.55 -6.22 1.15
N LEU A 25 5.44 -5.00 1.63
CA LEU A 25 6.45 -4.41 2.47
C LEU A 25 6.16 -4.71 3.94
N TYR A 26 7.02 -5.51 4.55
CA TYR A 26 6.86 -5.90 5.93
C TYR A 26 7.73 -5.04 6.83
N LEU A 27 7.10 -4.11 7.53
CA LEU A 27 7.81 -3.28 8.48
C LEU A 27 7.81 -3.94 9.85
N SER A 28 8.98 -4.36 10.29
CA SER A 28 9.15 -4.99 11.57
C SER A 28 10.35 -4.41 12.29
N GLY A 29 10.09 -3.74 13.41
CA GLY A 29 11.17 -3.13 14.16
C GLY A 29 10.84 -3.07 15.65
N LEU A 30 10.72 -1.87 16.17
CA LEU A 30 10.40 -1.69 17.59
C LEU A 30 8.91 -1.83 17.82
N PHE A 31 8.53 -2.31 18.99
CA PHE A 31 7.13 -2.48 19.33
C PHE A 31 6.51 -1.13 19.67
N ASN A 32 5.32 -0.88 19.13
CA ASN A 32 4.59 0.39 19.30
C ASN A 32 5.41 1.56 18.75
N GLU A 33 5.17 1.87 17.49
CA GLU A 33 5.86 2.95 16.82
C GLU A 33 5.01 3.51 15.68
N ALA A 34 4.98 4.82 15.55
CA ALA A 34 4.29 5.47 14.45
C ALA A 34 5.17 5.46 13.21
N TYR A 35 4.70 4.77 12.18
CA TYR A 35 5.48 4.60 10.96
C TYR A 35 4.99 5.52 9.84
N ASN A 36 5.80 5.65 8.81
CA ASN A 36 5.45 6.43 7.64
C ASN A 36 5.15 5.51 6.46
N VAL A 37 4.06 5.79 5.76
CA VAL A 37 3.66 4.96 4.63
C VAL A 37 4.21 5.54 3.33
N PRO A 38 5.04 4.75 2.62
CA PRO A 38 5.66 5.19 1.36
C PRO A 38 4.63 5.33 0.24
N MET A 39 4.56 6.52 -0.34
CA MET A 39 3.65 6.78 -1.45
C MET A 39 4.44 7.35 -2.62
N LYS A 40 4.34 6.71 -3.78
CA LYS A 40 5.12 7.10 -4.94
C LYS A 40 4.25 7.19 -6.20
N LYS A 41 4.59 8.11 -7.08
CA LYS A 41 3.98 8.17 -8.39
C LYS A 41 4.75 7.26 -9.34
N ILE A 42 4.30 6.02 -9.45
CA ILE A 42 4.98 5.05 -10.30
C ILE A 42 4.30 4.99 -11.67
N LYS A 43 4.97 5.55 -12.67
CA LYS A 43 4.50 5.51 -14.06
C LYS A 43 3.15 6.20 -14.22
N GLY A 44 2.87 7.15 -13.35
CA GLY A 44 1.62 7.87 -13.41
C GLY A 44 0.51 7.17 -12.64
N TYR A 45 0.83 6.67 -11.45
CA TYR A 45 -0.15 6.02 -10.61
C TYR A 45 -0.74 7.03 -9.62
N THR A 46 -2.06 7.04 -9.54
CA THR A 46 -2.75 7.90 -8.60
C THR A 46 -3.32 7.04 -7.47
N LEU A 47 -3.15 7.51 -6.24
CA LEU A 47 -3.72 6.81 -5.10
C LEU A 47 -5.23 7.01 -5.11
N LEU A 48 -5.96 5.93 -5.35
CA LEU A 48 -7.41 5.98 -5.26
C LEU A 48 -7.79 6.37 -3.85
N LYS A 49 -7.24 5.61 -2.91
CA LYS A 49 -7.36 5.84 -1.49
C LYS A 49 -6.85 4.61 -0.75
N TYR A 50 -6.43 4.77 0.48
CA TYR A 50 -6.02 3.65 1.30
C TYR A 50 -7.24 3.01 1.96
N ASP A 51 -7.43 1.73 1.70
CA ASP A 51 -8.55 0.98 2.26
C ASP A 51 -8.49 0.97 3.78
N SER A 52 -7.28 0.82 4.29
CA SER A 52 -7.05 0.85 5.72
C SER A 52 -6.29 2.12 6.09
N GLU A 53 -6.54 2.65 7.29
CA GLU A 53 -5.91 3.89 7.72
C GLU A 53 -4.39 3.72 7.78
N ILE A 54 -3.68 4.74 7.33
CA ILE A 54 -2.22 4.71 7.29
C ILE A 54 -1.61 5.10 8.63
N LEU A 55 -2.47 5.35 9.60
CA LEU A 55 -2.01 5.72 10.94
C LEU A 55 -2.20 4.53 11.87
N GLY A 56 -1.10 3.87 12.18
CA GLY A 56 -1.15 2.73 13.08
C GLY A 56 0.15 2.57 13.83
N VAL A 57 0.23 1.56 14.68
CA VAL A 57 1.43 1.32 15.47
C VAL A 57 1.89 -0.12 15.32
N PHE A 58 3.21 -0.32 15.34
CA PHE A 58 3.79 -1.65 15.33
C PHE A 58 3.22 -2.51 16.46
N THR A 59 2.54 -3.57 16.09
CA THR A 59 1.96 -4.48 17.07
C THR A 59 2.09 -5.92 16.60
N GLU A 60 1.71 -6.85 17.47
CA GLU A 60 1.82 -8.27 17.16
C GLU A 60 0.74 -8.70 16.17
N SER A 61 -0.35 -7.94 16.15
CA SER A 61 -1.41 -8.17 15.18
C SER A 61 -1.04 -7.54 13.85
N PRO A 62 -0.97 -8.35 12.79
CA PRO A 62 -0.57 -7.88 11.45
C PRO A 62 -1.51 -6.81 10.91
N GLN A 63 -1.03 -5.58 10.85
CA GLN A 63 -1.80 -4.49 10.28
C GLN A 63 -1.44 -4.33 8.80
N THR A 64 -2.36 -4.75 7.95
CA THR A 64 -2.17 -4.64 6.51
C THR A 64 -2.84 -3.38 5.97
N ILE A 65 -2.03 -2.47 5.44
CA ILE A 65 -2.53 -1.24 4.85
C ILE A 65 -2.66 -1.38 3.35
N ASN A 66 -3.91 -1.40 2.88
CA ASN A 66 -4.18 -1.57 1.46
C ASN A 66 -4.06 -0.23 0.72
N ILE A 67 -2.92 -0.05 0.05
CA ILE A 67 -2.66 1.16 -0.73
C ILE A 67 -2.99 0.90 -2.20
N ILE A 68 -4.10 1.46 -2.66
CA ILE A 68 -4.58 1.20 -4.02
C ILE A 68 -4.12 2.28 -5.00
N TYR A 69 -3.31 1.88 -5.98
CA TYR A 69 -2.86 2.78 -7.03
C TYR A 69 -3.60 2.52 -8.33
N GLN A 70 -4.02 3.58 -8.98
CA GLN A 70 -4.67 3.49 -10.28
C GLN A 70 -3.92 4.35 -11.29
N LYS A 71 -3.51 3.75 -12.40
CA LYS A 71 -2.82 4.49 -13.47
C LYS A 71 -3.75 5.53 -14.06
N LYS A 72 -3.29 6.77 -14.10
CA LYS A 72 -4.11 7.88 -14.59
C LYS A 72 -3.97 8.04 -16.09
N ALA A 73 -5.11 8.20 -16.75
CA ALA A 73 -5.15 8.40 -18.19
C ALA A 73 -4.89 9.87 -18.57
N PRO A 74 -5.61 10.84 -17.96
CA PRO A 74 -5.37 12.27 -18.22
C PRO A 74 -4.00 12.72 -17.71
N GLU A 75 -3.54 13.86 -18.20
CA GLU A 75 -2.25 14.39 -17.80
C GLU A 75 -2.20 14.67 -16.31
N GLN A 76 -2.92 15.72 -15.89
CA GLN A 76 -2.88 16.19 -14.51
C GLN A 76 -1.45 16.53 -14.12
N ALA A 77 -0.65 16.91 -15.11
CA ALA A 77 0.76 17.23 -14.89
C ALA A 77 0.94 18.69 -14.49
N LEU A 78 -0.05 19.20 -13.78
CA LEU A 78 -0.01 20.58 -13.28
C LEU A 78 0.76 20.63 -11.97
N GLU A 79 1.41 19.52 -11.64
CA GLU A 79 2.14 19.39 -10.40
C GLU A 79 3.39 20.28 -10.40
N HIS A 80 3.25 21.46 -9.84
CA HIS A 80 4.40 22.31 -9.58
C HIS A 80 5.14 21.75 -8.38
N HIS A 81 6.45 21.61 -8.50
CA HIS A 81 7.25 20.88 -7.52
C HIS A 81 7.35 21.63 -6.20
N HIS A 82 6.29 21.58 -5.42
CA HIS A 82 6.26 22.13 -4.07
C HIS A 82 5.48 21.19 -3.18
N HIS A 83 4.28 20.84 -3.64
CA HIS A 83 3.42 19.89 -2.94
C HIS A 83 3.14 18.71 -3.85
N HIS A 84 2.47 17.68 -3.31
CA HIS A 84 2.10 16.49 -4.08
C HIS A 84 3.35 15.86 -4.71
N HIS A 85 4.38 15.70 -3.88
CA HIS A 85 5.69 15.25 -4.32
C HIS A 85 5.61 13.92 -5.06
N MET A 1 10.37 -18.09 18.68
CA MET A 1 10.01 -16.99 19.61
C MET A 1 11.06 -15.89 19.57
N ASP A 2 12.24 -16.20 20.11
CA ASP A 2 13.36 -15.25 20.19
C ASP A 2 13.64 -14.57 18.85
N PHE A 3 13.97 -15.36 17.83
CA PHE A 3 14.25 -14.82 16.51
C PHE A 3 13.00 -14.81 15.64
N GLY A 4 11.84 -14.76 16.29
CA GLY A 4 10.59 -14.63 15.57
C GLY A 4 10.50 -13.26 14.91
N LYS A 5 10.98 -12.25 15.62
CA LYS A 5 11.04 -10.87 15.14
C LYS A 5 9.64 -10.29 14.97
N PRO A 6 9.17 -9.57 16.00
CA PRO A 6 7.79 -9.06 16.05
C PRO A 6 7.59 -7.78 15.26
N ASN A 7 6.33 -7.33 15.24
CA ASN A 7 5.94 -6.09 14.55
C ASN A 7 6.23 -6.18 13.06
N GLN A 8 5.38 -6.92 12.35
CA GLN A 8 5.52 -7.06 10.91
C GLN A 8 4.24 -6.65 10.21
N VAL A 9 4.21 -5.41 9.72
CA VAL A 9 3.05 -4.89 9.03
C VAL A 9 3.13 -5.23 7.54
N THR A 10 2.05 -5.75 7.01
CA THR A 10 2.01 -6.16 5.62
C THR A 10 1.57 -5.01 4.73
N VAL A 11 2.50 -4.48 3.95
CA VAL A 11 2.20 -3.40 3.03
C VAL A 11 1.97 -3.96 1.63
N ASN A 12 0.73 -3.87 1.18
CA ASN A 12 0.33 -4.38 -0.12
C ASN A 12 0.19 -3.24 -1.11
N TYR A 13 1.01 -3.26 -2.16
CA TYR A 13 0.94 -2.25 -3.20
C TYR A 13 -0.04 -2.69 -4.28
N LEU A 14 -1.27 -2.18 -4.20
CA LEU A 14 -2.29 -2.57 -5.15
C LEU A 14 -2.39 -1.56 -6.27
N ASP A 15 -2.47 -2.09 -7.48
CA ASP A 15 -2.47 -1.29 -8.71
C ASP A 15 -3.66 -0.34 -8.78
N GLU A 16 -4.86 -0.91 -8.65
CA GLU A 16 -6.11 -0.17 -8.73
C GLU A 16 -7.24 -1.19 -8.82
N ASN A 17 -6.94 -2.27 -9.51
CA ASN A 17 -7.86 -3.41 -9.62
C ASN A 17 -7.66 -4.37 -8.47
N ASN A 18 -7.07 -3.86 -7.38
CA ASN A 18 -6.76 -4.64 -6.18
C ASN A 18 -5.69 -5.70 -6.46
N THR A 19 -5.01 -5.56 -7.59
CA THR A 19 -3.93 -6.47 -7.94
C THR A 19 -2.61 -5.97 -7.37
N SER A 20 -1.92 -6.82 -6.62
CA SER A 20 -0.63 -6.46 -6.05
C SER A 20 0.45 -6.52 -7.13
N ILE A 21 0.93 -5.37 -7.55
CA ILE A 21 1.91 -5.29 -8.64
C ILE A 21 3.33 -5.20 -8.10
N ALA A 22 3.44 -4.98 -6.81
CA ALA A 22 4.74 -4.91 -6.16
C ALA A 22 4.77 -5.84 -4.97
N PRO A 23 5.88 -6.57 -4.80
CA PRO A 23 6.03 -7.53 -3.69
C PRO A 23 5.70 -6.92 -2.34
N SER A 24 4.70 -7.48 -1.69
CA SER A 24 4.28 -7.04 -0.36
C SER A 24 5.47 -7.03 0.59
N LEU A 25 5.73 -5.87 1.18
CA LEU A 25 6.87 -5.74 2.07
C LEU A 25 6.40 -5.64 3.52
N TYR A 26 7.26 -6.03 4.44
CA TYR A 26 6.90 -5.99 5.84
C TYR A 26 7.48 -4.76 6.52
N LEU A 27 6.60 -3.80 6.78
CA LEU A 27 6.95 -2.60 7.52
C LEU A 27 7.14 -2.98 8.98
N SER A 28 8.37 -2.85 9.46
CA SER A 28 8.69 -3.30 10.80
C SER A 28 9.22 -2.15 11.64
N GLY A 29 9.09 -2.27 12.94
CA GLY A 29 9.53 -1.24 13.84
C GLY A 29 9.38 -1.63 15.28
N LEU A 30 9.35 -0.65 16.16
CA LEU A 30 9.25 -0.91 17.59
C LEU A 30 7.81 -0.75 18.05
N PHE A 31 7.48 -1.33 19.20
CA PHE A 31 6.13 -1.24 19.72
C PHE A 31 5.80 0.20 20.08
N ASN A 32 4.59 0.64 19.71
CA ASN A 32 4.11 2.01 19.99
C ASN A 32 4.87 3.05 19.15
N GLU A 33 5.54 2.58 18.12
CA GLU A 33 6.26 3.47 17.21
C GLU A 33 5.34 3.93 16.08
N ALA A 34 5.19 5.23 15.92
CA ALA A 34 4.35 5.79 14.87
C ALA A 34 5.05 5.69 13.52
N TYR A 35 4.46 4.98 12.60
CA TYR A 35 5.08 4.72 11.31
C TYR A 35 4.47 5.57 10.21
N ASN A 36 5.12 5.56 9.06
CA ASN A 36 4.65 6.25 7.87
C ASN A 36 4.72 5.28 6.70
N VAL A 37 3.65 5.17 5.94
CA VAL A 37 3.58 4.17 4.88
C VAL A 37 4.37 4.61 3.65
N PRO A 38 5.33 3.78 3.21
CA PRO A 38 6.14 4.07 2.03
C PRO A 38 5.33 3.94 0.75
N MET A 39 5.32 4.99 -0.06
CA MET A 39 4.55 5.01 -1.30
C MET A 39 5.48 5.00 -2.50
N LYS A 40 5.00 4.42 -3.59
CA LYS A 40 5.76 4.37 -4.83
C LYS A 40 4.94 4.92 -5.98
N LYS A 41 5.58 5.64 -6.88
CA LYS A 41 4.90 6.13 -8.08
C LYS A 41 5.19 5.18 -9.23
N ILE A 42 4.32 4.21 -9.41
CA ILE A 42 4.53 3.17 -10.40
C ILE A 42 3.66 3.41 -11.63
N LYS A 43 4.30 3.51 -12.79
CA LYS A 43 3.61 3.62 -14.09
C LYS A 43 2.70 4.84 -14.15
N GLY A 44 3.06 5.89 -13.44
CA GLY A 44 2.24 7.09 -13.43
C GLY A 44 0.94 6.89 -12.70
N TYR A 45 1.00 6.25 -11.54
CA TYR A 45 -0.17 6.07 -10.70
C TYR A 45 -0.22 7.15 -9.63
N THR A 46 -1.38 7.30 -9.04
CA THR A 46 -1.57 8.17 -7.90
C THR A 46 -2.49 7.49 -6.91
N LEU A 47 -2.18 7.59 -5.62
CA LEU A 47 -2.95 6.90 -4.58
C LEU A 47 -4.44 7.18 -4.73
N LEU A 48 -5.22 6.10 -4.80
CA LEU A 48 -6.66 6.23 -4.83
C LEU A 48 -7.15 6.64 -3.46
N LYS A 49 -6.83 5.81 -2.48
CA LYS A 49 -7.27 5.99 -1.11
C LYS A 49 -6.97 4.71 -0.34
N TYR A 50 -6.49 4.84 0.88
CA TYR A 50 -6.35 3.68 1.74
C TYR A 50 -7.61 3.52 2.57
N ASP A 51 -7.72 2.40 3.28
CA ASP A 51 -8.95 2.02 3.99
C ASP A 51 -9.54 3.16 4.80
N SER A 52 -8.73 3.75 5.66
CA SER A 52 -9.19 4.89 6.46
C SER A 52 -8.08 5.92 6.60
N GLU A 53 -7.18 5.68 7.54
CA GLU A 53 -6.02 6.52 7.74
C GLU A 53 -4.82 5.67 8.10
N ILE A 54 -3.63 6.25 8.01
CA ILE A 54 -2.40 5.55 8.32
C ILE A 54 -1.83 6.05 9.64
N LEU A 55 -2.68 6.68 10.43
CA LEU A 55 -2.29 7.20 11.73
C LEU A 55 -2.35 6.11 12.78
N GLY A 56 -1.29 5.31 12.85
CA GLY A 56 -1.24 4.23 13.81
C GLY A 56 0.18 3.94 14.26
N VAL A 57 0.30 3.04 15.23
CA VAL A 57 1.61 2.66 15.75
C VAL A 57 1.82 1.16 15.61
N PHE A 58 3.07 0.74 15.61
CA PHE A 58 3.39 -0.69 15.51
C PHE A 58 2.88 -1.45 16.73
N THR A 59 2.21 -2.56 16.46
CA THR A 59 1.68 -3.40 17.52
C THR A 59 2.06 -4.85 17.24
N GLU A 60 1.72 -5.75 18.16
CA GLU A 60 2.06 -7.16 18.02
C GLU A 60 1.12 -7.85 17.04
N SER A 61 0.10 -7.12 16.61
CA SER A 61 -0.86 -7.64 15.65
C SER A 61 -0.39 -7.36 14.23
N PRO A 62 -0.37 -8.39 13.36
CA PRO A 62 -0.03 -8.21 11.95
C PRO A 62 -1.03 -7.30 11.24
N GLN A 63 -0.61 -6.08 10.97
CA GLN A 63 -1.46 -5.10 10.33
C GLN A 63 -1.38 -5.25 8.81
N THR A 64 -2.49 -5.00 8.15
CA THR A 64 -2.57 -5.12 6.71
C THR A 64 -2.92 -3.77 6.08
N ILE A 65 -1.94 -3.15 5.45
CA ILE A 65 -2.14 -1.86 4.82
C ILE A 65 -2.20 -2.02 3.32
N ASN A 66 -3.39 -1.99 2.76
CA ASN A 66 -3.57 -2.12 1.33
C ASN A 66 -3.45 -0.76 0.68
N ILE A 67 -2.27 -0.47 0.18
CA ILE A 67 -2.02 0.78 -0.52
C ILE A 67 -2.52 0.66 -1.95
N ILE A 68 -3.74 1.13 -2.16
CA ILE A 68 -4.39 1.01 -3.45
C ILE A 68 -4.20 2.28 -4.26
N TYR A 69 -3.45 2.16 -5.34
CA TYR A 69 -3.21 3.29 -6.21
C TYR A 69 -4.33 3.41 -7.24
N GLN A 70 -4.19 4.36 -8.13
CA GLN A 70 -5.18 4.61 -9.15
C GLN A 70 -4.48 5.01 -10.44
N LYS A 71 -4.79 4.33 -11.53
CA LYS A 71 -4.32 4.75 -12.82
C LYS A 71 -4.92 6.12 -13.12
N LYS A 72 -4.06 7.08 -13.42
CA LYS A 72 -4.49 8.46 -13.59
C LYS A 72 -5.35 8.65 -14.84
N ALA A 73 -5.51 7.56 -15.60
CA ALA A 73 -6.32 7.57 -16.83
C ALA A 73 -5.92 8.72 -17.74
N PRO A 74 -4.82 8.56 -18.49
CA PRO A 74 -4.30 9.61 -19.37
C PRO A 74 -5.26 9.94 -20.49
N GLU A 75 -6.08 10.97 -20.27
CA GLU A 75 -7.02 11.44 -21.27
C GLU A 75 -6.28 12.17 -22.37
N GLN A 76 -6.67 11.95 -23.61
CA GLN A 76 -5.98 12.54 -24.75
C GLN A 76 -6.44 13.98 -24.95
N ALA A 77 -7.49 14.36 -24.24
CA ALA A 77 -7.95 15.73 -24.21
C ALA A 77 -6.96 16.61 -23.45
N LEU A 78 -6.18 15.97 -22.58
CA LEU A 78 -5.10 16.64 -21.88
C LEU A 78 -3.76 16.17 -22.42
N GLU A 79 -2.73 16.96 -22.20
CA GLU A 79 -1.39 16.61 -22.64
C GLU A 79 -0.45 16.53 -21.45
N HIS A 80 0.81 16.21 -21.74
CA HIS A 80 1.90 16.29 -20.77
C HIS A 80 1.69 15.31 -19.61
N HIS A 81 1.14 14.15 -19.92
CA HIS A 81 1.03 13.08 -18.93
C HIS A 81 2.41 12.47 -18.74
N HIS A 82 3.16 12.46 -19.83
CA HIS A 82 4.58 12.17 -19.79
C HIS A 82 5.33 13.42 -20.25
N HIS A 83 6.03 14.04 -19.33
CA HIS A 83 6.72 15.30 -19.62
C HIS A 83 7.82 15.09 -20.65
N HIS A 84 8.50 13.97 -20.57
CA HIS A 84 9.54 13.66 -21.53
C HIS A 84 9.05 12.58 -22.47
N HIS A 85 8.54 13.00 -23.61
CA HIS A 85 8.06 12.07 -24.63
C HIS A 85 9.23 11.65 -25.51
N MET A 1 18.24 -14.66 19.56
CA MET A 1 18.74 -15.11 20.88
C MET A 1 17.63 -14.99 21.91
N ASP A 2 17.16 -13.77 22.13
CA ASP A 2 15.95 -13.55 22.88
C ASP A 2 14.77 -13.70 21.93
N PHE A 3 13.88 -14.65 22.23
CA PHE A 3 12.82 -15.03 21.30
C PHE A 3 11.65 -14.04 21.29
N GLY A 4 11.96 -12.77 21.03
CA GLY A 4 10.93 -11.77 20.88
C GLY A 4 10.29 -11.84 19.51
N LYS A 5 9.18 -11.15 19.33
CA LYS A 5 8.46 -11.18 18.07
C LYS A 5 8.72 -9.90 17.29
N PRO A 6 9.25 -10.02 16.06
CA PRO A 6 9.43 -8.90 15.16
C PRO A 6 8.09 -8.43 14.60
N ASN A 7 7.55 -7.37 15.17
CA ASN A 7 6.26 -6.84 14.76
C ASN A 7 6.38 -6.15 13.41
N GLN A 8 5.83 -6.78 12.39
CA GLN A 8 5.90 -6.25 11.04
C GLN A 8 4.51 -6.00 10.47
N VAL A 9 4.36 -4.86 9.82
CA VAL A 9 3.13 -4.52 9.15
C VAL A 9 3.24 -4.83 7.67
N THR A 10 2.27 -5.52 7.13
CA THR A 10 2.31 -5.92 5.73
C THR A 10 1.63 -4.88 4.84
N VAL A 11 2.45 -4.11 4.14
CA VAL A 11 1.94 -3.10 3.22
C VAL A 11 1.89 -3.66 1.81
N ASN A 12 0.76 -3.51 1.14
CA ASN A 12 0.61 -4.01 -0.22
C ASN A 12 0.15 -2.91 -1.14
N TYR A 13 0.83 -2.76 -2.27
CA TYR A 13 0.48 -1.75 -3.25
C TYR A 13 -0.42 -2.37 -4.31
N LEU A 14 -1.69 -1.98 -4.30
CA LEU A 14 -2.68 -2.57 -5.18
C LEU A 14 -3.04 -1.63 -6.31
N ASP A 15 -3.24 -2.21 -7.49
CA ASP A 15 -3.64 -1.45 -8.67
C ASP A 15 -5.14 -1.65 -8.93
N GLU A 16 -5.94 -0.78 -8.33
CA GLU A 16 -7.39 -0.71 -8.56
C GLU A 16 -8.13 -1.98 -8.13
N ASN A 17 -8.00 -3.04 -8.91
CA ASN A 17 -8.74 -4.27 -8.69
C ASN A 17 -8.07 -5.15 -7.66
N ASN A 18 -7.23 -4.53 -6.83
CA ASN A 18 -6.47 -5.23 -5.79
C ASN A 18 -5.33 -6.04 -6.40
N THR A 19 -4.94 -5.65 -7.61
CA THR A 19 -3.78 -6.26 -8.26
C THR A 19 -2.50 -5.89 -7.51
N SER A 20 -1.85 -6.89 -6.95
CA SER A 20 -0.60 -6.66 -6.24
C SER A 20 0.52 -6.40 -7.23
N ILE A 21 0.74 -5.13 -7.52
CA ILE A 21 1.71 -4.73 -8.53
C ILE A 21 3.12 -4.61 -7.92
N ALA A 22 3.18 -4.34 -6.62
CA ALA A 22 4.46 -4.25 -5.93
C ALA A 22 4.56 -5.37 -4.90
N PRO A 23 5.79 -5.82 -4.61
CA PRO A 23 6.03 -6.87 -3.61
C PRO A 23 5.61 -6.42 -2.21
N SER A 24 5.01 -7.33 -1.46
CA SER A 24 4.53 -7.06 -0.11
C SER A 24 5.64 -6.43 0.75
N LEU A 25 5.40 -5.23 1.23
CA LEU A 25 6.37 -4.52 2.03
C LEU A 25 6.20 -4.86 3.50
N TYR A 26 7.15 -5.59 4.04
CA TYR A 26 7.14 -5.93 5.45
C TYR A 26 7.81 -4.83 6.25
N LEU A 27 6.97 -3.97 6.81
CA LEU A 27 7.44 -2.83 7.59
C LEU A 27 7.66 -3.25 9.04
N SER A 28 8.91 -3.26 9.47
CA SER A 28 9.24 -3.71 10.81
C SER A 28 9.67 -2.53 11.69
N GLY A 29 9.40 -2.64 12.99
CA GLY A 29 9.78 -1.61 13.93
C GLY A 29 9.63 -2.08 15.36
N LEU A 30 9.79 -1.18 16.31
CA LEU A 30 9.66 -1.52 17.72
C LEU A 30 8.19 -1.49 18.13
N PHE A 31 7.89 -2.08 19.28
CA PHE A 31 6.51 -2.09 19.77
C PHE A 31 6.08 -0.68 20.16
N ASN A 32 4.86 -0.31 19.76
CA ASN A 32 4.29 1.00 20.05
C ASN A 32 4.99 2.10 19.24
N GLU A 33 5.81 1.69 18.29
CA GLU A 33 6.52 2.64 17.45
C GLU A 33 5.61 3.16 16.35
N ALA A 34 5.48 4.47 16.25
CA ALA A 34 4.69 5.08 15.20
C ALA A 34 5.48 5.07 13.91
N TYR A 35 5.05 4.26 12.96
CA TYR A 35 5.80 4.08 11.73
C TYR A 35 5.33 5.05 10.65
N ASN A 36 6.20 5.28 9.67
CA ASN A 36 5.89 6.12 8.53
C ASN A 36 5.63 5.24 7.31
N VAL A 37 4.50 5.46 6.65
CA VAL A 37 4.11 4.63 5.52
C VAL A 37 4.68 5.19 4.22
N PRO A 38 5.55 4.42 3.56
CA PRO A 38 6.14 4.81 2.28
C PRO A 38 5.17 4.56 1.13
N MET A 39 4.54 5.63 0.65
CA MET A 39 3.65 5.53 -0.49
C MET A 39 4.42 5.77 -1.77
N LYS A 40 4.62 4.71 -2.54
CA LYS A 40 5.41 4.80 -3.75
C LYS A 40 4.52 5.14 -4.94
N LYS A 41 4.97 6.06 -5.77
CA LYS A 41 4.24 6.39 -6.97
C LYS A 41 4.72 5.47 -8.09
N ILE A 42 4.03 4.34 -8.24
CA ILE A 42 4.44 3.31 -9.17
C ILE A 42 4.04 3.67 -10.59
N LYS A 43 5.03 3.84 -11.47
CA LYS A 43 4.79 4.18 -12.87
C LYS A 43 3.97 5.46 -13.01
N GLY A 44 4.05 6.30 -12.00
CA GLY A 44 3.34 7.57 -12.02
C GLY A 44 1.86 7.43 -11.69
N TYR A 45 1.44 6.26 -11.23
CA TYR A 45 0.03 6.02 -10.91
C TYR A 45 -0.49 7.00 -9.86
N THR A 46 -1.80 7.15 -9.82
CA THR A 46 -2.45 8.08 -8.91
C THR A 46 -3.14 7.30 -7.80
N LEU A 47 -3.17 7.83 -6.59
CA LEU A 47 -3.83 7.14 -5.49
C LEU A 47 -5.35 7.17 -5.69
N LEU A 48 -5.93 6.00 -5.92
CA LEU A 48 -7.36 5.89 -6.14
C LEU A 48 -8.13 6.36 -4.91
N LYS A 49 -7.84 5.73 -3.78
CA LYS A 49 -8.54 6.00 -2.54
C LYS A 49 -7.88 5.26 -1.40
N TYR A 50 -7.50 5.99 -0.37
CA TYR A 50 -6.86 5.38 0.78
C TYR A 50 -7.91 4.91 1.78
N ASP A 51 -8.28 3.64 1.67
CA ASP A 51 -9.28 3.05 2.56
C ASP A 51 -8.60 2.48 3.80
N SER A 52 -7.29 2.37 3.74
CA SER A 52 -6.51 1.83 4.85
C SER A 52 -6.13 2.93 5.84
N GLU A 53 -5.29 2.61 6.80
CA GLU A 53 -4.94 3.54 7.86
C GLU A 53 -3.45 3.88 7.83
N ILE A 54 -3.10 5.06 8.34
CA ILE A 54 -1.71 5.51 8.43
C ILE A 54 -1.40 6.06 9.81
N LEU A 55 -0.12 6.31 10.06
CA LEU A 55 0.34 6.92 11.31
C LEU A 55 0.05 6.03 12.51
N GLY A 56 -0.07 4.73 12.24
CA GLY A 56 -0.35 3.78 13.30
C GLY A 56 0.91 3.34 14.00
N VAL A 57 0.74 2.71 15.16
CA VAL A 57 1.87 2.22 15.92
C VAL A 57 1.94 0.70 15.85
N PHE A 58 3.15 0.18 15.84
CA PHE A 58 3.36 -1.27 15.79
C PHE A 58 2.70 -1.95 16.98
N THR A 59 1.64 -2.68 16.70
CA THR A 59 0.93 -3.43 17.71
C THR A 59 1.28 -4.92 17.58
N GLU A 60 0.97 -5.70 18.59
CA GLU A 60 1.29 -7.13 18.57
C GLU A 60 0.43 -7.89 17.56
N SER A 61 -0.57 -7.20 17.02
CA SER A 61 -1.40 -7.75 15.97
C SER A 61 -0.88 -7.32 14.60
N PRO A 62 -0.48 -8.29 13.76
CA PRO A 62 0.03 -8.00 12.41
C PRO A 62 -0.98 -7.24 11.57
N GLN A 63 -0.64 -6.00 11.24
CA GLN A 63 -1.53 -5.14 10.47
C GLN A 63 -1.26 -5.29 8.98
N THR A 64 -2.29 -5.09 8.17
CA THR A 64 -2.17 -5.13 6.73
C THR A 64 -2.61 -3.79 6.14
N ILE A 65 -1.69 -3.13 5.44
CA ILE A 65 -1.98 -1.86 4.81
C ILE A 65 -2.09 -2.02 3.30
N ASN A 66 -3.31 -2.09 2.81
CA ASN A 66 -3.54 -2.17 1.37
C ASN A 66 -3.71 -0.78 0.80
N ILE A 67 -2.75 -0.37 -0.02
CA ILE A 67 -2.78 0.94 -0.64
C ILE A 67 -3.16 0.81 -2.10
N ILE A 68 -4.34 1.33 -2.45
CA ILE A 68 -4.89 1.11 -3.78
C ILE A 68 -4.65 2.32 -4.68
N TYR A 69 -3.87 2.10 -5.72
CA TYR A 69 -3.59 3.12 -6.72
C TYR A 69 -4.47 2.90 -7.95
N GLN A 70 -4.47 3.87 -8.84
CA GLN A 70 -5.25 3.80 -10.06
C GLN A 70 -4.37 4.14 -11.24
N LYS A 71 -4.43 3.32 -12.28
CA LYS A 71 -3.71 3.61 -13.50
C LYS A 71 -4.31 4.83 -14.18
N LYS A 72 -3.45 5.73 -14.62
CA LYS A 72 -3.89 6.97 -15.23
C LYS A 72 -4.53 6.71 -16.58
N ALA A 73 -5.56 7.48 -16.88
CA ALA A 73 -6.19 7.47 -18.20
C ALA A 73 -5.23 8.09 -19.22
N PRO A 74 -5.51 7.93 -20.53
CA PRO A 74 -4.68 8.50 -21.60
C PRO A 74 -4.30 9.96 -21.33
N GLU A 75 -3.04 10.17 -20.98
CA GLU A 75 -2.54 11.49 -20.62
C GLU A 75 -2.46 12.40 -21.83
N GLN A 76 -2.44 11.82 -23.00
CA GLN A 76 -2.43 12.58 -24.24
C GLN A 76 -3.83 13.07 -24.57
N ALA A 77 -4.82 12.48 -23.91
CA ALA A 77 -6.20 12.92 -24.04
C ALA A 77 -6.51 13.95 -22.97
N LEU A 78 -5.64 14.02 -21.97
CA LEU A 78 -5.78 15.00 -20.90
C LEU A 78 -5.07 16.29 -21.28
N GLU A 79 -5.84 17.35 -21.45
CA GLU A 79 -5.28 18.64 -21.82
C GLU A 79 -4.40 19.18 -20.71
N HIS A 80 -3.27 19.77 -21.09
CA HIS A 80 -2.30 20.26 -20.12
C HIS A 80 -2.79 21.54 -19.50
N HIS A 81 -3.51 22.32 -20.29
CA HIS A 81 -4.27 23.44 -19.76
C HIS A 81 -5.63 22.89 -19.35
N HIS A 82 -5.91 22.90 -18.06
CA HIS A 82 -7.08 22.23 -17.50
C HIS A 82 -8.38 22.73 -18.12
N HIS A 83 -8.36 23.96 -18.63
CA HIS A 83 -9.44 24.46 -19.49
C HIS A 83 -10.74 24.64 -18.70
N HIS A 84 -10.65 24.57 -17.39
CA HIS A 84 -11.84 24.65 -16.55
C HIS A 84 -11.80 25.90 -15.68
N HIS A 85 -12.93 26.59 -15.63
CA HIS A 85 -13.09 27.75 -14.77
C HIS A 85 -13.89 27.33 -13.54
N MET A 1 14.97 -11.64 26.24
CA MET A 1 13.96 -11.37 27.28
C MET A 1 12.80 -10.57 26.70
N ASP A 2 11.85 -11.27 26.12
CA ASP A 2 10.72 -10.63 25.44
C ASP A 2 9.62 -11.64 25.17
N PHE A 3 8.42 -11.14 24.94
CA PHE A 3 7.29 -11.99 24.63
C PHE A 3 6.54 -11.43 23.43
N GLY A 4 6.77 -12.03 22.26
CA GLY A 4 6.15 -11.57 21.05
C GLY A 4 6.92 -12.02 19.83
N LYS A 5 6.42 -11.67 18.65
CA LYS A 5 7.06 -12.05 17.40
C LYS A 5 7.28 -10.81 16.54
N PRO A 6 8.06 -10.91 15.46
CA PRO A 6 8.30 -9.80 14.54
C PRO A 6 7.01 -9.10 14.11
N ASN A 7 6.86 -7.87 14.57
CA ASN A 7 5.70 -7.06 14.23
C ASN A 7 5.86 -6.52 12.82
N GLN A 8 5.00 -6.95 11.90
CA GLN A 8 5.14 -6.59 10.50
C GLN A 8 3.99 -5.73 10.02
N VAL A 9 4.34 -4.53 9.56
CA VAL A 9 3.39 -3.68 8.86
C VAL A 9 3.56 -3.89 7.37
N THR A 10 2.65 -4.65 6.79
CA THR A 10 2.78 -5.07 5.41
C THR A 10 2.06 -4.10 4.47
N VAL A 11 2.84 -3.32 3.75
CA VAL A 11 2.31 -2.39 2.78
C VAL A 11 2.16 -3.07 1.42
N ASN A 12 0.92 -3.35 1.05
CA ASN A 12 0.63 -3.98 -0.24
C ASN A 12 0.30 -2.91 -1.27
N TYR A 13 0.85 -3.06 -2.47
CA TYR A 13 0.60 -2.11 -3.54
C TYR A 13 -0.36 -2.71 -4.57
N LEU A 14 -1.61 -2.26 -4.53
CA LEU A 14 -2.62 -2.77 -5.45
C LEU A 14 -2.92 -1.73 -6.53
N ASP A 15 -3.48 -2.19 -7.63
CA ASP A 15 -3.93 -1.28 -8.69
C ASP A 15 -5.36 -0.84 -8.37
N GLU A 16 -6.26 -1.81 -8.39
CA GLU A 16 -7.66 -1.62 -8.05
C GLU A 16 -8.35 -2.98 -8.05
N ASN A 17 -7.82 -3.84 -8.91
CA ASN A 17 -8.29 -5.21 -9.05
C ASN A 17 -7.93 -6.08 -7.84
N ASN A 18 -7.39 -5.45 -6.80
CA ASN A 18 -6.98 -6.15 -5.57
C ASN A 18 -5.79 -7.08 -5.84
N THR A 19 -5.15 -6.89 -6.99
CA THR A 19 -3.94 -7.62 -7.33
C THR A 19 -2.71 -6.78 -7.00
N SER A 20 -1.78 -7.36 -6.25
CA SER A 20 -0.57 -6.66 -5.87
C SER A 20 0.35 -6.49 -7.08
N ILE A 21 0.46 -5.26 -7.55
CA ILE A 21 1.26 -4.96 -8.74
C ILE A 21 2.73 -4.75 -8.38
N ALA A 22 2.99 -4.58 -7.09
CA ALA A 22 4.34 -4.39 -6.60
C ALA A 22 4.56 -5.25 -5.36
N PRO A 23 5.83 -5.62 -5.09
CA PRO A 23 6.17 -6.46 -3.93
C PRO A 23 5.74 -5.85 -2.60
N SER A 24 5.25 -6.69 -1.71
CA SER A 24 4.79 -6.25 -0.40
C SER A 24 5.95 -5.64 0.39
N LEU A 25 5.75 -4.42 0.86
CA LEU A 25 6.74 -3.74 1.66
C LEU A 25 6.35 -3.84 3.13
N TYR A 26 7.05 -4.68 3.88
CA TYR A 26 6.68 -4.89 5.27
C TYR A 26 7.77 -4.44 6.23
N LEU A 27 7.39 -3.57 7.15
CA LEU A 27 8.30 -3.05 8.15
C LEU A 27 8.22 -3.91 9.41
N SER A 28 9.26 -3.84 10.23
CA SER A 28 9.26 -4.56 11.50
C SER A 28 9.80 -3.66 12.60
N GLY A 29 8.96 -3.42 13.61
CA GLY A 29 9.35 -2.55 14.70
C GLY A 29 8.84 -3.06 16.03
N LEU A 30 8.96 -2.23 17.06
CA LEU A 30 8.55 -2.62 18.39
C LEU A 30 7.13 -2.13 18.69
N PHE A 31 6.57 -2.62 19.78
CA PHE A 31 5.21 -2.26 20.16
C PHE A 31 5.10 -0.78 20.51
N ASN A 32 4.08 -0.12 19.96
CA ASN A 32 3.80 1.29 20.25
C ASN A 32 4.91 2.20 19.68
N GLU A 33 5.70 1.65 18.77
CA GLU A 33 6.73 2.42 18.09
C GLU A 33 6.13 3.08 16.84
N ALA A 34 6.53 4.31 16.57
CA ALA A 34 5.95 5.07 15.47
C ALA A 34 6.50 4.62 14.12
N TYR A 35 5.60 4.38 13.18
CA TYR A 35 5.97 3.98 11.83
C TYR A 35 5.30 4.88 10.81
N ASN A 36 5.90 4.97 9.62
CA ASN A 36 5.32 5.72 8.52
C ASN A 36 5.28 4.83 7.29
N VAL A 37 4.38 5.15 6.37
CA VAL A 37 4.23 4.36 5.15
C VAL A 37 4.77 5.11 3.95
N PRO A 38 5.86 4.59 3.34
CA PRO A 38 6.48 5.20 2.17
C PRO A 38 5.55 5.22 0.96
N MET A 39 5.05 6.40 0.63
CA MET A 39 4.17 6.57 -0.51
C MET A 39 4.97 6.67 -1.79
N LYS A 40 4.88 5.65 -2.63
CA LYS A 40 5.55 5.66 -3.92
C LYS A 40 4.57 6.11 -5.00
N LYS A 41 5.02 6.98 -5.90
CA LYS A 41 4.19 7.33 -7.03
C LYS A 41 4.66 6.57 -8.26
N ILE A 42 3.89 5.58 -8.64
CA ILE A 42 4.22 4.76 -9.78
C ILE A 42 4.01 5.56 -11.06
N LYS A 43 4.77 5.22 -12.09
CA LYS A 43 4.72 5.90 -13.38
C LYS A 43 3.28 5.95 -13.93
N GLY A 44 2.63 7.10 -13.72
CA GLY A 44 1.28 7.29 -14.23
C GLY A 44 0.25 6.59 -13.36
N TYR A 45 0.33 6.80 -12.06
CA TYR A 45 -0.60 6.18 -11.12
C TYR A 45 -1.07 7.18 -10.08
N THR A 46 -2.21 6.90 -9.46
CA THR A 46 -2.79 7.77 -8.45
C THR A 46 -3.40 6.96 -7.30
N LEU A 47 -3.16 7.40 -6.08
CA LEU A 47 -3.62 6.71 -4.87
C LEU A 47 -5.13 6.50 -4.85
N LEU A 48 -5.88 7.47 -5.37
CA LEU A 48 -7.35 7.42 -5.38
C LEU A 48 -7.91 7.65 -3.97
N LYS A 49 -7.67 6.71 -3.08
CA LYS A 49 -8.26 6.74 -1.74
C LYS A 49 -7.37 6.03 -0.74
N TYR A 50 -7.58 6.30 0.55
CA TYR A 50 -6.96 5.53 1.60
C TYR A 50 -7.99 4.65 2.28
N ASP A 51 -8.01 3.38 1.90
CA ASP A 51 -8.95 2.43 2.48
C ASP A 51 -8.44 1.96 3.84
N SER A 52 -7.18 2.23 4.10
CA SER A 52 -6.56 1.91 5.37
C SER A 52 -5.79 3.13 5.89
N GLU A 53 -5.86 3.37 7.19
CA GLU A 53 -5.19 4.52 7.79
C GLU A 53 -3.71 4.24 7.97
N ILE A 54 -2.88 5.16 7.50
CA ILE A 54 -1.44 5.02 7.60
C ILE A 54 -0.86 5.94 8.66
N LEU A 55 0.41 5.73 9.00
CA LEU A 55 1.15 6.56 9.94
C LEU A 55 0.57 6.46 11.35
N GLY A 56 1.28 5.76 12.22
CA GLY A 56 0.83 5.56 13.57
C GLY A 56 1.86 4.81 14.40
N VAL A 57 1.41 3.91 15.25
CA VAL A 57 2.31 3.10 16.06
C VAL A 57 2.06 1.61 15.83
N PHE A 58 3.12 0.82 15.94
CA PHE A 58 3.02 -0.62 15.77
C PHE A 58 2.08 -1.24 16.81
N THR A 59 0.90 -1.65 16.37
CA THR A 59 -0.02 -2.37 17.21
C THR A 59 0.43 -3.82 17.33
N GLU A 60 0.05 -4.51 18.39
CA GLU A 60 0.48 -5.89 18.62
C GLU A 60 0.04 -6.82 17.49
N SER A 61 -1.05 -6.46 16.84
CA SER A 61 -1.56 -7.24 15.71
C SER A 61 -0.87 -6.82 14.41
N PRO A 62 -0.18 -7.76 13.74
CA PRO A 62 0.47 -7.49 12.45
C PRO A 62 -0.49 -6.85 11.45
N GLN A 63 -0.10 -5.69 10.93
CA GLN A 63 -0.97 -4.93 10.07
C GLN A 63 -0.76 -5.27 8.61
N THR A 64 -1.82 -5.67 7.94
CA THR A 64 -1.79 -5.86 6.51
C THR A 64 -2.47 -4.66 5.83
N ILE A 65 -1.65 -3.71 5.41
CA ILE A 65 -2.15 -2.46 4.87
C ILE A 65 -2.22 -2.53 3.35
N ASN A 66 -3.43 -2.48 2.83
CA ASN A 66 -3.64 -2.53 1.38
C ASN A 66 -3.67 -1.11 0.82
N ILE A 67 -2.61 -0.74 0.13
CA ILE A 67 -2.51 0.56 -0.52
C ILE A 67 -2.90 0.42 -1.99
N ILE A 68 -3.62 1.39 -2.51
CA ILE A 68 -4.14 1.31 -3.86
C ILE A 68 -3.59 2.42 -4.74
N TYR A 69 -3.11 2.07 -5.92
CA TYR A 69 -2.70 3.06 -6.91
C TYR A 69 -3.28 2.69 -8.25
N GLN A 70 -4.16 3.54 -8.77
CA GLN A 70 -4.81 3.29 -10.05
C GLN A 70 -4.04 3.95 -11.17
N LYS A 71 -4.16 3.40 -12.37
CA LYS A 71 -3.52 3.96 -13.55
C LYS A 71 -4.11 5.34 -13.83
N LYS A 72 -3.27 6.35 -13.69
CA LYS A 72 -3.68 7.73 -13.82
C LYS A 72 -4.01 8.07 -15.27
N ALA A 73 -3.39 7.36 -16.20
CA ALA A 73 -3.55 7.66 -17.61
C ALA A 73 -3.96 6.41 -18.39
N PRO A 74 -5.26 6.23 -18.60
CA PRO A 74 -5.79 5.17 -19.43
C PRO A 74 -5.98 5.62 -20.88
N GLU A 75 -5.76 4.71 -21.81
CA GLU A 75 -5.96 5.00 -23.23
C GLU A 75 -7.44 5.22 -23.52
N GLN A 76 -7.73 5.81 -24.66
CA GLN A 76 -9.11 6.05 -25.06
C GLN A 76 -9.70 4.78 -25.67
N ALA A 77 -8.83 3.81 -25.93
CA ALA A 77 -9.24 2.53 -26.49
C ALA A 77 -9.71 1.58 -25.39
N LEU A 78 -9.95 2.14 -24.22
CA LEU A 78 -10.43 1.38 -23.06
C LEU A 78 -11.03 2.35 -22.05
N GLU A 79 -11.73 1.84 -21.05
CA GLU A 79 -12.31 2.68 -20.02
C GLU A 79 -11.99 2.14 -18.64
N HIS A 80 -12.02 3.01 -17.64
CA HIS A 80 -11.88 2.59 -16.26
C HIS A 80 -13.23 2.05 -15.78
N HIS A 81 -14.28 2.48 -16.47
CA HIS A 81 -15.65 2.05 -16.18
C HIS A 81 -15.76 0.53 -16.24
N HIS A 82 -15.09 -0.06 -17.22
CA HIS A 82 -15.07 -1.50 -17.38
C HIS A 82 -13.65 -1.98 -17.62
N HIS A 83 -13.10 -2.69 -16.66
CA HIS A 83 -11.75 -3.24 -16.77
C HIS A 83 -11.82 -4.51 -17.62
N HIS A 84 -10.74 -5.28 -17.64
CA HIS A 84 -10.79 -6.61 -18.23
C HIS A 84 -11.55 -7.54 -17.29
N HIS A 85 -11.83 -7.03 -16.11
CA HIS A 85 -12.70 -7.70 -15.15
C HIS A 85 -13.71 -6.68 -14.63
N MET A 1 13.59 -16.46 24.91
CA MET A 1 13.25 -17.85 24.50
C MET A 1 12.38 -17.81 23.25
N ASP A 2 11.35 -16.99 23.30
CA ASP A 2 10.50 -16.75 22.13
C ASP A 2 11.12 -15.71 21.24
N PHE A 3 10.70 -15.68 19.98
CA PHE A 3 11.13 -14.63 19.07
C PHE A 3 10.20 -13.43 19.22
N GLY A 4 9.10 -13.66 19.91
CA GLY A 4 8.08 -12.65 20.07
C GLY A 4 6.95 -12.87 19.09
N LYS A 5 6.25 -11.81 18.76
CA LYS A 5 5.22 -11.87 17.74
C LYS A 5 5.55 -10.88 16.64
N PRO A 6 5.41 -11.31 15.37
CA PRO A 6 5.70 -10.45 14.22
C PRO A 6 4.61 -9.40 14.01
N ASN A 7 4.67 -8.34 14.82
CA ASN A 7 3.74 -7.23 14.66
C ASN A 7 4.22 -6.34 13.52
N GLN A 8 4.10 -6.86 12.31
CA GLN A 8 4.59 -6.17 11.13
C GLN A 8 3.43 -5.52 10.39
N VAL A 9 3.72 -4.42 9.74
CA VAL A 9 2.75 -3.73 8.92
C VAL A 9 2.95 -4.13 7.46
N THR A 10 1.96 -4.79 6.89
CA THR A 10 2.06 -5.27 5.52
C THR A 10 1.58 -4.19 4.55
N VAL A 11 2.53 -3.57 3.87
CA VAL A 11 2.21 -2.53 2.91
C VAL A 11 1.95 -3.16 1.54
N ASN A 12 0.69 -3.18 1.14
CA ASN A 12 0.30 -3.77 -0.13
C ASN A 12 0.00 -2.70 -1.16
N TYR A 13 0.82 -2.67 -2.21
CA TYR A 13 0.61 -1.74 -3.31
C TYR A 13 -0.33 -2.40 -4.33
N LEU A 14 -1.58 -1.99 -4.33
CA LEU A 14 -2.60 -2.65 -5.13
C LEU A 14 -3.10 -1.78 -6.27
N ASP A 15 -3.78 -2.42 -7.21
CA ASP A 15 -4.43 -1.73 -8.33
C ASP A 15 -5.85 -1.33 -7.95
N GLU A 16 -6.60 -2.32 -7.48
CA GLU A 16 -7.99 -2.18 -7.05
C GLU A 16 -8.58 -3.57 -6.88
N ASN A 17 -8.18 -4.47 -7.78
CA ASN A 17 -8.64 -5.86 -7.74
C ASN A 17 -7.68 -6.71 -6.92
N ASN A 18 -6.89 -6.04 -6.06
CA ASN A 18 -5.94 -6.72 -5.17
C ASN A 18 -4.84 -7.38 -5.97
N THR A 19 -4.39 -6.70 -7.02
CA THR A 19 -3.25 -7.13 -7.79
C THR A 19 -2.01 -6.37 -7.33
N SER A 20 -1.04 -7.11 -6.79
CA SER A 20 0.19 -6.50 -6.30
C SER A 20 1.00 -5.94 -7.45
N ILE A 21 0.91 -4.64 -7.67
CA ILE A 21 1.70 -3.97 -8.69
C ILE A 21 3.13 -3.80 -8.23
N ALA A 22 3.31 -3.84 -6.91
CA ALA A 22 4.62 -3.80 -6.30
C ALA A 22 4.69 -4.86 -5.20
N PRO A 23 5.89 -5.38 -4.92
CA PRO A 23 6.09 -6.42 -3.89
C PRO A 23 5.61 -5.96 -2.51
N SER A 24 5.17 -6.91 -1.70
CA SER A 24 4.68 -6.61 -0.37
C SER A 24 5.80 -6.11 0.54
N LEU A 25 5.69 -4.87 0.96
CA LEU A 25 6.68 -4.26 1.83
C LEU A 25 6.32 -4.52 3.29
N TYR A 26 7.16 -5.28 3.97
CA TYR A 26 6.90 -5.64 5.35
C TYR A 26 7.54 -4.63 6.29
N LEU A 27 6.74 -3.67 6.72
CA LEU A 27 7.18 -2.63 7.62
C LEU A 27 7.12 -3.12 9.05
N SER A 28 8.25 -3.59 9.57
CA SER A 28 8.31 -4.12 10.91
C SER A 28 9.29 -3.30 11.75
N GLY A 29 8.98 -3.14 13.03
CA GLY A 29 9.82 -2.39 13.92
C GLY A 29 9.66 -2.83 15.36
N LEU A 30 9.58 -1.87 16.26
CA LEU A 30 9.41 -2.17 17.67
C LEU A 30 7.95 -2.08 18.06
N PHE A 31 7.58 -2.73 19.16
CA PHE A 31 6.21 -2.69 19.65
C PHE A 31 5.90 -1.31 20.20
N ASN A 32 4.72 -0.79 19.85
CA ASN A 32 4.27 0.54 20.30
C ASN A 32 5.14 1.64 19.70
N GLU A 33 5.84 1.30 18.62
CA GLU A 33 6.69 2.27 17.94
C GLU A 33 5.90 2.94 16.82
N ALA A 34 6.07 4.24 16.66
CA ALA A 34 5.43 4.97 15.59
C ALA A 34 6.20 4.75 14.29
N TYR A 35 5.48 4.53 13.22
CA TYR A 35 6.10 4.22 11.94
C TYR A 35 5.62 5.15 10.85
N ASN A 36 6.44 5.32 9.82
CA ASN A 36 6.07 6.11 8.67
C ASN A 36 5.91 5.20 7.45
N VAL A 37 4.93 5.49 6.63
CA VAL A 37 4.61 4.63 5.49
C VAL A 37 5.18 5.19 4.20
N PRO A 38 6.14 4.47 3.59
CA PRO A 38 6.75 4.87 2.32
C PRO A 38 5.80 4.65 1.14
N MET A 39 5.30 5.74 0.59
CA MET A 39 4.41 5.67 -0.55
C MET A 39 5.20 5.75 -1.85
N LYS A 40 4.86 4.90 -2.79
CA LYS A 40 5.55 4.86 -4.08
C LYS A 40 4.63 5.38 -5.17
N LYS A 41 5.22 6.00 -6.19
CA LYS A 41 4.46 6.43 -7.34
C LYS A 41 4.79 5.52 -8.51
N ILE A 42 3.89 4.60 -8.78
CA ILE A 42 4.17 3.51 -9.71
C ILE A 42 3.80 3.85 -11.14
N LYS A 43 4.83 4.19 -11.92
CA LYS A 43 4.73 4.27 -13.39
C LYS A 43 3.63 5.23 -13.87
N GLY A 44 3.43 6.32 -13.14
CA GLY A 44 2.44 7.30 -13.55
C GLY A 44 1.03 6.90 -13.16
N TYR A 45 0.86 6.48 -11.92
CA TYR A 45 -0.45 6.15 -11.39
C TYR A 45 -0.88 7.16 -10.34
N THR A 46 -2.16 7.18 -10.02
CA THR A 46 -2.71 8.09 -9.04
C THR A 46 -3.24 7.31 -7.85
N LEU A 47 -2.98 7.80 -6.64
CA LEU A 47 -3.44 7.10 -5.45
C LEU A 47 -4.96 7.16 -5.36
N LEU A 48 -5.59 6.01 -5.27
CA LEU A 48 -7.04 5.95 -5.15
C LEU A 48 -7.44 6.07 -3.68
N LYS A 49 -6.77 5.30 -2.84
CA LYS A 49 -7.11 5.23 -1.42
C LYS A 49 -6.21 4.24 -0.70
N TYR A 50 -5.74 4.61 0.47
CA TYR A 50 -5.12 3.65 1.37
C TYR A 50 -6.16 3.15 2.36
N ASP A 51 -6.50 1.89 2.27
CA ASP A 51 -7.61 1.31 3.03
C ASP A 51 -7.19 0.98 4.46
N SER A 52 -6.46 1.90 5.06
CA SER A 52 -5.99 1.76 6.44
C SER A 52 -5.63 3.15 6.96
N GLU A 53 -5.30 3.23 8.24
CA GLU A 53 -4.84 4.49 8.81
C GLU A 53 -3.35 4.41 9.08
N ILE A 54 -2.61 5.39 8.57
CA ILE A 54 -1.16 5.36 8.61
C ILE A 54 -0.63 6.26 9.72
N LEU A 55 0.69 6.23 9.91
CA LEU A 55 1.38 7.08 10.88
C LEU A 55 0.98 6.72 12.31
N GLY A 56 0.58 5.47 12.52
CA GLY A 56 0.21 5.02 13.84
C GLY A 56 1.36 4.32 14.54
N VAL A 57 1.03 3.41 15.44
CA VAL A 57 2.04 2.63 16.15
C VAL A 57 1.86 1.15 15.87
N PHE A 58 2.94 0.38 16.01
CA PHE A 58 2.87 -1.06 15.84
C PHE A 58 1.98 -1.70 16.90
N THR A 59 0.82 -2.18 16.45
CA THR A 59 -0.17 -2.77 17.34
C THR A 59 0.17 -4.23 17.69
N GLU A 60 -0.69 -4.86 18.47
CA GLU A 60 -0.47 -6.24 18.93
C GLU A 60 -0.85 -7.25 17.84
N SER A 61 -1.06 -6.77 16.62
CA SER A 61 -1.44 -7.63 15.53
C SER A 61 -0.86 -7.10 14.22
N PRO A 62 -0.45 -8.01 13.32
CA PRO A 62 0.08 -7.64 12.00
C PRO A 62 -0.94 -6.85 11.19
N GLN A 63 -0.57 -5.63 10.83
CA GLN A 63 -1.47 -4.74 10.10
C GLN A 63 -1.34 -4.97 8.60
N THR A 64 -2.38 -4.63 7.86
CA THR A 64 -2.35 -4.76 6.42
C THR A 64 -2.84 -3.45 5.78
N ILE A 65 -1.91 -2.63 5.33
CA ILE A 65 -2.26 -1.37 4.70
C ILE A 65 -2.40 -1.54 3.21
N ASN A 66 -3.64 -1.54 2.74
CA ASN A 66 -3.91 -1.69 1.32
C ASN A 66 -3.85 -0.34 0.63
N ILE A 67 -2.71 -0.05 0.01
CA ILE A 67 -2.52 1.19 -0.70
C ILE A 67 -2.89 0.97 -2.17
N ILE A 68 -4.04 1.47 -2.56
CA ILE A 68 -4.59 1.21 -3.87
C ILE A 68 -4.29 2.34 -4.85
N TYR A 69 -3.72 2.00 -5.99
CA TYR A 69 -3.38 2.99 -7.00
C TYR A 69 -4.27 2.84 -8.23
N GLN A 70 -4.92 3.93 -8.60
CA GLN A 70 -5.82 3.93 -9.74
C GLN A 70 -5.06 4.31 -11.00
N LYS A 71 -5.32 3.59 -12.08
CA LYS A 71 -4.70 3.91 -13.35
C LYS A 71 -5.35 5.13 -13.97
N LYS A 72 -4.60 6.23 -14.02
CA LYS A 72 -5.07 7.41 -14.71
C LYS A 72 -5.01 7.16 -16.22
N ALA A 73 -5.99 7.68 -16.94
CA ALA A 73 -6.14 7.43 -18.37
C ALA A 73 -6.41 5.95 -18.64
N PRO A 74 -7.68 5.57 -18.78
CA PRO A 74 -8.09 4.18 -18.98
C PRO A 74 -7.58 3.60 -20.30
N GLU A 75 -7.46 2.28 -20.34
CA GLU A 75 -6.96 1.58 -21.51
C GLU A 75 -7.92 0.46 -21.88
N GLN A 76 -8.05 0.18 -23.17
CA GLN A 76 -9.00 -0.82 -23.64
C GLN A 76 -8.47 -2.23 -23.44
N ALA A 77 -7.29 -2.50 -23.98
CA ALA A 77 -6.70 -3.82 -23.89
C ALA A 77 -5.94 -3.99 -22.58
N LEU A 78 -6.19 -5.11 -21.91
CA LEU A 78 -5.52 -5.42 -20.66
C LEU A 78 -4.11 -5.93 -20.94
N GLU A 79 -3.31 -6.11 -19.90
CA GLU A 79 -1.96 -6.62 -20.06
C GLU A 79 -1.99 -8.05 -20.58
N HIS A 80 -1.47 -8.25 -21.78
CA HIS A 80 -1.43 -9.56 -22.38
C HIS A 80 -0.03 -10.15 -22.28
N HIS A 81 0.11 -11.16 -21.44
CA HIS A 81 1.41 -11.76 -21.17
C HIS A 81 1.98 -12.43 -22.41
N HIS A 82 1.10 -12.94 -23.27
CA HIS A 82 1.52 -13.61 -24.49
C HIS A 82 1.62 -12.62 -25.65
N HIS A 83 1.76 -11.35 -25.32
CA HIS A 83 2.02 -10.32 -26.32
C HIS A 83 3.11 -9.40 -25.78
N HIS A 84 2.88 -8.88 -24.59
CA HIS A 84 3.88 -8.08 -23.89
C HIS A 84 4.66 -8.97 -22.94
N HIS A 85 5.76 -9.53 -23.44
CA HIS A 85 6.57 -10.43 -22.66
C HIS A 85 7.55 -9.64 -21.79
N MET A 1 10.54 -9.66 28.40
CA MET A 1 11.48 -9.84 27.28
C MET A 1 10.79 -9.55 25.96
N ASP A 2 9.85 -8.60 25.97
CA ASP A 2 9.05 -8.31 24.80
C ASP A 2 9.58 -7.07 24.09
N PHE A 3 10.73 -7.22 23.44
CA PHE A 3 11.39 -6.10 22.78
C PHE A 3 12.41 -6.58 21.76
N GLY A 4 12.45 -7.89 21.53
CA GLY A 4 13.44 -8.45 20.63
C GLY A 4 12.81 -9.03 19.38
N LYS A 5 11.51 -8.82 19.24
CA LYS A 5 10.79 -9.31 18.07
C LYS A 5 10.20 -8.13 17.30
N PRO A 6 10.86 -7.73 16.20
CA PRO A 6 10.41 -6.63 15.36
C PRO A 6 9.17 -7.00 14.57
N ASN A 7 8.04 -6.45 14.98
CA ASN A 7 6.78 -6.68 14.28
C ASN A 7 6.73 -5.80 13.04
N GLN A 8 6.46 -6.41 11.90
CA GLN A 8 6.45 -5.69 10.64
C GLN A 8 5.03 -5.49 10.14
N VAL A 9 4.75 -4.26 9.74
CA VAL A 9 3.50 -3.96 9.05
C VAL A 9 3.70 -4.20 7.56
N THR A 10 2.79 -4.98 6.98
CA THR A 10 2.91 -5.32 5.58
C THR A 10 2.19 -4.29 4.73
N VAL A 11 2.96 -3.55 3.94
CA VAL A 11 2.39 -2.53 3.07
C VAL A 11 2.00 -3.14 1.73
N ASN A 12 0.70 -3.24 1.50
CA ASN A 12 0.18 -3.87 0.29
C ASN A 12 -0.19 -2.82 -0.75
N TYR A 13 0.56 -2.81 -1.85
CA TYR A 13 0.29 -1.91 -2.96
C TYR A 13 -0.73 -2.54 -3.89
N LEU A 14 -1.97 -2.07 -3.81
CA LEU A 14 -3.06 -2.70 -4.53
C LEU A 14 -3.44 -1.93 -5.79
N ASP A 15 -4.49 -2.40 -6.43
CA ASP A 15 -4.93 -1.89 -7.73
C ASP A 15 -6.37 -1.43 -7.64
N GLU A 16 -6.87 -0.81 -8.71
CA GLU A 16 -8.25 -0.39 -8.79
C GLU A 16 -9.18 -1.60 -8.70
N ASN A 17 -8.76 -2.68 -9.36
CA ASN A 17 -9.49 -3.94 -9.33
C ASN A 17 -9.12 -4.71 -8.07
N ASN A 18 -8.30 -4.05 -7.25
CA ASN A 18 -7.83 -4.56 -5.97
C ASN A 18 -7.02 -5.84 -6.14
N THR A 19 -5.75 -5.66 -6.45
CA THR A 19 -4.81 -6.76 -6.58
C THR A 19 -3.40 -6.23 -6.32
N SER A 20 -2.55 -7.02 -5.69
CA SER A 20 -1.19 -6.59 -5.39
C SER A 20 -0.38 -6.45 -6.68
N ILE A 21 -0.14 -5.20 -7.06
CA ILE A 21 0.61 -4.89 -8.28
C ILE A 21 2.10 -4.76 -7.99
N ALA A 22 2.41 -4.41 -6.75
CA ALA A 22 3.79 -4.26 -6.33
C ALA A 22 4.06 -5.12 -5.11
N PRO A 23 5.29 -5.64 -4.97
CA PRO A 23 5.68 -6.49 -3.84
C PRO A 23 5.45 -5.79 -2.50
N SER A 24 4.95 -6.55 -1.54
CA SER A 24 4.64 -6.03 -0.22
C SER A 24 5.89 -5.44 0.45
N LEU A 25 5.77 -4.21 0.93
CA LEU A 25 6.89 -3.55 1.59
C LEU A 25 6.87 -3.85 3.08
N TYR A 26 8.07 -4.04 3.64
CA TYR A 26 8.20 -4.43 5.03
C TYR A 26 8.44 -3.22 5.93
N LEU A 27 7.44 -2.89 6.73
CA LEU A 27 7.55 -1.80 7.68
C LEU A 27 7.93 -2.34 9.05
N SER A 28 9.23 -2.34 9.34
CA SER A 28 9.74 -2.91 10.58
C SER A 28 9.51 -1.97 11.76
N GLY A 29 8.97 -2.51 12.84
CA GLY A 29 8.79 -1.76 14.06
C GLY A 29 8.93 -2.63 15.27
N LEU A 30 8.60 -2.10 16.44
CA LEU A 30 8.69 -2.86 17.66
C LEU A 30 7.35 -2.86 18.39
N PHE A 31 7.25 -3.63 19.46
CA PHE A 31 6.05 -3.71 20.27
C PHE A 31 5.67 -2.33 20.80
N ASN A 32 4.41 -1.94 20.57
CA ASN A 32 3.87 -0.67 21.05
C ASN A 32 4.69 0.50 20.50
N GLU A 33 4.60 0.72 19.20
CA GLU A 33 5.33 1.78 18.54
C GLU A 33 4.53 2.30 17.35
N ALA A 34 4.59 3.61 17.13
CA ALA A 34 3.93 4.23 15.99
C ALA A 34 4.75 4.03 14.72
N TYR A 35 4.16 4.28 13.57
CA TYR A 35 4.82 3.99 12.30
C TYR A 35 4.44 4.99 11.22
N ASN A 36 5.31 5.07 10.20
CA ASN A 36 5.03 5.85 9.00
C ASN A 36 4.98 4.91 7.80
N VAL A 37 3.93 5.01 7.01
CA VAL A 37 3.81 4.16 5.83
C VAL A 37 4.39 4.85 4.60
N PRO A 38 5.42 4.24 3.99
CA PRO A 38 6.06 4.78 2.78
C PRO A 38 5.17 4.66 1.55
N MET A 39 4.62 5.78 1.11
CA MET A 39 3.85 5.83 -0.14
C MET A 39 4.81 5.87 -1.32
N LYS A 40 4.36 5.39 -2.47
CA LYS A 40 5.21 5.35 -3.65
C LYS A 40 4.46 5.85 -4.87
N LYS A 41 5.18 6.52 -5.75
CA LYS A 41 4.66 6.80 -7.07
C LYS A 41 5.12 5.70 -8.01
N ILE A 42 4.28 4.70 -8.19
CA ILE A 42 4.62 3.57 -9.04
C ILE A 42 4.60 4.02 -10.50
N LYS A 43 5.43 3.38 -11.32
CA LYS A 43 5.65 3.79 -12.69
C LYS A 43 4.35 3.87 -13.50
N GLY A 44 3.84 5.09 -13.65
CA GLY A 44 2.63 5.31 -14.43
C GLY A 44 1.38 5.04 -13.63
N TYR A 45 1.50 5.08 -12.32
CA TYR A 45 0.38 4.85 -11.43
C TYR A 45 0.09 6.09 -10.61
N THR A 46 -1.10 6.14 -10.06
CA THR A 46 -1.53 7.25 -9.24
C THR A 46 -2.50 6.77 -8.17
N LEU A 47 -2.28 7.21 -6.93
CA LEU A 47 -3.10 6.79 -5.81
C LEU A 47 -4.56 7.17 -6.05
N LEU A 48 -5.41 6.15 -6.14
CA LEU A 48 -6.83 6.38 -6.39
C LEU A 48 -7.49 6.95 -5.15
N LYS A 49 -7.16 6.36 -4.01
CA LYS A 49 -7.65 6.82 -2.71
C LYS A 49 -6.97 6.01 -1.62
N TYR A 50 -6.72 6.63 -0.47
CA TYR A 50 -6.10 5.90 0.62
C TYR A 50 -7.19 5.30 1.51
N ASP A 51 -7.57 4.07 1.20
CA ASP A 51 -8.60 3.38 1.96
C ASP A 51 -7.98 2.62 3.12
N SER A 52 -7.44 3.38 4.06
CA SER A 52 -6.80 2.85 5.24
C SER A 52 -6.32 4.01 6.11
N GLU A 53 -5.88 3.70 7.32
CA GLU A 53 -5.41 4.74 8.23
C GLU A 53 -4.03 4.40 8.73
N ILE A 54 -3.10 5.31 8.51
CA ILE A 54 -1.69 5.08 8.79
C ILE A 54 -1.32 5.47 10.22
N LEU A 55 -2.27 5.29 11.12
CA LEU A 55 -2.05 5.59 12.53
C LEU A 55 -2.14 4.32 13.34
N GLY A 56 -1.83 4.40 14.62
CA GLY A 56 -1.86 3.24 15.47
C GLY A 56 -0.47 2.76 15.83
N VAL A 57 -0.38 1.57 16.40
CA VAL A 57 0.90 1.01 16.80
C VAL A 57 1.05 -0.41 16.29
N PHE A 58 2.29 -0.85 16.13
CA PHE A 58 2.59 -2.21 15.68
C PHE A 58 1.93 -3.24 16.58
N THR A 59 1.84 -2.92 17.87
CA THR A 59 1.27 -3.83 18.86
C THR A 59 2.03 -5.16 18.81
N GLU A 60 1.32 -6.27 18.73
CA GLU A 60 1.91 -7.59 18.59
C GLU A 60 1.31 -8.30 17.39
N SER A 61 0.73 -7.53 16.50
CA SER A 61 0.01 -8.08 15.36
C SER A 61 0.57 -7.52 14.06
N PRO A 62 1.00 -8.41 13.14
CA PRO A 62 1.41 -8.00 11.80
C PRO A 62 0.24 -7.38 11.05
N GLN A 63 0.28 -6.06 10.91
CA GLN A 63 -0.81 -5.33 10.28
C GLN A 63 -0.58 -5.25 8.77
N THR A 64 -1.64 -4.94 8.04
CA THR A 64 -1.54 -4.80 6.59
C THR A 64 -2.18 -3.51 6.13
N ILE A 65 -1.40 -2.67 5.44
CA ILE A 65 -1.89 -1.40 4.95
C ILE A 65 -2.21 -1.50 3.46
N ASN A 66 -3.47 -1.34 3.13
CA ASN A 66 -3.92 -1.41 1.75
C ASN A 66 -3.83 -0.06 1.07
N ILE A 67 -2.88 0.10 0.17
CA ILE A 67 -2.74 1.31 -0.60
C ILE A 67 -3.14 1.04 -2.04
N ILE A 68 -4.27 1.59 -2.46
CA ILE A 68 -4.84 1.28 -3.77
C ILE A 68 -4.42 2.29 -4.83
N TYR A 69 -3.68 1.81 -5.82
CA TYR A 69 -3.21 2.67 -6.89
C TYR A 69 -3.99 2.41 -8.16
N GLN A 70 -4.13 3.45 -8.97
CA GLN A 70 -4.78 3.36 -10.25
C GLN A 70 -3.77 3.66 -11.35
N LYS A 71 -3.63 2.76 -12.30
CA LYS A 71 -2.72 2.99 -13.41
C LYS A 71 -3.28 4.09 -14.30
N LYS A 72 -2.44 5.04 -14.68
CA LYS A 72 -2.87 6.17 -15.47
C LYS A 72 -3.08 5.75 -16.93
N ALA A 73 -4.16 5.03 -17.19
CA ALA A 73 -4.49 4.60 -18.53
C ALA A 73 -4.77 5.79 -19.43
N PRO A 74 -4.21 5.80 -20.65
CA PRO A 74 -4.39 6.91 -21.59
C PRO A 74 -5.85 7.28 -21.77
N GLU A 75 -6.18 8.51 -21.39
CA GLU A 75 -7.55 8.99 -21.47
C GLU A 75 -7.94 9.20 -22.92
N GLN A 76 -7.00 9.71 -23.72
CA GLN A 76 -7.18 9.74 -25.17
C GLN A 76 -6.99 8.34 -25.73
N ALA A 77 -8.09 7.68 -26.04
CA ALA A 77 -8.05 6.31 -26.49
C ALA A 77 -8.47 6.19 -27.96
N LEU A 78 -8.61 4.97 -28.43
CA LEU A 78 -9.03 4.73 -29.82
C LEU A 78 -10.54 4.74 -29.94
N GLU A 79 -11.21 5.13 -28.87
CA GLU A 79 -12.65 5.24 -28.85
C GLU A 79 -13.04 6.45 -27.98
N HIS A 80 -14.28 6.90 -28.09
CA HIS A 80 -14.73 8.07 -27.36
C HIS A 80 -14.91 7.75 -25.87
N HIS A 81 -14.95 6.47 -25.55
CA HIS A 81 -15.02 6.01 -24.17
C HIS A 81 -14.08 4.84 -23.97
N HIS A 82 -13.85 4.48 -22.72
CA HIS A 82 -13.08 3.29 -22.40
C HIS A 82 -14.03 2.17 -22.01
N HIS A 83 -13.78 0.98 -22.51
CA HIS A 83 -14.59 -0.17 -22.14
C HIS A 83 -14.22 -0.61 -20.73
N HIS A 84 -14.83 0.08 -19.79
CA HIS A 84 -14.46 0.01 -18.38
C HIS A 84 -15.25 1.09 -17.66
N HIS A 85 -15.41 2.22 -18.36
CA HIS A 85 -16.22 3.33 -17.87
C HIS A 85 -16.67 4.17 -19.06
#